data_6VY1
#
_entry.id   6VY1
#
_entity_poly.entity_id   1
_entity_poly.type   'polypeptide(L)'
_entity_poly.pdbx_seq_one_letter_code
;MVNEVIDINEAVRAYIAQIEGLRAEIGRLDATIATLRQSLATLKSLKTLGEGKTVLVPVGSIAQVEMKVEKMDKVVVSVG
QNISAELEYEEALKYIEDEIKKLLTFRLVLEQAIAELYAKIEDLIAEAQQTSEEEKAEEEENEEKAE
;
_entity_poly.pdbx_strand_id   A,B,C,D,E,F,G,a,b,c,d,e,f,g
#
# COMPACT_ATOMS: atom_id res chain seq x y z
N ILE A 8 -33.58 2.31 8.19
CA ILE A 8 -33.93 2.74 9.54
C ILE A 8 -32.62 2.89 10.32
N ASN A 9 -32.21 1.82 11.01
CA ASN A 9 -30.87 1.73 11.55
C ASN A 9 -29.92 1.33 10.43
N GLU A 10 -30.45 0.48 9.55
CA GLU A 10 -29.65 -0.19 8.53
C GLU A 10 -29.13 0.76 7.46
N ALA A 11 -30.01 1.59 6.91
CA ALA A 11 -29.61 2.50 5.83
C ALA A 11 -28.67 3.58 6.35
N VAL A 12 -28.90 4.04 7.58
CA VAL A 12 -28.03 5.04 8.18
C VAL A 12 -26.65 4.43 8.48
N ARG A 13 -26.62 3.19 8.98
CA ARG A 13 -25.36 2.47 9.18
C ARG A 13 -24.61 2.28 7.87
N ALA A 14 -25.36 1.97 6.79
CA ALA A 14 -24.77 1.85 5.47
C ALA A 14 -24.18 3.18 5.00
N TYR A 15 -24.89 4.28 5.25
CA TYR A 15 -24.39 5.60 4.87
C TYR A 15 -23.15 5.97 5.67
N ILE A 16 -23.09 5.57 6.94
CA ILE A 16 -21.91 5.84 7.77
C ILE A 16 -20.72 5.04 7.27
N ALA A 17 -20.95 3.78 6.88
CA ALA A 17 -19.89 2.96 6.30
C ALA A 17 -19.41 3.54 4.97
N GLN A 18 -20.33 4.09 4.18
CA GLN A 18 -19.98 4.80 2.95
C GLN A 18 -19.13 6.03 3.23
N ILE A 19 -19.51 6.83 4.23
CA ILE A 19 -18.75 8.02 4.59
C ILE A 19 -17.36 7.66 5.06
N GLU A 20 -17.23 6.57 5.82
CA GLU A 20 -15.92 6.11 6.27
C GLU A 20 -15.06 5.60 5.11
N GLY A 21 -15.65 4.87 4.17
CA GLY A 21 -14.89 4.44 3.00
C GLY A 21 -14.46 5.61 2.13
N LEU A 22 -15.34 6.61 1.99
CA LEU A 22 -14.97 7.84 1.29
C LEU A 22 -13.85 8.58 2.00
N ARG A 23 -13.88 8.61 3.33
CA ARG A 23 -12.83 9.28 4.10
C ARG A 23 -11.49 8.58 3.92
N ALA A 24 -11.52 7.25 3.93
CA ALA A 24 -10.30 6.47 3.69
C ALA A 24 -9.77 6.68 2.27
N GLU A 25 -10.67 6.79 1.29
CA GLU A 25 -10.24 7.00 -0.08
C GLU A 25 -9.71 8.41 -0.29
N ILE A 26 -10.27 9.39 0.42
CA ILE A 26 -9.74 10.75 0.40
C ILE A 26 -8.36 10.79 1.03
N GLY A 27 -8.16 10.03 2.12
CA GLY A 27 -6.84 9.97 2.74
C GLY A 27 -5.80 9.32 1.83
N ARG A 28 -6.19 8.24 1.15
CA ARG A 28 -5.30 7.61 0.16
C ARG A 28 -5.01 8.54 -1.01
N LEU A 29 -6.01 9.28 -1.47
CA LEU A 29 -5.84 10.21 -2.58
C LEU A 29 -4.91 11.36 -2.19
N ASP A 30 -5.06 11.87 -0.98
CA ASP A 30 -4.19 12.93 -0.52
C ASP A 30 -2.77 12.44 -0.26
N ALA A 31 -2.61 11.19 0.16
CA ALA A 31 -1.27 10.60 0.25
C ALA A 31 -0.65 10.46 -1.13
N THR A 32 -1.47 10.15 -2.14
CA THR A 32 -0.97 10.09 -3.51
C THR A 32 -0.54 11.47 -4.00
N ILE A 33 -1.31 12.51 -3.66
CA ILE A 33 -0.97 13.88 -4.02
C ILE A 33 0.33 14.31 -3.33
N ALA A 34 0.49 13.90 -2.07
CA ALA A 34 1.72 14.18 -1.34
C ALA A 34 2.90 13.45 -1.96
N THR A 35 2.68 12.24 -2.46
CA THR A 35 3.71 11.50 -3.17
C THR A 35 4.11 12.21 -4.46
N LEU A 36 3.11 12.77 -5.15
CA LEU A 36 3.37 13.55 -6.36
C LEU A 36 4.17 14.81 -6.04
N ARG A 37 3.89 15.44 -4.90
CA ARG A 37 4.67 16.61 -4.52
C ARG A 37 6.08 16.23 -4.08
N GLN A 38 6.24 15.04 -3.50
CA GLN A 38 7.58 14.52 -3.22
C GLN A 38 8.35 14.30 -4.52
N SER A 39 7.66 13.81 -5.54
CA SER A 39 8.28 13.62 -6.84
C SER A 39 8.60 14.96 -7.50
N LEU A 40 7.73 15.95 -7.31
CA LEU A 40 7.99 17.33 -7.70
C LEU A 40 9.30 17.85 -7.10
N ALA A 41 9.44 17.72 -5.79
CA ALA A 41 10.65 18.14 -5.10
C ALA A 41 11.86 17.33 -5.54
N THR A 42 11.65 16.04 -5.84
CA THR A 42 12.73 15.18 -6.29
C THR A 42 13.25 15.62 -7.66
N LEU A 43 12.34 15.95 -8.58
CA LEU A 43 12.75 16.41 -9.90
C LEU A 43 13.43 17.77 -9.84
N LYS A 44 12.93 18.66 -8.99
CA LYS A 44 13.59 19.94 -8.77
C LYS A 44 15.00 19.74 -8.21
N SER A 45 15.14 18.79 -7.30
CA SER A 45 16.44 18.51 -6.69
C SER A 45 17.39 17.87 -7.68
N LEU A 46 16.85 17.06 -8.59
CA LEU A 46 17.66 16.53 -9.70
C LEU A 46 18.16 17.66 -10.60
N LYS A 47 17.29 18.62 -10.90
CA LYS A 47 17.69 19.72 -11.75
C LYS A 47 18.68 20.66 -11.07
N THR A 48 18.68 20.70 -9.74
CA THR A 48 19.75 21.41 -9.04
C THR A 48 21.08 20.68 -9.20
N LEU A 49 21.05 19.35 -9.26
CA LEU A 49 22.27 18.59 -9.43
C LEU A 49 22.81 18.71 -10.85
N GLY A 50 24.09 18.40 -11.00
CA GLY A 50 24.77 18.47 -12.28
C GLY A 50 25.21 17.09 -12.75
N GLU A 51 25.64 17.03 -14.00
CA GLU A 51 26.05 15.77 -14.61
C GLU A 51 27.36 15.27 -14.01
N GLY A 52 27.53 13.95 -14.07
CA GLY A 52 28.77 13.32 -13.68
C GLY A 52 28.87 12.91 -12.22
N LYS A 53 28.13 13.54 -11.33
CA LYS A 53 28.27 13.28 -9.91
C LYS A 53 27.61 11.94 -9.54
N THR A 54 28.32 11.15 -8.73
CA THR A 54 27.90 9.81 -8.34
C THR A 54 26.63 9.87 -7.48
N VAL A 55 25.69 8.95 -7.75
CA VAL A 55 24.35 8.95 -7.17
C VAL A 55 23.93 7.51 -6.90
N LEU A 56 23.48 7.23 -5.67
CA LEU A 56 22.87 5.95 -5.32
C LEU A 56 21.35 6.03 -5.48
N VAL A 57 20.78 5.08 -6.21
CA VAL A 57 19.34 4.99 -6.44
C VAL A 57 18.83 3.62 -6.00
N PRO A 58 17.63 3.54 -5.42
CA PRO A 58 17.16 2.25 -4.89
C PRO A 58 16.77 1.29 -5.99
N VAL A 59 16.68 0.02 -5.60
CA VAL A 59 16.48 -1.07 -6.53
C VAL A 59 15.11 -1.67 -6.19
N GLY A 60 14.17 -0.81 -5.81
CA GLY A 60 12.93 -1.35 -5.29
C GLY A 60 13.08 -1.50 -3.80
N SER A 61 13.53 -2.68 -3.37
CA SER A 61 13.90 -2.90 -1.98
C SER A 61 15.15 -2.10 -1.62
N ILE A 62 15.61 -2.28 -0.39
CA ILE A 62 16.43 -1.27 0.28
C ILE A 62 17.89 -1.28 -0.18
N ALA A 63 18.23 -2.12 -1.16
CA ALA A 63 19.52 -1.98 -1.82
C ALA A 63 19.54 -0.72 -2.68
N GLN A 64 20.70 -0.08 -2.80
CA GLN A 64 20.86 1.06 -3.70
C GLN A 64 22.12 0.91 -4.53
N VAL A 65 21.98 1.07 -5.84
CA VAL A 65 23.09 0.95 -6.77
C VAL A 65 23.46 2.32 -7.31
N GLU A 66 24.66 2.41 -7.88
CA GLU A 66 25.33 3.68 -8.12
C GLU A 66 25.24 4.10 -9.58
N MET A 67 25.00 5.40 -9.79
CA MET A 67 24.91 6.00 -11.12
C MET A 67 25.38 7.44 -11.08
N LYS A 68 25.38 8.09 -12.24
CA LYS A 68 25.60 9.52 -12.35
C LYS A 68 24.51 10.16 -13.21
N VAL A 69 24.58 11.47 -13.36
CA VAL A 69 23.53 12.23 -14.02
C VAL A 69 23.88 12.45 -15.49
N GLU A 70 22.94 12.10 -16.36
CA GLU A 70 23.04 12.48 -17.77
C GLU A 70 21.68 12.81 -18.36
N LYS A 71 20.69 13.11 -17.52
CA LYS A 71 19.29 13.16 -17.94
C LYS A 71 18.74 14.54 -17.57
N MET A 72 19.44 15.59 -17.98
CA MET A 72 18.93 16.92 -17.71
C MET A 72 18.33 17.61 -18.93
N ASP A 73 18.11 16.90 -20.03
CA ASP A 73 17.48 17.53 -21.17
C ASP A 73 15.95 17.54 -21.04
N LYS A 74 15.33 16.36 -20.99
CA LYS A 74 13.89 16.17 -20.80
C LYS A 74 13.65 14.70 -20.51
N VAL A 75 12.61 14.44 -19.74
CA VAL A 75 12.48 13.22 -18.95
C VAL A 75 11.31 12.40 -19.45
N VAL A 76 11.48 11.08 -19.54
CA VAL A 76 10.37 10.20 -19.89
C VAL A 76 9.41 10.10 -18.71
N VAL A 77 8.13 9.90 -19.02
CA VAL A 77 7.08 9.78 -18.01
C VAL A 77 5.97 8.95 -18.65
N SER A 78 5.01 8.51 -17.85
CA SER A 78 3.85 7.83 -18.39
C SER A 78 2.73 8.82 -18.66
N VAL A 79 2.09 8.66 -19.82
CA VAL A 79 0.77 9.24 -20.01
C VAL A 79 -0.21 8.63 -19.02
N GLY A 80 -0.40 7.31 -19.11
CA GLY A 80 -1.09 6.59 -18.07
C GLY A 80 -0.76 5.12 -18.09
N GLN A 81 -0.29 4.61 -16.93
CA GLN A 81 -0.32 3.21 -16.52
C GLN A 81 0.63 2.29 -17.29
N ASN A 82 1.12 2.74 -18.45
CA ASN A 82 1.86 1.86 -19.34
C ASN A 82 3.00 2.53 -20.08
N ILE A 83 3.11 3.84 -20.07
CA ILE A 83 3.66 4.60 -21.18
C ILE A 83 5.09 5.03 -20.89
N SER A 84 5.96 4.94 -21.90
CA SER A 84 7.26 5.59 -21.85
C SER A 84 7.28 6.85 -22.73
N ALA A 85 6.51 7.86 -22.35
CA ALA A 85 6.43 9.09 -23.12
C ALA A 85 7.50 10.08 -22.67
N GLU A 86 8.39 10.45 -23.57
CA GLU A 86 9.42 11.46 -23.27
C GLU A 86 8.82 12.83 -23.51
N LEU A 87 8.66 13.60 -22.44
CA LEU A 87 8.21 14.97 -22.54
C LEU A 87 9.22 15.90 -21.87
N GLU A 88 9.00 17.20 -22.06
CA GLU A 88 9.73 18.20 -21.31
C GLU A 88 9.38 18.10 -19.84
N TYR A 89 10.41 18.10 -19.00
CA TYR A 89 10.24 17.96 -17.55
C TYR A 89 9.41 19.10 -16.98
N GLU A 90 9.58 20.30 -17.52
CA GLU A 90 8.70 21.42 -17.22
C GLU A 90 7.26 21.13 -17.62
N GLU A 91 7.05 20.71 -18.86
CA GLU A 91 5.71 20.48 -19.38
C GLU A 91 5.05 19.28 -18.71
N ALA A 92 5.79 18.18 -18.55
CA ALA A 92 5.25 17.01 -17.87
C ALA A 92 5.01 17.29 -16.39
N LEU A 93 5.82 18.16 -15.79
CA LEU A 93 5.64 18.49 -14.38
C LEU A 93 4.40 19.37 -14.21
N LYS A 94 4.16 20.28 -15.15
CA LYS A 94 2.90 21.01 -15.22
C LYS A 94 1.72 20.07 -15.40
N TYR A 95 1.90 19.01 -16.19
CA TYR A 95 0.84 18.01 -16.34
C TYR A 95 0.59 17.25 -15.05
N ILE A 96 1.65 17.01 -14.27
CA ILE A 96 1.49 16.41 -12.95
C ILE A 96 0.69 17.32 -12.03
N GLU A 97 1.00 18.62 -12.07
CA GLU A 97 0.25 19.58 -11.27
C GLU A 97 -1.21 19.66 -11.73
N ASP A 98 -1.45 19.52 -13.03
CA ASP A 98 -2.80 19.46 -13.56
C ASP A 98 -3.55 18.24 -13.06
N GLU A 99 -2.87 17.10 -13.00
CA GLU A 99 -3.44 15.90 -12.38
C GLU A 99 -3.77 16.12 -10.92
N ILE A 100 -2.90 16.83 -10.20
CA ILE A 100 -3.14 17.16 -8.80
C ILE A 100 -4.39 18.02 -8.65
N LYS A 101 -4.57 18.99 -9.56
CA LYS A 101 -5.75 19.83 -9.53
C LYS A 101 -7.02 19.05 -9.85
N LYS A 102 -6.91 18.08 -10.77
CA LYS A 102 -8.02 17.18 -11.05
C LYS A 102 -8.39 16.36 -9.83
N LEU A 103 -7.39 15.90 -9.08
CA LEU A 103 -7.67 15.13 -7.87
C LEU A 103 -8.25 16.00 -6.78
N LEU A 104 -7.86 17.28 -6.73
CA LEU A 104 -8.49 18.23 -5.82
C LEU A 104 -9.97 18.40 -6.15
N THR A 105 -10.27 18.54 -7.44
CA THR A 105 -11.67 18.62 -7.89
C THR A 105 -12.44 17.36 -7.53
N PHE A 106 -11.80 16.21 -7.71
CA PHE A 106 -12.38 14.92 -7.35
C PHE A 106 -12.64 14.82 -5.85
N ARG A 107 -11.72 15.36 -5.04
CA ARG A 107 -11.91 15.42 -3.60
C ARG A 107 -13.09 16.31 -3.23
N LEU A 108 -13.26 17.42 -3.95
CA LEU A 108 -14.42 18.28 -3.74
C LEU A 108 -15.71 17.57 -4.07
N VAL A 109 -15.72 16.77 -5.15
CA VAL A 109 -16.90 15.99 -5.51
C VAL A 109 -17.21 14.96 -4.45
N LEU A 110 -16.18 14.31 -3.91
CA LEU A 110 -16.37 13.34 -2.84
C LEU A 110 -16.89 14.00 -1.56
N GLU A 111 -16.41 15.21 -1.27
CA GLU A 111 -16.89 15.92 -0.09
C GLU A 111 -18.34 16.34 -0.25
N GLN A 112 -18.72 16.73 -1.47
CA GLN A 112 -20.13 16.95 -1.79
C GLN A 112 -20.96 15.69 -1.61
N ALA A 113 -20.42 14.53 -1.97
CA ALA A 113 -21.12 13.27 -1.76
C ALA A 113 -21.28 12.95 -0.29
N ILE A 114 -20.27 13.30 0.53
CA ILE A 114 -20.37 13.15 1.98
C ILE A 114 -21.49 14.04 2.53
N ALA A 115 -21.55 15.29 2.05
CA ALA A 115 -22.63 16.19 2.46
C ALA A 115 -24.00 15.69 2.02
N GLU A 116 -24.06 15.04 0.84
CA GLU A 116 -25.31 14.44 0.39
C GLU A 116 -25.74 13.29 1.27
N LEU A 117 -24.79 12.44 1.69
CA LEU A 117 -25.13 11.34 2.58
C LEU A 117 -25.58 11.84 3.94
N TYR A 118 -24.92 12.89 4.45
CA TYR A 118 -25.38 13.49 5.70
C TYR A 118 -26.75 14.13 5.56
N ALA A 119 -27.03 14.71 4.40
CA ALA A 119 -28.36 15.27 4.16
C ALA A 119 -29.42 14.18 4.09
N LYS A 120 -29.07 13.01 3.53
CA LYS A 120 -30.01 11.89 3.50
C LYS A 120 -30.29 11.35 4.89
N ILE A 121 -29.25 11.28 5.73
CA ILE A 121 -29.44 10.87 7.12
C ILE A 121 -30.31 11.88 7.86
N GLU A 122 -30.07 13.18 7.62
CA GLU A 122 -30.91 14.24 8.15
C GLU A 122 -32.36 14.12 7.71
N ASP A 123 -32.58 13.75 6.45
CA ASP A 123 -33.94 13.57 5.94
C ASP A 123 -34.64 12.41 6.62
N LEU A 124 -33.94 11.27 6.72
CA LEU A 124 -34.47 10.10 7.43
C LEU A 124 -34.79 10.40 8.88
N ILE A 125 -33.99 11.23 9.54
CA ILE A 125 -34.36 11.73 10.87
C ILE A 125 -35.59 12.63 10.81
N ALA A 126 -35.68 13.49 9.80
CA ALA A 126 -36.80 14.42 9.68
C ALA A 126 -38.08 13.77 9.17
N GLU A 127 -38.07 12.46 8.89
CA GLU A 127 -39.30 11.81 8.39
C GLU A 127 -40.33 11.61 9.49
N ALA A 128 -39.96 11.87 10.75
CA ALA A 128 -40.88 11.69 11.87
C ALA A 128 -42.00 12.72 11.88
N ILE B 8 -21.82 32.39 -1.21
CA ILE B 8 -22.25 33.53 -0.40
C ILE B 8 -21.78 33.28 1.03
N ASN B 9 -22.58 32.57 1.81
CA ASN B 9 -22.14 32.05 3.10
C ASN B 9 -21.15 30.92 2.83
N GLU B 10 -21.50 30.09 1.85
CA GLU B 10 -20.70 28.94 1.44
C GLU B 10 -19.33 29.34 0.92
N ALA B 11 -19.27 30.40 0.11
CA ALA B 11 -18.01 30.81 -0.50
C ALA B 11 -17.04 31.34 0.55
N VAL B 12 -17.53 32.17 1.47
CA VAL B 12 -16.68 32.69 2.52
C VAL B 12 -16.31 31.60 3.52
N ARG B 13 -17.21 30.63 3.72
CA ARG B 13 -16.91 29.47 4.54
C ARG B 13 -15.77 28.65 3.96
N ALA B 14 -15.83 28.38 2.65
CA ALA B 14 -14.75 27.69 1.96
C ALA B 14 -13.46 28.51 1.98
N TYR B 15 -13.58 29.84 1.90
CA TYR B 15 -12.43 30.73 2.02
C TYR B 15 -11.73 30.57 3.36
N ILE B 16 -12.50 30.62 4.45
CA ILE B 16 -11.93 30.49 5.80
C ILE B 16 -11.35 29.10 6.01
N ALA B 17 -12.00 28.08 5.43
CA ALA B 17 -11.48 26.71 5.50
C ALA B 17 -10.14 26.59 4.78
N GLN B 18 -10.03 27.19 3.59
CA GLN B 18 -8.76 27.20 2.87
C GLN B 18 -7.69 28.00 3.60
N ILE B 19 -8.08 29.10 4.25
CA ILE B 19 -7.14 29.91 5.01
C ILE B 19 -6.56 29.13 6.19
N GLU B 20 -7.43 28.43 6.91
CA GLU B 20 -6.94 27.61 8.04
C GLU B 20 -6.14 26.40 7.56
N GLY B 21 -6.50 25.82 6.42
CA GLY B 21 -5.70 24.73 5.87
C GLY B 21 -4.31 25.19 5.47
N LEU B 22 -4.22 26.33 4.80
CA LEU B 22 -2.92 26.91 4.48
C LEU B 22 -2.15 27.31 5.73
N ARG B 23 -2.85 27.77 6.77
CA ARG B 23 -2.20 28.12 8.02
C ARG B 23 -1.56 26.91 8.68
N ALA B 24 -2.32 25.80 8.73
CA ALA B 24 -1.77 24.55 9.28
C ALA B 24 -0.64 24.01 8.42
N GLU B 25 -0.72 24.21 7.10
CA GLU B 25 0.36 23.75 6.23
C GLU B 25 1.61 24.59 6.42
N ILE B 26 1.45 25.89 6.63
CA ILE B 26 2.58 26.77 6.96
C ILE B 26 3.18 26.39 8.30
N GLY B 27 2.35 26.01 9.27
CA GLY B 27 2.85 25.58 10.56
C GLY B 27 3.65 24.29 10.47
N ARG B 28 3.14 23.32 9.70
CA ARG B 28 3.88 22.08 9.46
C ARG B 28 5.17 22.34 8.69
N LEU B 29 5.12 23.27 7.74
CA LEU B 29 6.31 23.65 6.98
C LEU B 29 7.38 24.25 7.87
N ASP B 30 6.99 25.16 8.77
CA ASP B 30 7.96 25.78 9.65
C ASP B 30 8.47 24.80 10.70
N ALA B 31 7.63 23.85 11.13
CA ALA B 31 8.11 22.79 12.01
C ALA B 31 9.13 21.92 11.30
N THR B 32 8.91 21.65 10.01
CA THR B 32 9.87 20.91 9.21
C THR B 32 11.17 21.68 9.06
N ILE B 33 11.08 23.00 8.87
CA ILE B 33 12.25 23.86 8.78
C ILE B 33 13.05 23.84 10.08
N ALA B 34 12.34 23.91 11.21
CA ALA B 34 13.00 23.85 12.51
C ALA B 34 13.63 22.49 12.75
N THR B 35 13.00 21.42 12.24
CA THR B 35 13.57 20.09 12.32
C THR B 35 14.86 19.99 11.51
N LEU B 36 14.84 20.58 10.30
CA LEU B 36 16.03 20.62 9.47
C LEU B 36 17.14 21.40 10.13
N ARG B 37 16.80 22.49 10.82
CA ARG B 37 17.83 23.27 11.50
C ARG B 37 18.36 22.54 12.75
N GLN B 38 17.51 21.75 13.40
CA GLN B 38 17.99 20.90 14.50
C GLN B 38 18.97 19.85 13.97
N SER B 39 18.65 19.25 12.84
CA SER B 39 19.57 18.29 12.23
C SER B 39 20.83 18.98 11.72
N LEU B 40 20.70 20.24 11.30
CA LEU B 40 21.83 21.05 10.87
C LEU B 40 22.81 21.26 12.02
N ALA B 41 22.29 21.71 13.16
CA ALA B 41 23.11 21.88 14.36
C ALA B 41 23.63 20.54 14.89
N THR B 42 22.88 19.46 14.66
CA THR B 42 23.34 18.14 15.06
C THR B 42 24.54 17.71 14.24
N LEU B 43 24.51 17.97 12.92
CA LEU B 43 25.66 17.69 12.07
C LEU B 43 26.86 18.55 12.45
N LYS B 44 26.61 19.81 12.81
CA LYS B 44 27.69 20.68 13.28
C LYS B 44 28.29 20.14 14.59
N SER B 45 27.44 19.63 15.47
CA SER B 45 27.93 19.10 16.74
C SER B 45 28.65 17.77 16.54
N LEU B 46 28.27 17.03 15.49
CA LEU B 46 29.08 15.89 15.06
C LEU B 46 30.45 16.34 14.60
N LYS B 47 30.50 17.46 13.87
CA LYS B 47 31.78 17.99 13.43
C LYS B 47 32.62 18.53 14.58
N THR B 48 31.99 18.87 15.71
CA THR B 48 32.77 19.27 16.87
C THR B 48 33.51 18.10 17.48
N LEU B 49 32.96 16.89 17.35
CA LEU B 49 33.59 15.73 17.96
C LEU B 49 34.74 15.22 17.09
N GLY B 50 35.39 14.16 17.60
CA GLY B 50 36.48 13.53 16.89
C GLY B 50 36.21 12.05 16.66
N GLU B 51 37.04 11.46 15.80
CA GLU B 51 36.91 10.04 15.48
C GLU B 51 37.25 9.17 16.69
N GLY B 52 36.67 7.97 16.70
CA GLY B 52 36.92 7.00 17.74
C GLY B 52 36.13 7.19 19.01
N LYS B 53 35.42 8.32 19.16
CA LYS B 53 34.71 8.60 20.39
C LYS B 53 33.42 7.79 20.47
N THR B 54 33.23 7.11 21.59
CA THR B 54 32.07 6.25 21.80
C THR B 54 30.83 7.10 22.06
N VAL B 55 29.78 6.90 21.26
CA VAL B 55 28.56 7.71 21.29
C VAL B 55 27.36 6.77 21.25
N LEU B 56 26.39 7.00 22.14
CA LEU B 56 25.12 6.26 22.14
C LEU B 56 24.12 6.96 21.23
N VAL B 57 23.59 6.22 20.26
CA VAL B 57 22.69 6.77 19.23
C VAL B 57 21.45 5.90 19.07
N PRO B 58 20.28 6.48 18.77
CA PRO B 58 19.04 5.70 18.78
C PRO B 58 18.91 4.75 17.60
N VAL B 59 17.86 3.93 17.68
CA VAL B 59 17.63 2.85 16.73
C VAL B 59 16.28 3.17 16.07
N GLY B 60 16.03 4.44 15.83
CA GLY B 60 14.68 4.79 15.43
C GLY B 60 13.86 5.07 16.66
N SER B 61 13.20 4.05 17.18
CA SER B 61 12.48 4.15 18.44
C SER B 61 13.45 4.30 19.61
N ILE B 62 12.90 4.28 20.83
CA ILE B 62 13.51 5.00 21.93
C ILE B 62 14.64 4.21 22.61
N ALA B 63 15.06 3.10 22.02
CA ALA B 63 16.29 2.44 22.46
C ALA B 63 17.48 3.12 21.78
N GLN B 64 18.66 3.11 22.42
CA GLN B 64 19.85 3.66 21.81
C GLN B 64 20.99 2.64 21.82
N VAL B 65 21.70 2.55 20.70
CA VAL B 65 22.88 1.71 20.61
C VAL B 65 24.12 2.58 20.48
N GLU B 66 25.28 1.93 20.51
CA GLU B 66 26.56 2.60 20.69
C GLU B 66 27.34 2.67 19.38
N MET B 67 27.88 3.85 19.08
CA MET B 67 28.61 4.07 17.84
C MET B 67 29.94 4.75 18.12
N LYS B 68 30.78 4.81 17.08
CA LYS B 68 31.96 5.67 17.08
C LYS B 68 32.04 6.39 15.74
N VAL B 69 32.90 7.41 15.70
CA VAL B 69 32.97 8.32 14.56
C VAL B 69 34.11 7.90 13.64
N GLU B 70 33.83 7.82 12.34
CA GLU B 70 34.88 7.68 11.35
C GLU B 70 34.61 8.41 10.05
N LYS B 71 33.67 9.36 10.03
CA LYS B 71 33.19 9.93 8.77
C LYS B 71 33.13 11.45 8.86
N MET B 72 34.24 12.09 9.22
CA MET B 72 34.24 13.54 9.29
C MET B 72 34.70 14.20 7.99
N ASP B 73 34.44 13.59 6.83
CA ASP B 73 34.84 14.22 5.58
C ASP B 73 33.63 14.61 4.72
N LYS B 74 32.68 13.69 4.56
CA LYS B 74 31.57 13.85 3.63
C LYS B 74 30.51 12.80 3.96
N VAL B 75 29.25 13.20 3.82
CA VAL B 75 28.11 12.46 4.35
C VAL B 75 27.12 12.22 3.21
N VAL B 76 26.52 11.04 3.17
CA VAL B 76 25.49 10.73 2.19
C VAL B 76 24.22 11.51 2.50
N VAL B 77 23.43 11.76 1.46
CA VAL B 77 22.15 12.46 1.58
C VAL B 77 21.38 12.18 0.29
N SER B 78 20.06 12.30 0.35
CA SER B 78 19.25 12.09 -0.84
C SER B 78 19.20 13.36 -1.67
N VAL B 79 19.21 13.16 -3.00
CA VAL B 79 18.65 14.16 -3.90
C VAL B 79 17.17 14.38 -3.57
N GLY B 80 16.36 13.33 -3.74
CA GLY B 80 15.00 13.39 -3.26
C GLY B 80 14.37 12.02 -3.07
N GLN B 81 13.87 11.77 -1.85
CA GLN B 81 12.86 10.77 -1.50
C GLN B 81 13.36 9.32 -1.56
N ASN B 82 14.46 9.08 -2.24
CA ASN B 82 14.90 7.72 -2.51
C ASN B 82 16.41 7.53 -2.45
N ILE B 83 17.18 8.62 -2.41
CA ILE B 83 18.52 8.67 -2.98
C ILE B 83 19.53 8.61 -1.85
N SER B 84 20.77 8.28 -2.20
CA SER B 84 21.93 8.52 -1.32
C SER B 84 23.00 9.15 -2.21
N ALA B 85 23.71 10.13 -1.66
CA ALA B 85 24.74 10.84 -2.39
C ALA B 85 25.78 11.39 -1.42
N GLU B 86 26.95 10.77 -1.41
CA GLU B 86 28.02 11.13 -0.48
C GLU B 86 28.61 12.46 -0.93
N LEU B 87 28.12 13.53 -0.33
CA LEU B 87 28.61 14.86 -0.67
C LEU B 87 29.29 15.50 0.54
N GLU B 88 30.03 16.57 0.25
CA GLU B 88 30.72 17.32 1.29
C GLU B 88 29.72 17.97 2.23
N TYR B 89 30.01 17.90 3.53
CA TYR B 89 29.09 18.35 4.56
C TYR B 89 28.81 19.84 4.46
N GLU B 90 29.80 20.61 4.04
CA GLU B 90 29.62 22.04 3.86
C GLU B 90 28.67 22.35 2.70
N GLU B 91 28.93 21.78 1.53
CA GLU B 91 28.13 22.10 0.35
C GLU B 91 26.72 21.54 0.46
N ALA B 92 26.59 20.30 0.94
CA ALA B 92 25.26 19.73 1.15
C ALA B 92 24.54 20.41 2.30
N LEU B 93 25.29 20.91 3.29
CA LEU B 93 24.69 21.64 4.40
C LEU B 93 24.09 22.96 3.92
N LYS B 94 24.86 23.68 3.09
CA LYS B 94 24.35 24.88 2.44
C LYS B 94 23.20 24.57 1.49
N TYR B 95 23.21 23.38 0.89
CA TYR B 95 22.10 22.97 0.05
C TYR B 95 20.82 22.76 0.86
N ILE B 96 20.96 22.19 2.06
CA ILE B 96 19.84 22.10 2.99
C ILE B 96 19.34 23.48 3.38
N GLU B 97 20.28 24.41 3.60
CA GLU B 97 19.93 25.80 3.89
C GLU B 97 19.17 26.44 2.73
N ASP B 98 19.59 26.14 1.50
CA ASP B 98 18.90 26.68 0.33
C ASP B 98 17.52 26.08 0.16
N GLU B 99 17.36 24.80 0.51
CA GLU B 99 16.04 24.19 0.54
C GLU B 99 15.14 24.87 1.56
N ILE B 100 15.70 25.20 2.72
CA ILE B 100 14.97 25.97 3.74
C ILE B 100 14.55 27.32 3.21
N LYS B 101 15.44 27.98 2.45
CA LYS B 101 15.13 29.26 1.83
C LYS B 101 14.00 29.14 0.81
N LYS B 102 14.00 28.06 0.03
CA LYS B 102 12.94 27.84 -0.94
C LYS B 102 11.61 27.53 -0.25
N LEU B 103 11.66 26.83 0.88
CA LEU B 103 10.45 26.62 1.66
C LEU B 103 9.92 27.93 2.25
N LEU B 104 10.83 28.83 2.65
CA LEU B 104 10.39 30.15 3.11
C LEU B 104 9.77 30.95 1.97
N THR B 105 10.31 30.81 0.77
CA THR B 105 9.73 31.46 -0.40
C THR B 105 8.33 30.93 -0.69
N PHE B 106 8.17 29.61 -0.61
CA PHE B 106 6.87 28.97 -0.78
C PHE B 106 5.91 29.41 0.32
N ARG B 107 6.41 29.60 1.53
CA ARG B 107 5.62 30.12 2.64
C ARG B 107 5.13 31.54 2.36
N LEU B 108 6.00 32.37 1.77
CA LEU B 108 5.58 33.71 1.35
C LEU B 108 4.52 33.66 0.27
N VAL B 109 4.63 32.70 -0.65
CA VAL B 109 3.61 32.51 -1.68
C VAL B 109 2.28 32.12 -1.06
N LEU B 110 2.32 31.25 -0.05
CA LEU B 110 1.10 30.84 0.63
C LEU B 110 0.50 32.00 1.42
N GLU B 111 1.34 32.86 1.99
CA GLU B 111 0.86 34.03 2.70
C GLU B 111 0.19 35.01 1.75
N GLN B 112 0.76 35.19 0.56
CA GLN B 112 0.12 35.93 -0.50
C GLN B 112 -1.22 35.32 -0.89
N ALA B 113 -1.31 33.99 -0.92
CA ALA B 113 -2.57 33.33 -1.25
C ALA B 113 -3.63 33.55 -0.17
N ILE B 114 -3.20 33.60 1.09
CA ILE B 114 -4.13 33.92 2.18
C ILE B 114 -4.62 35.36 2.05
N ALA B 115 -3.71 36.27 1.65
CA ALA B 115 -4.11 37.64 1.36
C ALA B 115 -5.07 37.71 0.18
N GLU B 116 -4.89 36.83 -0.80
CA GLU B 116 -5.80 36.74 -1.94
C GLU B 116 -7.19 36.30 -1.51
N LEU B 117 -7.26 35.29 -0.64
CA LEU B 117 -8.55 34.82 -0.14
C LEU B 117 -9.25 35.87 0.70
N TYR B 118 -8.49 36.61 1.50
CA TYR B 118 -9.05 37.73 2.24
C TYR B 118 -9.53 38.84 1.31
N ALA B 119 -8.81 39.05 0.20
CA ALA B 119 -9.25 40.02 -0.80
C ALA B 119 -10.53 39.56 -1.49
N LYS B 120 -10.68 38.25 -1.67
CA LYS B 120 -11.92 37.71 -2.24
C LYS B 120 -13.09 37.93 -1.29
N ILE B 121 -12.84 37.75 0.01
CA ILE B 121 -13.84 38.06 1.03
C ILE B 121 -14.22 39.53 0.98
N GLU B 122 -13.22 40.39 0.85
CA GLU B 122 -13.45 41.83 0.69
C GLU B 122 -14.24 42.15 -0.58
N ASP B 123 -14.02 41.39 -1.65
CA ASP B 123 -14.75 41.60 -2.89
C ASP B 123 -16.22 41.23 -2.73
N LEU B 124 -16.47 40.09 -2.08
CA LEU B 124 -17.84 39.68 -1.80
C LEU B 124 -18.55 40.65 -0.85
N ILE B 125 -17.81 41.28 0.05
CA ILE B 125 -18.32 42.43 0.78
C ILE B 125 -18.67 43.57 -0.16
N ALA B 126 -17.75 43.95 -1.05
CA ALA B 126 -17.92 45.12 -1.90
C ALA B 126 -18.97 44.92 -2.99
N GLU B 127 -19.48 43.70 -3.16
CA GLU B 127 -20.58 43.48 -4.10
C GLU B 127 -21.86 44.16 -3.63
N ALA B 128 -21.99 44.40 -2.33
CA ALA B 128 -23.13 45.12 -1.79
C ALA B 128 -23.06 46.60 -2.14
N ILE C 8 -22.08 -30.76 11.41
CA ILE C 8 -22.06 -29.97 12.62
C ILE C 8 -20.82 -29.09 12.61
N ASN C 9 -19.68 -29.69 12.97
CA ASN C 9 -18.37 -29.06 12.83
C ASN C 9 -18.09 -28.83 11.34
N GLU C 10 -18.48 -29.84 10.54
CA GLU C 10 -18.34 -29.77 9.09
C GLU C 10 -19.12 -28.60 8.49
N ALA C 11 -20.35 -28.36 8.98
CA ALA C 11 -21.16 -27.26 8.44
C ALA C 11 -20.56 -25.90 8.79
N VAL C 12 -19.99 -25.79 9.99
CA VAL C 12 -19.30 -24.58 10.40
C VAL C 12 -18.06 -24.34 9.55
N ARG C 13 -17.26 -25.40 9.33
CA ARG C 13 -16.07 -25.29 8.48
C ARG C 13 -16.45 -24.95 7.04
N ALA C 14 -17.57 -25.48 6.57
CA ALA C 14 -18.06 -25.15 5.23
C ALA C 14 -18.47 -23.69 5.14
N TYR C 15 -19.15 -23.18 6.17
CA TYR C 15 -19.50 -21.76 6.22
C TYR C 15 -18.25 -20.89 6.25
N ILE C 16 -17.21 -21.33 6.98
CA ILE C 16 -15.93 -20.64 7.00
C ILE C 16 -15.33 -20.57 5.60
N ALA C 17 -15.29 -21.71 4.91
CA ALA C 17 -14.71 -21.75 3.57
C ALA C 17 -15.53 -20.92 2.58
N GLN C 18 -16.85 -20.90 2.75
CA GLN C 18 -17.71 -20.08 1.90
C GLN C 18 -17.47 -18.59 2.11
N ILE C 19 -17.38 -18.15 3.37
CA ILE C 19 -17.15 -16.73 3.66
C ILE C 19 -15.75 -16.32 3.19
N GLU C 20 -14.77 -17.23 3.31
CA GLU C 20 -13.44 -16.95 2.79
C GLU C 20 -13.43 -16.84 1.27
N GLY C 21 -14.13 -17.74 0.57
CA GLY C 21 -14.18 -17.65 -0.88
C GLY C 21 -14.94 -16.42 -1.36
N LEU C 22 -15.97 -16.02 -0.63
CA LEU C 22 -16.66 -14.78 -0.96
C LEU C 22 -15.80 -13.56 -0.71
N ARG C 23 -14.98 -13.59 0.35
CA ARG C 23 -14.05 -12.49 0.61
C ARG C 23 -12.98 -12.41 -0.48
N ALA C 24 -12.52 -13.58 -0.95
CA ALA C 24 -11.58 -13.62 -2.06
C ALA C 24 -12.22 -13.11 -3.35
N GLU C 25 -13.50 -13.41 -3.56
CA GLU C 25 -14.23 -12.87 -4.69
C GLU C 25 -14.36 -11.36 -4.59
N ILE C 26 -14.61 -10.85 -3.38
CA ILE C 26 -14.64 -9.41 -3.14
C ILE C 26 -13.30 -8.77 -3.48
N GLY C 27 -12.20 -9.42 -3.07
CA GLY C 27 -10.88 -8.88 -3.37
C GLY C 27 -10.56 -8.86 -4.85
N ARG C 28 -10.89 -9.97 -5.54
CA ARG C 28 -10.70 -10.03 -6.98
C ARG C 28 -11.56 -9.01 -7.71
N LEU C 29 -12.81 -8.85 -7.27
CA LEU C 29 -13.72 -7.91 -7.90
C LEU C 29 -13.27 -6.47 -7.69
N ASP C 30 -12.82 -6.15 -6.48
CA ASP C 30 -12.29 -4.83 -6.19
C ASP C 30 -11.02 -4.54 -6.97
N ALA C 31 -10.15 -5.53 -7.13
CA ALA C 31 -8.96 -5.36 -7.97
C ALA C 31 -9.35 -5.14 -9.42
N THR C 32 -10.41 -5.82 -9.88
CA THR C 32 -10.90 -5.61 -11.24
C THR C 32 -11.45 -4.21 -11.43
N ILE C 33 -12.22 -3.73 -10.45
CA ILE C 33 -12.79 -2.39 -10.52
C ILE C 33 -11.69 -1.33 -10.48
N ALA C 34 -10.67 -1.56 -9.64
CA ALA C 34 -9.53 -0.65 -9.59
C ALA C 34 -8.76 -0.65 -10.91
N THR C 35 -8.63 -1.81 -11.54
CA THR C 35 -7.97 -1.88 -12.84
C THR C 35 -8.78 -1.15 -13.91
N LEU C 36 -10.10 -1.25 -13.83
CA LEU C 36 -10.96 -0.53 -14.77
C LEU C 36 -10.86 0.98 -14.56
N ARG C 37 -10.74 1.42 -13.31
CA ARG C 37 -10.57 2.85 -13.07
C ARG C 37 -9.19 3.33 -13.48
N GLN C 38 -8.17 2.48 -13.39
CA GLN C 38 -6.86 2.82 -13.91
C GLN C 38 -6.90 2.97 -15.42
N SER C 39 -7.60 2.06 -16.10
CA SER C 39 -7.78 2.19 -17.54
C SER C 39 -8.65 3.39 -17.90
N LEU C 40 -9.57 3.74 -17.01
CA LEU C 40 -10.42 4.92 -17.19
C LEU C 40 -9.59 6.19 -17.18
N ALA C 41 -8.76 6.35 -16.14
CA ALA C 41 -7.85 7.48 -16.07
C ALA C 41 -6.79 7.44 -17.16
N THR C 42 -6.45 6.24 -17.64
CA THR C 42 -5.50 6.12 -18.75
C THR C 42 -6.11 6.64 -20.05
N LEU C 43 -7.38 6.31 -20.31
CA LEU C 43 -8.09 6.87 -21.45
C LEU C 43 -8.23 8.37 -21.34
N LYS C 44 -8.50 8.87 -20.13
CA LYS C 44 -8.56 10.31 -19.91
C LYS C 44 -7.21 10.98 -20.20
N SER C 45 -6.13 10.33 -19.77
CA SER C 45 -4.79 10.84 -20.03
C SER C 45 -4.44 10.80 -21.50
N LEU C 46 -4.95 9.81 -22.23
CA LEU C 46 -4.83 9.81 -23.68
C LEU C 46 -5.58 10.97 -24.29
N LYS C 47 -6.74 11.31 -23.72
CA LYS C 47 -7.50 12.45 -24.24
C LYS C 47 -6.84 13.77 -23.87
N THR C 48 -5.95 13.78 -22.87
CA THR C 48 -5.21 15.00 -22.56
C THR C 48 -4.22 15.35 -23.66
N LEU C 49 -3.73 14.36 -24.40
CA LEU C 49 -2.70 14.60 -25.40
C LEU C 49 -3.31 15.13 -26.69
N GLY C 50 -2.48 15.15 -27.73
CA GLY C 50 -2.89 15.55 -29.05
C GLY C 50 -2.27 14.65 -30.11
N GLU C 51 -2.85 14.72 -31.31
CA GLU C 51 -2.35 13.94 -32.44
C GLU C 51 -0.96 14.40 -32.86
N GLY C 52 -0.17 13.43 -33.33
CA GLY C 52 1.17 13.70 -33.80
C GLY C 52 2.26 13.51 -32.78
N LYS C 53 1.92 13.46 -31.49
CA LYS C 53 2.94 13.36 -30.45
C LYS C 53 3.53 11.95 -30.39
N THR C 54 4.84 11.88 -30.39
CA THR C 54 5.56 10.62 -30.33
C THR C 54 5.40 9.99 -28.94
N VAL C 55 4.96 8.73 -28.90
CA VAL C 55 4.58 8.02 -27.67
C VAL C 55 5.07 6.58 -27.77
N LEU C 56 5.76 6.10 -26.73
CA LEU C 56 6.10 4.68 -26.58
C LEU C 56 4.96 3.96 -25.86
N VAL C 57 4.54 2.82 -26.41
CA VAL C 57 3.46 2.02 -25.83
C VAL C 57 3.88 0.55 -25.74
N PRO C 58 3.52 -0.16 -24.67
CA PRO C 58 4.05 -1.51 -24.48
C PRO C 58 3.38 -2.54 -25.38
N VAL C 59 4.02 -3.70 -25.43
CA VAL C 59 3.64 -4.79 -26.32
C VAL C 59 3.23 -5.93 -25.40
N GLY C 60 2.56 -5.59 -24.30
CA GLY C 60 2.35 -6.60 -23.29
C GLY C 60 3.51 -6.57 -22.33
N SER C 61 4.53 -7.36 -22.62
CA SER C 61 5.76 -7.36 -21.84
C SER C 61 6.53 -6.06 -22.06
N ILE C 62 7.75 -6.01 -21.51
CA ILE C 62 8.42 -4.76 -21.16
C ILE C 62 8.95 -4.02 -22.38
N ALA C 63 8.89 -4.63 -23.56
CA ALA C 63 9.15 -3.92 -24.80
C ALA C 63 8.09 -2.85 -25.03
N GLN C 64 8.50 -1.64 -25.40
CA GLN C 64 7.57 -0.60 -25.79
C GLN C 64 7.96 -0.04 -27.15
N VAL C 65 7.02 -0.02 -28.08
CA VAL C 65 7.24 0.49 -29.41
C VAL C 65 6.59 1.86 -29.54
N GLU C 66 7.02 2.60 -30.57
CA GLU C 66 6.75 4.02 -30.69
C GLU C 66 5.58 4.29 -31.63
N MET C 67 4.76 5.27 -31.26
CA MET C 67 3.61 5.68 -32.06
C MET C 67 3.45 7.19 -32.01
N LYS C 68 2.76 7.71 -33.01
CA LYS C 68 2.11 9.01 -32.94
C LYS C 68 0.64 8.78 -32.65
N VAL C 69 -0.05 9.84 -32.25
CA VAL C 69 -1.45 9.72 -31.84
C VAL C 69 -2.36 10.01 -33.02
N GLU C 70 -3.38 9.16 -33.21
CA GLU C 70 -4.45 9.48 -34.14
C GLU C 70 -5.83 9.00 -33.66
N LYS C 71 -6.01 8.77 -32.36
CA LYS C 71 -7.21 8.14 -31.83
C LYS C 71 -7.84 9.06 -30.77
N MET C 72 -8.15 10.29 -31.17
CA MET C 72 -8.98 11.12 -30.30
C MET C 72 -10.39 11.32 -30.85
N ASP C 73 -10.83 10.49 -31.81
CA ASP C 73 -12.16 10.69 -32.37
C ASP C 73 -13.21 9.82 -31.69
N LYS C 74 -13.06 8.50 -31.76
CA LYS C 74 -13.92 7.51 -31.12
C LYS C 74 -13.24 6.16 -31.24
N VAL C 75 -13.36 5.35 -30.19
CA VAL C 75 -12.42 4.26 -29.92
C VAL C 75 -13.20 2.95 -29.92
N VAL C 76 -12.57 1.87 -30.44
CA VAL C 76 -13.17 0.55 -30.33
C VAL C 76 -13.12 0.08 -28.90
N VAL C 77 -14.05 -0.79 -28.53
CA VAL C 77 -14.13 -1.33 -27.18
C VAL C 77 -14.89 -2.65 -27.26
N SER C 78 -14.51 -3.59 -26.40
CA SER C 78 -15.11 -4.92 -26.41
C SER C 78 -16.53 -4.89 -25.88
N VAL C 79 -17.40 -5.63 -26.56
CA VAL C 79 -18.69 -5.98 -25.95
C VAL C 79 -18.47 -6.94 -24.80
N GLY C 80 -17.79 -8.06 -25.09
CA GLY C 80 -17.34 -8.94 -24.03
C GLY C 80 -16.61 -10.17 -24.55
N GLN C 81 -15.43 -10.43 -23.98
CA GLN C 81 -14.66 -11.66 -24.03
C GLN C 81 -14.04 -11.98 -25.39
N ASN C 82 -14.61 -11.46 -26.48
CA ASN C 82 -14.07 -11.72 -27.81
C ASN C 82 -14.22 -10.56 -28.78
N ILE C 83 -14.87 -9.47 -28.40
CA ILE C 83 -15.58 -8.62 -29.34
C ILE C 83 -14.85 -7.27 -29.38
N SER C 84 -15.24 -6.42 -30.35
CA SER C 84 -14.83 -5.01 -30.41
C SER C 84 -15.86 -4.28 -31.26
N ALA C 85 -16.00 -2.98 -31.03
CA ALA C 85 -16.86 -2.10 -31.82
C ALA C 85 -16.50 -0.65 -31.54
N GLU C 86 -16.39 0.15 -32.60
CA GLU C 86 -15.96 1.54 -32.49
C GLU C 86 -17.14 2.35 -31.95
N LEU C 87 -16.98 2.84 -30.73
CA LEU C 87 -18.00 3.67 -30.10
C LEU C 87 -17.40 4.98 -29.63
N GLU C 88 -18.28 5.90 -29.21
CA GLU C 88 -17.86 7.13 -28.58
C GLU C 88 -17.19 6.83 -27.25
N TYR C 89 -15.98 7.41 -27.08
CA TYR C 89 -15.19 7.24 -25.88
C TYR C 89 -15.93 7.74 -24.64
N GLU C 90 -16.72 8.79 -24.78
CA GLU C 90 -17.54 9.29 -23.69
C GLU C 90 -18.63 8.30 -23.31
N GLU C 91 -19.40 7.82 -24.29
CA GLU C 91 -20.51 6.93 -23.98
C GLU C 91 -20.03 5.55 -23.55
N ALA C 92 -18.98 5.04 -24.21
CA ALA C 92 -18.41 3.77 -23.77
C ALA C 92 -17.72 3.91 -22.42
N LEU C 93 -17.19 5.10 -22.13
CA LEU C 93 -16.59 5.37 -20.82
C LEU C 93 -17.65 5.33 -19.74
N LYS C 94 -18.80 5.96 -20.01
CA LYS C 94 -19.98 5.85 -19.16
C LYS C 94 -20.43 4.40 -19.01
N TYR C 95 -20.35 3.61 -20.08
CA TYR C 95 -20.72 2.21 -20.01
C TYR C 95 -19.78 1.41 -19.12
N ILE C 96 -18.49 1.75 -19.16
CA ILE C 96 -17.51 1.17 -18.24
C ILE C 96 -17.89 1.49 -16.81
N GLU C 97 -18.24 2.76 -16.55
CA GLU C 97 -18.70 3.17 -15.23
C GLU C 97 -19.96 2.43 -14.80
N ASP C 98 -20.86 2.17 -15.75
CA ASP C 98 -22.09 1.46 -15.46
C ASP C 98 -21.82 0.00 -15.08
N GLU C 99 -20.93 -0.66 -15.81
CA GLU C 99 -20.57 -2.03 -15.44
C GLU C 99 -19.84 -2.07 -14.11
N ILE C 100 -19.06 -1.04 -13.80
CA ILE C 100 -18.44 -0.91 -12.49
C ILE C 100 -19.50 -0.83 -11.39
N LYS C 101 -20.55 -0.04 -11.63
CA LYS C 101 -21.63 0.08 -10.65
C LYS C 101 -22.41 -1.22 -10.51
N LYS C 102 -22.57 -1.96 -11.61
CA LYS C 102 -23.21 -3.27 -11.55
C LYS C 102 -22.39 -4.24 -10.73
N LEU C 103 -21.07 -4.19 -10.88
CA LEU C 103 -20.20 -5.03 -10.05
C LEU C 103 -20.23 -4.60 -8.59
N LEU C 104 -20.40 -3.30 -8.32
CA LEU C 104 -20.59 -2.83 -6.96
C LEU C 104 -21.87 -3.39 -6.35
N THR C 105 -22.95 -3.41 -7.14
CA THR C 105 -24.21 -3.99 -6.68
C THR C 105 -24.07 -5.48 -6.41
N PHE C 106 -23.35 -6.17 -7.31
CA PHE C 106 -23.03 -7.58 -7.13
C PHE C 106 -22.22 -7.82 -5.86
N ARG C 107 -21.28 -6.93 -5.56
CA ARG C 107 -20.48 -7.03 -4.34
C ARG C 107 -21.34 -6.81 -3.10
N LEU C 108 -22.31 -5.91 -3.20
CA LEU C 108 -23.29 -5.74 -2.11
C LEU C 108 -24.10 -7.01 -1.89
N VAL C 109 -24.51 -7.68 -2.97
CA VAL C 109 -25.23 -8.94 -2.86
C VAL C 109 -24.34 -10.00 -2.21
N LEU C 110 -23.04 -10.00 -2.54
CA LEU C 110 -22.10 -10.91 -1.91
C LEU C 110 -21.97 -10.66 -0.41
N GLU C 111 -21.92 -9.39 -0.02
CA GLU C 111 -21.82 -9.07 1.41
C GLU C 111 -23.10 -9.44 2.14
N GLN C 112 -24.25 -9.29 1.46
CA GLN C 112 -25.52 -9.80 1.97
C GLN C 112 -25.47 -11.30 2.19
N ALA C 113 -24.90 -12.05 1.25
CA ALA C 113 -24.77 -13.49 1.41
C ALA C 113 -23.86 -13.86 2.56
N ILE C 114 -22.81 -13.07 2.79
CA ILE C 114 -21.92 -13.29 3.94
C ILE C 114 -22.67 -13.08 5.24
N ALA C 115 -23.47 -12.01 5.32
CA ALA C 115 -24.28 -11.76 6.49
C ALA C 115 -25.32 -12.85 6.70
N GLU C 116 -25.85 -13.40 5.61
CA GLU C 116 -26.78 -14.53 5.69
C GLU C 116 -26.10 -15.77 6.25
N LEU C 117 -24.85 -16.01 5.83
CA LEU C 117 -24.12 -17.18 6.35
C LEU C 117 -23.80 -17.01 7.83
N TYR C 118 -23.45 -15.80 8.26
CA TYR C 118 -23.23 -15.57 9.68
C TYR C 118 -24.54 -15.69 10.47
N ALA C 119 -25.66 -15.30 9.86
CA ALA C 119 -26.96 -15.50 10.48
C ALA C 119 -27.27 -16.99 10.62
N LYS C 120 -26.87 -17.79 9.64
CA LYS C 120 -27.04 -19.24 9.73
C LYS C 120 -26.18 -19.83 10.84
N ILE C 121 -24.96 -19.31 10.99
CA ILE C 121 -24.08 -19.71 12.10
C ILE C 121 -24.74 -19.39 13.44
N GLU C 122 -25.29 -18.19 13.56
CA GLU C 122 -25.96 -17.77 14.79
C GLU C 122 -27.21 -18.60 15.05
N ASP C 123 -27.91 -19.01 13.99
CA ASP C 123 -29.07 -19.88 14.14
C ASP C 123 -28.66 -21.25 14.68
N LEU C 124 -27.64 -21.85 14.07
CA LEU C 124 -27.11 -23.13 14.54
C LEU C 124 -26.61 -23.07 15.98
N ILE C 125 -26.02 -21.95 16.38
CA ILE C 125 -25.69 -21.75 17.79
C ILE C 125 -26.95 -21.64 18.65
N ALA C 126 -27.98 -20.94 18.18
CA ALA C 126 -29.21 -20.78 18.94
C ALA C 126 -30.09 -22.02 18.92
N GLU C 127 -29.70 -23.08 18.20
CA GLU C 127 -30.50 -24.30 18.18
C GLU C 127 -30.47 -25.04 19.51
N ALA C 128 -29.50 -24.74 20.36
CA ALA C 128 -29.39 -25.38 21.67
C ALA C 128 -30.49 -24.92 22.62
N ILE D 8 6.54 50.15 -1.19
CA ILE D 8 6.54 51.49 -0.62
C ILE D 8 6.37 51.37 0.88
N ASN D 9 5.13 51.11 1.30
CA ASN D 9 4.82 50.86 2.71
C ASN D 9 5.05 49.38 2.98
N GLU D 10 4.97 48.59 1.90
CA GLU D 10 4.97 47.14 1.98
C GLU D 10 6.30 46.58 2.46
N ALA D 11 7.40 46.94 1.80
CA ALA D 11 8.70 46.36 2.15
C ALA D 11 9.18 46.88 3.50
N VAL D 12 8.80 48.11 3.85
CA VAL D 12 9.14 48.65 5.16
C VAL D 12 8.39 47.91 6.26
N ARG D 13 7.09 47.67 6.07
CA ARG D 13 6.31 46.88 7.01
C ARG D 13 6.82 45.44 7.11
N ALA D 14 7.26 44.89 5.99
CA ALA D 14 7.87 43.57 5.99
C ALA D 14 9.17 43.55 6.79
N TYR D 15 9.98 44.61 6.65
CA TYR D 15 11.20 44.74 7.47
C TYR D 15 10.87 44.84 8.95
N ILE D 16 9.80 45.56 9.27
CA ILE D 16 9.34 45.67 10.67
C ILE D 16 8.93 44.30 11.21
N ALA D 17 8.18 43.54 10.41
CA ALA D 17 7.75 42.21 10.83
C ALA D 17 8.93 41.26 10.99
N GLN D 18 9.93 41.39 10.12
CA GLN D 18 11.16 40.63 10.26
C GLN D 18 11.91 40.99 11.54
N ILE D 19 12.00 42.28 11.85
CA ILE D 19 12.65 42.74 13.09
C ILE D 19 11.92 42.20 14.31
N GLU D 20 10.59 42.19 14.26
CA GLU D 20 9.79 41.62 15.33
C GLU D 20 10.01 40.12 15.51
N GLY D 21 10.04 39.37 14.41
CA GLY D 21 10.30 37.95 14.49
C GLY D 21 11.69 37.63 14.99
N LEU D 22 12.68 38.42 14.56
CA LEU D 22 14.03 38.25 15.08
C LEU D 22 14.13 38.61 16.54
N ARG D 23 13.38 39.62 16.99
CA ARG D 23 13.37 40.00 18.39
C ARG D 23 12.77 38.89 19.26
N ALA D 24 11.66 38.32 18.80
CA ALA D 24 11.05 37.20 19.50
C ALA D 24 11.95 35.97 19.50
N GLU D 25 12.70 35.77 18.42
CA GLU D 25 13.60 34.63 18.36
C GLU D 25 14.81 34.82 19.27
N ILE D 26 15.29 36.06 19.39
CA ILE D 26 16.34 36.38 20.34
C ILE D 26 15.84 36.18 21.77
N GLY D 27 14.58 36.54 22.04
CA GLY D 27 14.01 36.29 23.35
C GLY D 27 13.89 34.82 23.68
N ARG D 28 13.44 34.02 22.70
CA ARG D 28 13.40 32.57 22.87
C ARG D 28 14.78 31.97 23.03
N LEU D 29 15.76 32.52 22.32
CA LEU D 29 17.15 32.07 22.42
C LEU D 29 17.71 32.32 23.81
N ASP D 30 17.52 33.54 24.32
CA ASP D 30 17.99 33.86 25.66
C ASP D 30 17.25 33.10 26.73
N ALA D 31 15.96 32.81 26.53
CA ALA D 31 15.23 31.95 27.45
C ALA D 31 15.78 30.54 27.45
N THR D 32 16.16 30.03 26.28
CA THR D 32 16.78 28.72 26.19
C THR D 32 18.14 28.71 26.88
N ILE D 33 18.89 29.79 26.73
CA ILE D 33 20.20 29.92 27.38
C ILE D 33 20.03 29.98 28.90
N ALA D 34 18.99 30.67 29.35
CA ALA D 34 18.70 30.72 30.79
C ALA D 34 18.27 29.35 31.32
N THR D 35 17.55 28.59 30.50
CA THR D 35 17.19 27.22 30.88
C THR D 35 18.44 26.33 30.98
N LEU D 36 19.37 26.52 30.04
CA LEU D 36 20.65 25.84 30.11
C LEU D 36 21.44 26.22 31.36
N ARG D 37 21.36 27.47 31.77
CA ARG D 37 22.06 27.89 32.99
C ARG D 37 21.36 27.36 34.23
N GLN D 38 20.03 27.20 34.18
CA GLN D 38 19.32 26.54 35.26
C GLN D 38 19.76 25.09 35.40
N SER D 39 19.86 24.38 34.27
CA SER D 39 20.37 23.02 34.29
C SER D 39 21.83 22.96 34.73
N LEU D 40 22.61 23.96 34.34
CA LEU D 40 24.00 24.13 34.79
C LEU D 40 24.09 24.18 36.30
N ALA D 41 23.38 25.12 36.92
CA ALA D 41 23.41 25.26 38.37
C ALA D 41 22.79 24.05 39.06
N THR D 42 21.82 23.40 38.42
CA THR D 42 21.22 22.19 38.98
C THR D 42 22.23 21.05 39.03
N LEU D 43 22.99 20.85 37.95
CA LEU D 43 24.03 19.83 37.93
C LEU D 43 25.15 20.15 38.91
N LYS D 44 25.49 21.44 39.05
CA LYS D 44 26.47 21.84 40.05
C LYS D 44 25.99 21.51 41.46
N SER D 45 24.72 21.77 41.73
CA SER D 45 24.16 21.46 43.04
C SER D 45 24.03 19.96 43.27
N LEU D 46 23.87 19.19 42.18
CA LEU D 46 23.98 17.74 42.30
C LEU D 46 25.39 17.33 42.67
N LYS D 47 26.39 17.98 42.07
CA LYS D 47 27.78 17.69 42.42
C LYS D 47 28.13 18.12 43.83
N THR D 48 27.40 19.09 44.40
CA THR D 48 27.60 19.42 45.81
C THR D 48 27.14 18.28 46.71
N LEU D 49 26.08 17.59 46.32
CA LEU D 49 25.61 16.47 47.12
C LEU D 49 26.47 15.24 46.86
N GLY D 50 26.36 14.28 47.78
CA GLY D 50 27.07 13.02 47.68
C GLY D 50 26.14 11.89 47.29
N GLU D 51 26.73 10.71 47.08
CA GLU D 51 25.95 9.55 46.65
C GLU D 51 25.05 9.04 47.75
N GLY D 52 23.95 8.40 47.35
CA GLY D 52 23.04 7.76 48.27
C GLY D 52 22.02 8.66 48.91
N LYS D 53 22.07 9.97 48.65
CA LYS D 53 21.18 10.91 49.31
C LYS D 53 19.78 10.82 48.74
N THR D 54 18.79 10.68 49.62
CA THR D 54 17.40 10.52 49.20
C THR D 54 16.85 11.84 48.65
N VAL D 55 16.42 11.83 47.39
CA VAL D 55 16.07 13.04 46.64
C VAL D 55 14.78 12.78 45.86
N LEU D 56 13.81 13.69 45.97
CA LEU D 56 12.59 13.65 45.16
C LEU D 56 12.82 14.32 43.81
N VAL D 57 12.53 13.60 42.73
CA VAL D 57 12.78 14.10 41.38
C VAL D 57 11.54 13.91 40.50
N PRO D 58 11.25 14.82 39.57
CA PRO D 58 9.98 14.76 38.84
C PRO D 58 9.97 13.70 37.76
N VAL D 59 8.79 13.56 37.16
CA VAL D 59 8.54 12.56 36.11
C VAL D 59 8.23 13.36 34.85
N GLY D 60 8.92 14.48 34.66
CA GLY D 60 8.51 15.31 33.55
C GLY D 60 7.41 16.20 34.06
N SER D 61 6.17 15.75 33.91
CA SER D 61 5.02 16.42 34.47
C SER D 61 5.04 16.35 36.00
N ILE D 62 3.98 16.88 36.62
CA ILE D 62 4.10 17.51 37.93
C ILE D 62 4.09 16.51 39.08
N ALA D 63 4.15 15.21 38.79
CA ALA D 63 4.41 14.26 39.86
C ALA D 63 5.90 14.11 40.06
N GLN D 64 6.33 13.67 41.25
CA GLN D 64 7.75 13.45 41.51
C GLN D 64 7.97 12.08 42.14
N VAL D 65 9.12 11.48 41.85
CA VAL D 65 9.50 10.21 42.44
C VAL D 65 10.79 10.39 43.22
N GLU D 66 11.13 9.38 44.01
CA GLU D 66 12.25 9.44 44.94
C GLU D 66 13.44 8.63 44.44
N MET D 67 14.65 9.17 44.62
CA MET D 67 15.87 8.49 44.20
C MET D 67 16.96 8.66 45.24
N LYS D 68 17.98 7.83 45.12
CA LYS D 68 19.28 8.08 45.73
C LYS D 68 20.28 8.45 44.64
N VAL D 69 21.44 8.94 45.07
CA VAL D 69 22.40 9.52 44.14
C VAL D 69 23.48 8.51 43.80
N GLU D 70 23.79 8.37 42.51
CA GLU D 70 24.93 7.59 42.07
C GLU D 70 25.63 8.17 40.84
N LYS D 71 25.49 9.48 40.58
CA LYS D 71 25.89 10.08 39.32
C LYS D 71 26.87 11.22 39.57
N MET D 72 28.01 10.90 40.18
CA MET D 72 29.06 11.91 40.25
C MET D 72 30.27 11.60 39.39
N ASP D 73 30.15 10.70 38.39
CA ASP D 73 31.31 10.35 37.59
C ASP D 73 31.29 11.02 36.21
N LYS D 74 30.24 10.76 35.42
CA LYS D 74 30.13 11.23 34.04
C LYS D 74 28.71 10.98 33.56
N VAL D 75 28.20 11.92 32.76
CA VAL D 75 26.78 12.01 32.42
C VAL D 75 26.64 11.95 30.91
N VAL D 76 25.59 11.28 30.43
CA VAL D 76 25.27 11.29 29.00
C VAL D 76 24.83 12.69 28.58
N VAL D 77 25.03 13.01 27.30
CA VAL D 77 24.67 14.31 26.74
C VAL D 77 24.54 14.15 25.23
N SER D 78 23.67 14.94 24.63
CA SER D 78 23.38 14.82 23.21
C SER D 78 24.50 15.39 22.36
N VAL D 79 24.69 14.79 21.19
CA VAL D 79 25.25 15.50 20.05
C VAL D 79 24.15 16.45 19.59
N GLY D 80 22.98 15.90 19.28
CA GLY D 80 21.84 16.71 18.95
C GLY D 80 20.59 15.92 18.59
N GLN D 81 19.47 16.32 19.20
CA GLN D 81 18.09 16.02 18.79
C GLN D 81 17.66 14.57 19.00
N ASN D 82 18.61 13.65 19.16
CA ASN D 82 18.29 12.25 19.37
C ASN D 82 19.25 11.54 20.31
N ILE D 83 20.27 12.20 20.82
CA ILE D 83 21.49 11.55 21.25
C ILE D 83 21.60 11.71 22.78
N SER D 84 22.37 10.81 23.40
CA SER D 84 22.85 10.99 24.77
C SER D 84 24.14 10.16 24.90
N ALA D 85 25.28 10.83 24.80
CA ALA D 85 26.56 10.17 24.82
C ALA D 85 27.28 10.43 26.14
N GLU D 86 27.75 9.37 26.78
CA GLU D 86 28.31 9.42 28.14
C GLU D 86 29.64 10.15 28.09
N LEU D 87 29.63 11.38 28.57
CA LEU D 87 30.82 12.22 28.58
C LEU D 87 31.11 12.72 29.99
N GLU D 88 32.36 13.16 30.19
CA GLU D 88 32.73 13.89 31.38
C GLU D 88 31.92 15.18 31.50
N TYR D 89 31.30 15.34 32.68
CA TYR D 89 30.41 16.45 32.95
C TYR D 89 31.12 17.80 32.81
N GLU D 90 32.40 17.84 33.17
CA GLU D 90 33.20 19.06 33.05
C GLU D 90 33.36 19.51 31.62
N GLU D 91 33.94 18.65 30.76
CA GLU D 91 34.26 19.06 29.40
C GLU D 91 33.00 19.22 28.56
N ALA D 92 32.03 18.32 28.74
CA ALA D 92 30.76 18.46 28.02
C ALA D 92 29.97 19.66 28.50
N LEU D 93 30.11 20.03 29.77
CA LEU D 93 29.41 21.19 30.29
C LEU D 93 30.04 22.48 29.76
N LYS D 94 31.37 22.48 29.65
CA LYS D 94 32.06 23.56 28.98
C LYS D 94 31.70 23.63 27.50
N TYR D 95 31.43 22.48 26.89
CA TYR D 95 30.95 22.44 25.51
C TYR D 95 29.56 23.04 25.38
N ILE D 96 28.70 22.81 26.39
CA ILE D 96 27.40 23.48 26.44
C ILE D 96 27.58 24.99 26.54
N GLU D 97 28.53 25.42 27.36
CA GLU D 97 28.85 26.85 27.46
C GLU D 97 29.36 27.41 26.13
N ASP D 98 30.14 26.60 25.40
CA ASP D 98 30.62 27.02 24.09
C ASP D 98 29.49 27.15 23.09
N GLU D 99 28.51 26.24 23.16
CA GLU D 99 27.32 26.37 22.33
C GLU D 99 26.52 27.62 22.68
N ILE D 100 26.48 27.95 23.97
CA ILE D 100 25.86 29.19 24.42
C ILE D 100 26.57 30.40 23.82
N LYS D 101 27.90 30.35 23.77
CA LYS D 101 28.67 31.43 23.16
C LYS D 101 28.40 31.52 21.65
N LYS D 102 28.22 30.37 21.00
CA LYS D 102 27.84 30.36 19.59
C LYS D 102 26.47 30.98 19.38
N LEU D 103 25.54 30.72 20.29
CA LEU D 103 24.22 31.32 20.21
C LEU D 103 24.28 32.83 20.45
N LEU D 104 25.19 33.27 21.32
CA LEU D 104 25.41 34.69 21.51
C LEU D 104 25.96 35.34 20.25
N THR D 105 26.87 34.65 19.56
CA THR D 105 27.40 35.14 18.29
C THR D 105 26.30 35.25 17.24
N PHE D 106 25.43 34.24 17.19
CA PHE D 106 24.29 34.26 16.28
C PHE D 106 23.32 35.38 16.63
N ARG D 107 23.15 35.66 17.92
CA ARG D 107 22.35 36.79 18.39
C ARG D 107 22.93 38.12 17.90
N LEU D 108 24.25 38.25 17.97
CA LEU D 108 24.91 39.44 17.44
C LEU D 108 24.69 39.58 15.94
N VAL D 109 24.72 38.46 15.21
CA VAL D 109 24.47 38.48 13.76
C VAL D 109 23.03 38.92 13.48
N LEU D 110 22.08 38.44 14.29
CA LEU D 110 20.68 38.83 14.12
C LEU D 110 20.47 40.31 14.42
N GLU D 111 21.17 40.84 15.43
CA GLU D 111 21.05 42.25 15.76
C GLU D 111 21.66 43.12 14.65
N GLN D 112 22.77 42.66 14.07
CA GLN D 112 23.32 43.27 12.87
C GLN D 112 22.32 43.27 11.72
N ALA D 113 21.58 42.17 11.54
CA ALA D 113 20.58 42.10 10.49
C ALA D 113 19.43 43.08 10.73
N ILE D 114 19.05 43.27 11.99
CA ILE D 114 18.02 44.25 12.33
C ILE D 114 18.50 45.66 12.01
N ALA D 115 19.77 45.96 12.34
CA ALA D 115 20.35 47.24 11.99
C ALA D 115 20.41 47.44 10.48
N GLU D 116 20.69 46.35 9.75
CA GLU D 116 20.67 46.40 8.29
C GLU D 116 19.28 46.67 7.75
N LEU D 117 18.25 46.12 8.39
CA LEU D 117 16.88 46.36 7.94
C LEU D 117 16.47 47.81 8.15
N TYR D 118 16.80 48.38 9.32
CA TYR D 118 16.50 49.80 9.51
C TYR D 118 17.35 50.69 8.61
N ALA D 119 18.57 50.24 8.29
CA ALA D 119 19.39 50.96 7.33
C ALA D 119 18.75 50.97 5.95
N LYS D 120 18.19 49.83 5.53
CA LYS D 120 17.46 49.77 4.26
C LYS D 120 16.25 50.68 4.26
N ILE D 121 15.54 50.73 5.39
CA ILE D 121 14.39 51.62 5.54
C ILE D 121 14.81 53.08 5.38
N GLU D 122 15.92 53.46 6.03
CA GLU D 122 16.33 54.85 5.96
C GLU D 122 16.99 55.17 4.62
N ASP D 123 17.49 54.15 3.92
CA ASP D 123 17.93 54.33 2.54
C ASP D 123 16.74 54.63 1.63
N LEU D 124 15.66 53.86 1.77
CA LEU D 124 14.41 54.14 1.07
C LEU D 124 13.85 55.51 1.40
N ILE D 125 14.03 55.97 2.63
CA ILE D 125 13.75 57.35 2.98
C ILE D 125 14.62 58.32 2.18
N ALA D 126 15.94 58.08 2.14
CA ALA D 126 16.87 58.99 1.48
C ALA D 126 16.76 58.94 -0.04
N GLU D 127 16.00 58.00 -0.60
CA GLU D 127 15.80 57.95 -2.05
C GLU D 127 15.03 59.17 -2.56
N ALA D 128 14.20 59.76 -1.71
CA ALA D 128 13.42 60.94 -2.10
C ALA D 128 14.32 62.17 -2.23
N ILE E 8 1.44 -51.10 -2.08
CA ILE E 8 1.42 -50.64 -0.70
C ILE E 8 1.85 -49.18 -0.65
N ASN E 9 3.12 -48.94 -0.99
CA ASN E 9 3.64 -47.58 -1.07
C ASN E 9 3.34 -47.00 -2.43
N GLU E 10 3.44 -47.83 -3.46
CA GLU E 10 2.93 -47.54 -4.80
C GLU E 10 1.47 -47.12 -4.78
N ALA E 11 0.65 -47.76 -3.93
CA ALA E 11 -0.77 -47.41 -3.86
C ALA E 11 -0.98 -46.01 -3.29
N VAL E 12 -0.17 -45.64 -2.29
CA VAL E 12 -0.28 -44.30 -1.71
C VAL E 12 0.22 -43.26 -2.71
N ARG E 13 1.29 -43.57 -3.44
CA ARG E 13 1.77 -42.69 -4.50
C ARG E 13 0.73 -42.53 -5.61
N ALA E 14 0.04 -43.62 -5.94
CA ALA E 14 -1.05 -43.56 -6.91
C ALA E 14 -2.21 -42.72 -6.39
N TYR E 15 -2.49 -42.80 -5.08
CA TYR E 15 -3.51 -41.95 -4.48
C TYR E 15 -3.14 -40.48 -4.58
N ILE E 16 -1.86 -40.17 -4.39
CA ILE E 16 -1.37 -38.80 -4.55
C ILE E 16 -1.54 -38.33 -5.99
N ALA E 17 -1.20 -39.19 -6.95
CA ALA E 17 -1.38 -38.86 -8.37
C ALA E 17 -2.86 -38.68 -8.71
N GLN E 18 -3.74 -39.48 -8.09
CA GLN E 18 -5.17 -39.30 -8.25
C GLN E 18 -5.65 -37.97 -7.70
N ILE E 19 -5.16 -37.57 -6.52
CA ILE E 19 -5.51 -36.28 -5.93
C ILE E 19 -5.04 -35.13 -6.83
N GLU E 20 -3.86 -35.28 -7.42
CA GLU E 20 -3.36 -34.26 -8.35
C GLU E 20 -4.20 -34.19 -9.62
N GLY E 21 -4.61 -35.34 -10.16
CA GLY E 21 -5.48 -35.33 -11.33
C GLY E 21 -6.84 -34.76 -11.03
N LEU E 22 -7.37 -35.02 -9.84
CA LEU E 22 -8.61 -34.40 -9.41
C LEU E 22 -8.48 -32.90 -9.25
N ARG E 23 -7.32 -32.44 -8.76
CA ARG E 23 -7.09 -31.01 -8.62
C ARG E 23 -7.01 -30.34 -9.99
N ALA E 24 -6.36 -31.00 -10.95
CA ALA E 24 -6.32 -30.50 -12.32
C ALA E 24 -7.71 -30.48 -12.94
N GLU E 25 -8.53 -31.48 -12.63
CA GLU E 25 -9.89 -31.49 -13.16
C GLU E 25 -10.75 -30.40 -12.52
N ILE E 26 -10.52 -30.11 -11.24
CA ILE E 26 -11.19 -28.99 -10.59
C ILE E 26 -10.78 -27.67 -11.21
N GLY E 27 -9.49 -27.54 -11.56
CA GLY E 27 -9.02 -26.34 -12.24
C GLY E 27 -9.65 -26.17 -13.62
N ARG E 28 -9.73 -27.25 -14.39
CA ARG E 28 -10.40 -27.21 -15.69
C ARG E 28 -11.88 -26.93 -15.54
N LEU E 29 -12.51 -27.48 -14.51
CA LEU E 29 -13.93 -27.25 -14.26
C LEU E 29 -14.21 -25.80 -13.91
N ASP E 30 -13.39 -25.23 -13.04
CA ASP E 30 -13.54 -23.82 -12.68
C ASP E 30 -13.23 -22.91 -13.85
N ALA E 31 -12.30 -23.31 -14.72
CA ALA E 31 -12.06 -22.54 -15.95
C ALA E 31 -13.28 -22.59 -16.86
N THR E 32 -13.95 -23.75 -16.92
CA THR E 32 -15.18 -23.85 -17.71
C THR E 32 -16.28 -22.99 -17.12
N ILE E 33 -16.37 -22.95 -15.80
CA ILE E 33 -17.37 -22.12 -15.11
C ILE E 33 -17.10 -20.64 -15.37
N ALA E 34 -15.82 -20.25 -15.32
CA ALA E 34 -15.45 -18.87 -15.61
C ALA E 34 -15.72 -18.52 -17.07
N THR E 35 -15.55 -19.49 -17.97
CA THR E 35 -15.90 -19.27 -19.37
C THR E 35 -17.40 -19.05 -19.53
N LEU E 36 -18.20 -19.84 -18.82
CA LEU E 36 -19.65 -19.66 -18.84
C LEU E 36 -20.05 -18.32 -18.24
N ARG E 37 -19.34 -17.85 -17.22
CA ARG E 37 -19.66 -16.54 -16.65
C ARG E 37 -19.22 -15.40 -17.56
N GLN E 38 -18.15 -15.59 -18.32
CA GLN E 38 -17.78 -14.59 -19.31
C GLN E 38 -18.78 -14.54 -20.44
N SER E 39 -19.30 -15.70 -20.85
CA SER E 39 -20.36 -15.73 -21.86
C SER E 39 -21.65 -15.14 -21.32
N LEU E 40 -21.94 -15.37 -20.04
CA LEU E 40 -23.03 -14.71 -19.32
C LEU E 40 -22.94 -13.19 -19.44
N ALA E 41 -21.80 -12.63 -19.03
CA ALA E 41 -21.62 -11.18 -19.09
C ALA E 41 -21.60 -10.67 -20.53
N THR E 42 -21.13 -11.50 -21.47
CA THR E 42 -21.13 -11.12 -22.87
C THR E 42 -22.55 -11.02 -23.41
N LEU E 43 -23.40 -11.99 -23.09
CA LEU E 43 -24.80 -11.94 -23.48
C LEU E 43 -25.52 -10.77 -22.83
N LYS E 44 -25.17 -10.46 -21.57
CA LYS E 44 -25.69 -9.28 -20.91
C LYS E 44 -25.32 -8.01 -21.68
N SER E 45 -24.05 -7.92 -22.09
CA SER E 45 -23.59 -6.76 -22.83
C SER E 45 -24.22 -6.69 -24.22
N LEU E 46 -24.53 -7.84 -24.80
CA LEU E 46 -25.30 -7.86 -26.04
C LEU E 46 -26.69 -7.31 -25.83
N LYS E 47 -27.33 -7.68 -24.73
CA LYS E 47 -28.66 -7.17 -24.45
C LYS E 47 -28.65 -5.69 -24.10
N THR E 48 -27.52 -5.16 -23.62
CA THR E 48 -27.42 -3.72 -23.43
C THR E 48 -27.39 -2.99 -24.77
N LEU E 49 -26.77 -3.57 -25.78
CA LEU E 49 -26.68 -2.89 -27.06
C LEU E 49 -27.97 -3.07 -27.86
N GLY E 50 -28.21 -2.09 -28.74
CA GLY E 50 -29.40 -2.08 -29.57
C GLY E 50 -29.11 -2.60 -30.97
N GLU E 51 -30.20 -2.76 -31.73
CA GLU E 51 -30.10 -3.23 -33.10
C GLU E 51 -29.45 -2.18 -34.01
N GLY E 52 -28.86 -2.65 -35.09
CA GLY E 52 -28.32 -1.78 -36.11
C GLY E 52 -26.89 -1.36 -35.93
N LYS E 53 -26.36 -1.38 -34.71
CA LYS E 53 -25.02 -0.89 -34.47
C LYS E 53 -23.98 -1.87 -35.00
N THR E 54 -23.03 -1.35 -35.78
CA THR E 54 -21.96 -2.15 -36.37
C THR E 54 -21.02 -2.65 -35.29
N VAL E 55 -20.71 -3.94 -35.31
CA VAL E 55 -19.97 -4.64 -34.26
C VAL E 55 -19.01 -5.63 -34.91
N LEU E 56 -17.73 -5.59 -34.52
CA LEU E 56 -16.72 -6.55 -34.97
C LEU E 56 -16.69 -7.78 -34.06
N VAL E 57 -16.89 -8.95 -34.64
CA VAL E 57 -16.87 -10.20 -33.88
C VAL E 57 -15.85 -11.15 -34.50
N PRO E 58 -15.20 -12.02 -33.72
CA PRO E 58 -14.11 -12.83 -34.27
C PRO E 58 -14.59 -13.93 -35.19
N VAL E 59 -13.61 -14.61 -35.77
CA VAL E 59 -13.85 -15.75 -36.65
C VAL E 59 -13.35 -16.96 -35.87
N GLY E 60 -13.46 -16.88 -34.54
CA GLY E 60 -12.74 -17.86 -33.76
C GLY E 60 -11.35 -17.31 -33.51
N SER E 61 -10.45 -17.66 -34.41
CA SER E 61 -9.06 -17.25 -34.33
C SER E 61 -8.89 -15.77 -34.71
N ILE E 62 -7.63 -15.41 -34.99
CA ILE E 62 -7.07 -14.06 -34.99
C ILE E 62 -7.90 -12.96 -35.62
N ALA E 63 -8.60 -13.23 -36.72
CA ALA E 63 -9.32 -12.17 -37.41
C ALA E 63 -10.69 -11.91 -36.79
N GLN E 64 -11.22 -10.70 -36.96
CA GLN E 64 -12.59 -10.39 -36.58
C GLN E 64 -13.37 -9.91 -37.80
N VAL E 65 -14.66 -10.19 -37.81
CA VAL E 65 -15.54 -9.75 -38.88
C VAL E 65 -16.69 -8.94 -38.30
N GLU E 66 -17.39 -8.21 -39.16
CA GLU E 66 -18.29 -7.15 -38.77
C GLU E 66 -19.75 -7.59 -38.85
N MET E 67 -20.52 -7.27 -37.81
CA MET E 67 -21.94 -7.62 -37.75
C MET E 67 -22.73 -6.49 -37.09
N LYS E 68 -24.05 -6.72 -37.01
CA LYS E 68 -24.93 -5.86 -36.24
C LYS E 68 -25.98 -6.72 -35.54
N VAL E 69 -26.69 -6.10 -34.59
CA VAL E 69 -27.61 -6.82 -33.72
C VAL E 69 -28.98 -6.91 -34.37
N GLU E 70 -29.56 -8.12 -34.39
CA GLU E 70 -30.99 -8.26 -34.65
C GLU E 70 -31.62 -9.39 -33.85
N LYS E 71 -30.97 -9.88 -32.79
CA LYS E 71 -31.38 -11.10 -32.11
C LYS E 71 -31.60 -10.80 -30.63
N MET E 72 -32.44 -9.80 -30.35
CA MET E 72 -32.76 -9.50 -28.96
C MET E 72 -34.08 -10.10 -28.49
N ASP E 73 -34.45 -11.28 -28.98
CA ASP E 73 -35.70 -11.89 -28.52
C ASP E 73 -35.50 -13.20 -27.77
N LYS E 74 -34.84 -14.19 -28.39
CA LYS E 74 -34.62 -15.52 -27.83
C LYS E 74 -33.58 -16.24 -28.68
N VAL E 75 -32.74 -17.03 -28.01
CA VAL E 75 -31.41 -17.39 -28.52
C VAL E 75 -31.31 -18.91 -28.61
N VAL E 76 -30.67 -19.40 -29.69
CA VAL E 76 -30.40 -20.82 -29.81
C VAL E 76 -29.28 -21.23 -28.84
N VAL E 77 -29.27 -22.50 -28.46
CA VAL E 77 -28.19 -23.10 -27.67
C VAL E 77 -28.32 -24.61 -27.83
N SER E 78 -27.24 -25.32 -27.58
CA SER E 78 -27.27 -26.78 -27.64
C SER E 78 -27.81 -27.36 -26.34
N VAL E 79 -28.56 -28.45 -26.47
CA VAL E 79 -28.68 -29.42 -25.38
C VAL E 79 -27.30 -29.92 -24.98
N GLY E 80 -26.55 -30.43 -25.96
CA GLY E 80 -25.16 -30.76 -25.75
C GLY E 80 -24.52 -31.31 -27.00
N GLN E 81 -23.37 -30.75 -27.37
CA GLN E 81 -22.36 -31.32 -28.27
C GLN E 81 -22.79 -31.36 -29.74
N ASN E 82 -24.09 -31.28 -30.01
CA ASN E 82 -24.60 -31.43 -31.36
C ASN E 82 -25.78 -30.53 -31.68
N ILE E 83 -26.40 -29.90 -30.71
CA ILE E 83 -27.82 -29.57 -30.75
C ILE E 83 -27.97 -28.07 -31.00
N SER E 84 -29.18 -27.66 -31.37
CA SER E 84 -29.58 -26.25 -31.39
C SER E 84 -31.04 -26.20 -30.96
N ALA E 85 -31.39 -25.21 -30.15
CA ALA E 85 -32.75 -24.99 -29.68
C ALA E 85 -32.92 -23.55 -29.25
N GLU E 86 -33.79 -22.83 -29.97
CA GLU E 86 -34.01 -21.41 -29.73
C GLU E 86 -34.89 -21.26 -28.50
N LEU E 87 -34.29 -20.88 -27.39
CA LEU E 87 -35.03 -20.67 -26.16
C LEU E 87 -34.86 -19.23 -25.70
N GLU E 88 -35.66 -18.85 -24.71
CA GLU E 88 -35.59 -17.54 -24.11
C GLU E 88 -34.25 -17.33 -23.42
N TYR E 89 -33.61 -16.20 -23.75
CA TYR E 89 -32.24 -15.92 -23.32
C TYR E 89 -32.14 -15.87 -21.80
N GLU E 90 -33.16 -15.34 -21.12
CA GLU E 90 -33.17 -15.34 -19.68
C GLU E 90 -33.38 -16.73 -19.12
N GLU E 91 -34.31 -17.49 -19.70
CA GLU E 91 -34.62 -18.82 -19.18
C GLU E 91 -33.51 -19.80 -19.50
N ALA E 92 -32.98 -19.77 -20.73
CA ALA E 92 -31.83 -20.60 -21.06
C ALA E 92 -30.59 -20.16 -20.32
N LEU E 93 -30.51 -18.87 -19.96
CA LEU E 93 -29.36 -18.40 -19.20
C LEU E 93 -29.44 -18.87 -17.75
N LYS E 94 -30.66 -18.90 -17.20
CA LYS E 94 -30.90 -19.57 -15.92
C LYS E 94 -30.55 -21.05 -16.01
N TYR E 95 -30.83 -21.68 -17.15
CA TYR E 95 -30.46 -23.08 -17.33
C TYR E 95 -28.94 -23.26 -17.36
N ILE E 96 -28.23 -22.29 -17.95
CA ILE E 96 -26.77 -22.28 -17.90
C ILE E 96 -26.29 -22.18 -16.46
N GLU E 97 -26.90 -21.28 -15.69
CA GLU E 97 -26.61 -21.18 -14.25
C GLU E 97 -26.91 -22.47 -13.51
N ASP E 98 -27.97 -23.18 -13.90
CA ASP E 98 -28.32 -24.46 -13.30
C ASP E 98 -27.25 -25.50 -13.57
N GLU E 99 -26.74 -25.54 -14.81
CA GLU E 99 -25.66 -26.47 -15.12
C GLU E 99 -24.37 -26.08 -14.40
N ILE E 100 -24.16 -24.78 -14.17
CA ILE E 100 -23.05 -24.33 -13.34
C ILE E 100 -23.20 -24.84 -11.91
N LYS E 101 -24.42 -24.82 -11.38
CA LYS E 101 -24.69 -25.36 -10.05
C LYS E 101 -24.47 -26.86 -10.01
N LYS E 102 -24.80 -27.55 -11.10
CA LYS E 102 -24.52 -28.98 -11.23
C LYS E 102 -23.02 -29.24 -11.18
N LEU E 103 -22.25 -28.40 -11.87
CA LEU E 103 -20.79 -28.53 -11.83
C LEU E 103 -20.24 -28.20 -10.46
N LEU E 104 -20.88 -27.28 -9.74
CA LEU E 104 -20.49 -27.00 -8.36
C LEU E 104 -20.73 -28.21 -7.47
N THR E 105 -21.87 -28.89 -7.67
CA THR E 105 -22.16 -30.11 -6.92
C THR E 105 -21.16 -31.21 -7.24
N PHE E 106 -20.81 -31.32 -8.52
CA PHE E 106 -19.78 -32.28 -8.95
C PHE E 106 -18.42 -31.94 -8.35
N ARG E 107 -18.12 -30.64 -8.24
CA ARG E 107 -16.89 -30.18 -7.60
C ARG E 107 -16.87 -30.55 -6.12
N LEU E 108 -18.03 -30.45 -5.46
CA LEU E 108 -18.13 -30.89 -4.07
C LEU E 108 -17.93 -32.40 -3.96
N VAL E 109 -18.44 -33.17 -4.92
CA VAL E 109 -18.18 -34.61 -4.97
C VAL E 109 -16.70 -34.89 -5.13
N LEU E 110 -16.01 -34.11 -5.95
CA LEU E 110 -14.58 -34.28 -6.13
C LEU E 110 -13.80 -33.94 -4.86
N GLU E 111 -14.26 -32.90 -4.13
CA GLU E 111 -13.64 -32.54 -2.86
C GLU E 111 -13.82 -33.65 -1.83
N GLN E 112 -15.03 -34.23 -1.79
CA GLN E 112 -15.29 -35.43 -1.00
C GLN E 112 -14.36 -36.57 -1.37
N ALA E 113 -14.11 -36.77 -2.67
CA ALA E 113 -13.25 -37.86 -3.11
C ALA E 113 -11.80 -37.63 -2.70
N ILE E 114 -11.34 -36.38 -2.72
CA ILE E 114 -10.00 -36.05 -2.27
C ILE E 114 -9.86 -36.30 -0.76
N ALA E 115 -10.89 -35.92 0.00
CA ALA E 115 -10.91 -36.22 1.43
C ALA E 115 -10.92 -37.72 1.69
N GLU E 116 -11.63 -38.48 0.85
CA GLU E 116 -11.66 -39.94 0.94
C GLU E 116 -10.29 -40.54 0.68
N LEU E 117 -9.58 -40.03 -0.34
CA LEU E 117 -8.25 -40.55 -0.65
C LEU E 117 -7.25 -40.27 0.46
N TYR E 118 -7.27 -39.04 0.99
CA TYR E 118 -6.40 -38.72 2.12
C TYR E 118 -6.77 -39.53 3.36
N ALA E 119 -8.06 -39.80 3.57
CA ALA E 119 -8.49 -40.62 4.68
C ALA E 119 -8.00 -42.06 4.53
N LYS E 120 -8.05 -42.60 3.31
CA LYS E 120 -7.56 -43.95 3.08
C LYS E 120 -6.05 -44.05 3.27
N ILE E 121 -5.33 -43.00 2.86
CA ILE E 121 -3.89 -42.93 3.12
C ILE E 121 -3.61 -42.95 4.62
N GLU E 122 -4.36 -42.14 5.38
CA GLU E 122 -4.14 -42.08 6.81
C GLU E 122 -4.60 -43.37 7.51
N ASP E 123 -5.56 -44.07 6.92
CA ASP E 123 -5.95 -45.38 7.46
C ASP E 123 -4.85 -46.41 7.25
N LEU E 124 -4.25 -46.42 6.05
CA LEU E 124 -3.08 -47.26 5.80
C LEU E 124 -1.91 -46.93 6.72
N ILE E 125 -1.74 -45.65 7.05
CA ILE E 125 -0.81 -45.26 8.11
C ILE E 125 -1.20 -45.86 9.46
N ALA E 126 -2.47 -45.74 9.85
CA ALA E 126 -2.94 -46.20 11.14
C ALA E 126 -3.00 -47.72 11.25
N GLU E 127 -2.80 -48.44 10.15
CA GLU E 127 -2.67 -49.90 10.22
C GLU E 127 -1.48 -50.31 11.06
N ALA E 128 -0.40 -49.56 11.00
CA ALA E 128 0.76 -49.81 11.84
C ALA E 128 0.82 -48.77 12.95
N ILE F 8 34.92 52.45 15.48
CA ILE F 8 35.93 52.99 16.40
C ILE F 8 35.27 53.31 17.73
N ASN F 9 34.45 54.37 17.74
CA ASN F 9 33.68 54.69 18.94
C ASN F 9 32.50 53.75 19.10
N GLU F 10 32.13 53.05 18.02
CA GLU F 10 30.98 52.17 18.02
C GLU F 10 31.21 50.95 18.90
N ALA F 11 32.41 50.36 18.84
CA ALA F 11 32.73 49.24 19.73
C ALA F 11 32.84 49.69 21.18
N VAL F 12 33.22 50.95 21.39
CA VAL F 12 33.24 51.50 22.75
C VAL F 12 31.83 51.62 23.29
N ARG F 13 30.91 52.11 22.45
CA ARG F 13 29.50 52.20 22.82
C ARG F 13 28.90 50.82 23.05
N ALA F 14 29.36 49.82 22.28
CA ALA F 14 28.94 48.44 22.51
C ALA F 14 29.46 47.92 23.85
N TYR F 15 30.68 48.29 24.22
CA TYR F 15 31.22 47.95 25.53
C TYR F 15 30.42 48.59 26.65
N ILE F 16 29.98 49.83 26.44
CA ILE F 16 29.14 50.52 27.42
C ILE F 16 27.80 49.81 27.57
N ALA F 17 27.22 49.37 26.45
CA ALA F 17 25.97 48.61 26.49
C ALA F 17 26.16 47.27 27.22
N GLN F 18 27.32 46.64 27.02
CA GLN F 18 27.65 45.42 27.75
C GLN F 18 27.77 45.68 29.24
N ILE F 19 28.40 46.79 29.63
CA ILE F 19 28.53 47.15 31.04
C ILE F 19 27.15 47.43 31.64
N GLU F 20 26.25 48.05 30.87
CA GLU F 20 24.89 48.28 31.35
C GLU F 20 24.11 46.98 31.51
N GLY F 21 24.29 46.04 30.58
CA GLY F 21 23.65 44.74 30.73
C GLY F 21 24.19 43.97 31.93
N LEU F 22 25.49 44.08 32.18
CA LEU F 22 26.08 43.50 33.38
C LEU F 22 25.55 44.17 34.64
N ARG F 23 25.31 45.48 34.59
CA ARG F 23 24.76 46.19 35.74
C ARG F 23 23.33 45.75 36.03
N ALA F 24 22.54 45.55 34.97
CA ALA F 24 21.19 45.02 35.13
C ALA F 24 21.22 43.59 35.66
N GLU F 25 22.22 42.81 35.26
CA GLU F 25 22.38 41.47 35.81
C GLU F 25 22.76 41.51 37.28
N ILE F 26 23.59 42.48 37.66
CA ILE F 26 23.92 42.70 39.07
C ILE F 26 22.68 43.05 39.88
N GLY F 27 21.83 43.92 39.32
CA GLY F 27 20.60 44.29 40.00
C GLY F 27 19.63 43.13 40.15
N ARG F 28 19.48 42.33 39.10
CA ARG F 28 18.65 41.13 39.17
C ARG F 28 19.22 40.12 40.14
N LEU F 29 20.55 39.98 40.20
CA LEU F 29 21.19 39.05 41.11
C LEU F 29 20.98 39.45 42.55
N ASP F 30 21.17 40.74 42.86
CA ASP F 30 20.94 41.22 44.20
C ASP F 30 19.47 41.19 44.60
N ALA F 31 18.56 41.40 43.63
CA ALA F 31 17.14 41.21 43.91
C ALA F 31 16.83 39.77 44.25
N THR F 32 17.47 38.83 43.55
CA THR F 32 17.31 37.42 43.85
C THR F 32 17.83 37.07 45.23
N ILE F 33 18.99 37.62 45.58
CA ILE F 33 19.60 37.36 46.89
C ILE F 33 18.74 37.93 48.01
N ALA F 34 18.21 39.14 47.79
CA ALA F 34 17.30 39.74 48.76
C ALA F 34 16.00 38.95 48.88
N THR F 35 15.52 38.39 47.77
CA THR F 35 14.33 37.54 47.79
C THR F 35 14.58 36.28 48.61
N LEU F 36 15.76 35.69 48.43
CA LEU F 36 16.15 34.52 49.20
C LEU F 36 16.22 34.85 50.70
N ARG F 37 16.79 36.00 51.04
CA ARG F 37 16.88 36.40 52.44
C ARG F 37 15.52 36.70 53.04
N GLN F 38 14.61 37.27 52.25
CA GLN F 38 13.28 37.58 52.76
C GLN F 38 12.45 36.31 52.96
N SER F 39 12.53 35.38 52.01
CA SER F 39 11.86 34.09 52.19
C SER F 39 12.48 33.30 53.33
N LEU F 40 13.79 33.45 53.54
CA LEU F 40 14.47 32.75 54.61
C LEU F 40 14.10 33.32 55.97
N ALA F 41 13.93 34.64 56.05
CA ALA F 41 13.44 35.25 57.28
C ALA F 41 11.97 34.92 57.51
N THR F 42 11.21 34.73 56.44
CA THR F 42 9.84 34.24 56.59
C THR F 42 9.84 32.82 57.14
N LEU F 43 10.79 32.00 56.72
CA LEU F 43 10.98 30.67 57.32
C LEU F 43 11.35 30.77 58.79
N LYS F 44 12.19 31.77 59.14
CA LYS F 44 12.50 32.00 60.55
C LYS F 44 11.27 32.37 61.35
N SER F 45 10.41 33.20 60.77
CA SER F 45 9.15 33.58 61.41
C SER F 45 8.23 32.38 61.56
N LEU F 46 8.28 31.45 60.60
CA LEU F 46 7.59 30.18 60.75
C LEU F 46 8.15 29.38 61.92
N LYS F 47 9.48 29.40 62.08
CA LYS F 47 10.10 28.65 63.17
C LYS F 47 9.81 29.30 64.52
N THR F 48 9.50 30.59 64.54
CA THR F 48 9.07 31.21 65.79
C THR F 48 7.71 30.71 66.24
N LEU F 49 6.87 30.29 65.31
CA LEU F 49 5.53 29.82 65.67
C LEU F 49 5.57 28.39 66.15
N GLY F 50 4.38 27.82 66.32
CA GLY F 50 4.23 26.45 66.77
C GLY F 50 3.12 25.72 66.06
N GLU F 51 3.06 24.40 66.26
CA GLU F 51 2.06 23.57 65.59
C GLU F 51 0.64 23.87 66.06
N GLY F 52 -0.30 23.79 65.12
CA GLY F 52 -1.69 24.01 65.42
C GLY F 52 -2.19 25.42 65.18
N LYS F 53 -1.30 26.40 65.20
CA LYS F 53 -1.71 27.80 65.04
C LYS F 53 -2.15 28.09 63.61
N THR F 54 -3.31 28.72 63.47
CA THR F 54 -3.79 29.20 62.17
C THR F 54 -2.86 30.29 61.64
N VAL F 55 -2.47 30.18 60.36
CA VAL F 55 -1.42 31.03 59.79
C VAL F 55 -1.94 31.72 58.54
N LEU F 56 -1.78 33.05 58.50
CA LEU F 56 -2.08 33.86 57.32
C LEU F 56 -0.99 33.67 56.27
N VAL F 57 -1.31 32.99 55.17
CA VAL F 57 -0.31 32.69 54.14
C VAL F 57 -0.68 33.22 52.76
N PRO F 58 0.18 34.01 52.13
CA PRO F 58 -0.02 34.39 50.74
C PRO F 58 0.10 33.21 49.79
N VAL F 59 -0.81 33.16 48.82
CA VAL F 59 -0.96 32.02 47.92
C VAL F 59 -0.67 32.54 46.51
N GLY F 60 0.29 33.45 46.39
CA GLY F 60 0.58 33.95 45.06
C GLY F 60 -0.27 35.15 44.76
N SER F 61 -1.43 34.92 44.13
CA SER F 61 -2.42 35.96 43.90
C SER F 61 -3.03 36.43 45.23
N ILE F 62 -4.00 37.35 45.13
CA ILE F 62 -4.47 38.11 46.29
C ILE F 62 -5.27 37.22 47.25
N ALA F 63 -5.68 36.04 46.82
CA ALA F 63 -6.29 35.06 47.71
C ALA F 63 -5.28 34.56 48.73
N GLN F 64 -5.64 34.59 50.01
CA GLN F 64 -4.90 33.89 51.03
C GLN F 64 -5.75 32.78 51.62
N VAL F 65 -5.08 31.76 52.14
CA VAL F 65 -5.75 30.66 52.82
C VAL F 65 -5.20 30.61 54.24
N GLU F 66 -5.64 29.63 55.02
CA GLU F 66 -5.24 29.51 56.40
C GLU F 66 -4.71 28.10 56.62
N MET F 67 -3.83 27.93 57.61
CA MET F 67 -3.18 26.66 57.83
C MET F 67 -2.68 26.55 59.26
N LYS F 68 -2.79 25.35 59.81
CA LYS F 68 -2.07 24.99 61.01
C LYS F 68 -0.65 24.58 60.63
N VAL F 69 0.22 24.58 61.61
CA VAL F 69 1.63 24.24 61.39
C VAL F 69 1.83 22.77 61.72
N GLU F 70 2.55 22.07 60.84
CA GLU F 70 3.05 20.74 61.16
C GLU F 70 4.43 20.49 60.57
N LYS F 71 5.17 21.53 60.20
CA LYS F 71 6.36 21.48 59.35
C LYS F 71 7.53 22.10 60.10
N MET F 72 7.75 21.65 61.34
CA MET F 72 8.89 22.10 62.12
C MET F 72 9.93 21.02 62.34
N ASP F 73 10.14 20.14 61.36
CA ASP F 73 11.14 19.09 61.47
C ASP F 73 12.28 19.21 60.47
N LYS F 74 12.01 19.22 59.17
CA LYS F 74 12.97 19.32 58.08
C LYS F 74 12.19 19.53 56.80
N VAL F 75 12.77 20.29 55.86
CA VAL F 75 12.01 21.05 54.88
C VAL F 75 12.38 20.59 53.47
N VAL F 76 11.37 20.41 52.62
CA VAL F 76 11.60 20.12 51.21
C VAL F 76 12.14 21.35 50.50
N VAL F 77 13.03 21.11 49.53
CA VAL F 77 13.70 22.18 48.80
C VAL F 77 14.25 21.57 47.51
N SER F 78 14.29 22.36 46.44
CA SER F 78 14.73 21.84 45.15
C SER F 78 16.25 21.88 45.08
N VAL F 79 16.81 20.90 44.36
CA VAL F 79 18.18 21.02 43.88
C VAL F 79 18.28 22.14 42.86
N GLY F 80 17.50 22.03 41.79
CA GLY F 80 17.34 23.12 40.86
C GLY F 80 16.24 22.85 39.86
N GLN F 81 15.31 23.80 39.75
CA GLN F 81 14.34 23.99 38.66
C GLN F 81 13.23 22.93 38.60
N ASN F 82 13.46 21.76 39.21
CA ASN F 82 12.53 20.65 39.06
C ASN F 82 12.34 19.81 40.30
N ILE F 83 13.19 19.95 41.31
CA ILE F 83 13.55 18.86 42.22
C ILE F 83 12.87 19.11 43.56
N SER F 84 12.93 18.12 44.46
CA SER F 84 12.57 18.33 45.86
C SER F 84 13.49 17.48 46.74
N ALA F 85 13.73 17.97 47.95
CA ALA F 85 14.61 17.31 48.90
C ALA F 85 14.29 17.75 50.32
N GLU F 86 13.70 16.85 51.10
CA GLU F 86 13.33 17.14 52.49
C GLU F 86 14.60 17.15 53.32
N LEU F 87 15.14 18.34 53.54
CA LEU F 87 16.36 18.48 54.31
C LEU F 87 16.13 19.34 55.54
N GLU F 88 17.10 19.29 56.46
CA GLU F 88 17.06 20.07 57.68
C GLU F 88 17.11 21.56 57.37
N TYR F 89 16.21 22.31 58.02
CA TYR F 89 16.11 23.75 57.80
C TYR F 89 17.38 24.49 58.18
N GLU F 90 18.11 24.00 59.18
CA GLU F 90 19.45 24.52 59.44
C GLU F 90 20.42 24.15 58.33
N GLU F 91 20.34 22.91 57.85
CA GLU F 91 21.23 22.47 56.79
C GLU F 91 20.89 23.14 55.47
N ALA F 92 19.59 23.22 55.13
CA ALA F 92 19.18 23.92 53.92
C ALA F 92 19.39 25.42 54.05
N LEU F 93 19.29 25.93 55.28
CA LEU F 93 19.67 27.31 55.59
C LEU F 93 21.10 27.60 55.19
N LYS F 94 22.03 26.78 55.68
CA LYS F 94 23.45 26.95 55.35
C LYS F 94 23.69 26.72 53.86
N TYR F 95 22.89 25.82 53.25
CA TYR F 95 22.98 25.55 51.82
C TYR F 95 22.62 26.77 50.98
N ILE F 96 21.49 27.40 51.29
CA ILE F 96 21.07 28.62 50.59
C ILE F 96 22.06 29.75 50.86
N GLU F 97 22.59 29.82 52.08
CA GLU F 97 23.62 30.80 52.41
C GLU F 97 24.87 30.63 51.55
N ASP F 98 25.31 29.39 51.37
CA ASP F 98 26.49 29.15 50.55
C ASP F 98 26.21 29.43 49.08
N GLU F 99 24.98 29.18 48.63
CA GLU F 99 24.60 29.56 47.27
C GLU F 99 24.62 31.06 47.08
N ILE F 100 24.18 31.80 48.10
CA ILE F 100 24.25 33.26 48.09
C ILE F 100 25.70 33.72 48.02
N LYS F 101 26.58 33.03 48.75
CA LYS F 101 28.01 33.34 48.69
C LYS F 101 28.59 33.09 47.29
N LYS F 102 28.13 32.01 46.64
CA LYS F 102 28.52 31.74 45.25
C LYS F 102 28.05 32.84 44.32
N LEU F 103 26.83 33.33 44.53
CA LEU F 103 26.31 34.43 43.71
C LEU F 103 27.10 35.71 43.94
N LEU F 104 27.50 35.98 45.18
CA LEU F 104 28.31 37.17 45.46
C LEU F 104 29.69 37.05 44.83
N THR F 105 30.25 35.84 44.83
CA THR F 105 31.53 35.59 44.16
C THR F 105 31.40 35.85 42.66
N PHE F 106 30.31 35.37 42.06
CA PHE F 106 30.05 35.60 40.65
C PHE F 106 29.83 37.08 40.36
N ARG F 107 29.21 37.80 41.30
CA ARG F 107 29.06 39.25 41.18
C ARG F 107 30.40 39.96 41.18
N LEU F 108 31.31 39.52 42.04
CA LEU F 108 32.66 40.08 42.04
C LEU F 108 33.39 39.79 40.73
N VAL F 109 33.17 38.60 40.16
CA VAL F 109 33.72 38.26 38.85
C VAL F 109 33.15 39.20 37.78
N LEU F 110 31.86 39.52 37.87
CA LEU F 110 31.24 40.45 36.93
C LEU F 110 31.80 41.85 37.09
N GLU F 111 32.09 42.26 38.33
CA GLU F 111 32.70 43.56 38.57
C GLU F 111 34.11 43.63 37.98
N GLN F 112 34.85 42.52 38.10
CA GLN F 112 36.14 42.40 37.44
C GLN F 112 36.00 42.50 35.92
N ALA F 113 34.95 41.91 35.35
CA ALA F 113 34.73 42.00 33.91
C ALA F 113 34.41 43.43 33.48
N ILE F 114 33.66 44.16 34.31
CA ILE F 114 33.36 45.57 34.03
C ILE F 114 34.64 46.40 34.07
N ALA F 115 35.49 46.14 35.06
CA ALA F 115 36.77 46.84 35.15
C ALA F 115 37.68 46.51 33.97
N GLU F 116 37.61 45.27 33.47
CA GLU F 116 38.39 44.89 32.30
C GLU F 116 37.87 45.55 31.04
N LEU F 117 36.55 45.72 30.92
CA LEU F 117 36.00 46.44 29.77
C LEU F 117 36.38 47.91 29.81
N TYR F 118 36.37 48.51 30.99
CA TYR F 118 36.83 49.89 31.12
C TYR F 118 38.32 50.00 30.85
N ALA F 119 39.08 48.95 31.17
CA ALA F 119 40.49 48.92 30.82
C ALA F 119 40.70 48.81 29.32
N LYS F 120 39.81 48.09 28.63
CA LYS F 120 39.87 48.03 27.17
C LYS F 120 39.58 49.39 26.55
N ILE F 121 38.60 50.11 27.11
CA ILE F 121 38.30 51.47 26.67
C ILE F 121 39.49 52.39 26.95
N GLU F 122 40.16 52.18 28.08
CA GLU F 122 41.39 52.90 28.41
C GLU F 122 42.51 52.59 27.43
N ASP F 123 42.58 51.34 26.95
CA ASP F 123 43.56 50.98 25.93
C ASP F 123 43.26 51.70 24.62
N LEU F 124 41.98 51.77 24.26
CA LEU F 124 41.58 52.51 23.06
C LEU F 124 41.86 54.00 23.20
N ILE F 125 41.79 54.54 24.41
CA ILE F 125 42.32 55.87 24.67
C ILE F 125 43.84 55.90 24.44
N ALA F 126 44.54 54.86 24.92
CA ALA F 126 45.98 54.83 24.87
C ALA F 126 46.53 54.54 23.47
N GLU F 127 45.67 54.25 22.50
CA GLU F 127 46.16 53.96 21.14
C GLU F 127 46.36 55.22 20.31
N ALA F 128 46.55 56.37 20.95
CA ALA F 128 46.81 57.61 20.24
C ALA F 128 48.21 57.60 19.62
N ILE G 8 19.67 -54.95 -29.14
CA ILE G 8 20.68 -54.07 -28.57
C ILE G 8 20.14 -52.65 -28.61
N ASN G 9 20.14 -52.06 -29.81
CA ASN G 9 19.54 -50.74 -30.00
C ASN G 9 18.16 -50.88 -30.62
N GLU G 10 17.94 -52.01 -31.30
CA GLU G 10 16.63 -52.33 -31.85
C GLU G 10 15.61 -52.55 -30.76
N ALA G 11 16.01 -53.17 -29.64
CA ALA G 11 15.12 -53.34 -28.51
C ALA G 11 14.77 -51.99 -27.88
N VAL G 12 15.74 -51.06 -27.86
CA VAL G 12 15.50 -49.71 -27.39
C VAL G 12 14.48 -49.00 -28.27
N ARG G 13 14.66 -49.06 -29.59
CA ARG G 13 13.74 -48.43 -30.53
C ARG G 13 12.36 -49.07 -30.46
N ALA G 14 12.31 -50.39 -30.24
CA ALA G 14 11.04 -51.07 -30.08
C ALA G 14 10.31 -50.63 -28.82
N TYR G 15 11.04 -50.51 -27.70
CA TYR G 15 10.46 -50.02 -26.46
C TYR G 15 9.96 -48.59 -26.60
N ILE G 16 10.71 -47.75 -27.33
CA ILE G 16 10.28 -46.38 -27.59
C ILE G 16 8.99 -46.35 -28.38
N ALA G 17 8.93 -47.11 -29.48
CA ALA G 17 7.74 -47.12 -30.34
C ALA G 17 6.54 -47.71 -29.61
N GLN G 18 6.77 -48.71 -28.76
CA GLN G 18 5.68 -49.27 -27.97
C GLN G 18 5.15 -48.28 -26.94
N ILE G 19 6.04 -47.58 -26.22
CA ILE G 19 5.61 -46.56 -25.27
C ILE G 19 4.85 -45.44 -25.97
N GLU G 20 5.31 -45.05 -27.15
CA GLU G 20 4.63 -44.03 -27.95
C GLU G 20 3.24 -44.47 -28.40
N GLY G 21 3.12 -45.69 -28.93
CA GLY G 21 1.82 -46.17 -29.38
C GLY G 21 0.84 -46.37 -28.24
N LEU G 22 1.34 -46.85 -27.09
CA LEU G 22 0.50 -46.96 -25.91
C LEU G 22 0.07 -45.60 -25.39
N ARG G 23 0.95 -44.60 -25.45
CA ARG G 23 0.59 -43.25 -25.04
C ARG G 23 -0.47 -42.67 -25.95
N ALA G 24 -0.33 -42.90 -27.26
CA ALA G 24 -1.33 -42.44 -28.22
C ALA G 24 -2.66 -43.13 -28.02
N GLU G 25 -2.65 -44.43 -27.70
CA GLU G 25 -3.91 -45.13 -27.49
C GLU G 25 -4.54 -44.74 -26.15
N ILE G 26 -3.73 -44.38 -25.17
CA ILE G 26 -4.23 -43.81 -23.93
C ILE G 26 -4.92 -42.47 -24.20
N GLY G 27 -4.32 -41.63 -25.03
CA GLY G 27 -4.95 -40.36 -25.38
C GLY G 27 -6.23 -40.55 -26.15
N ARG G 28 -6.25 -41.52 -27.08
CA ARG G 28 -7.47 -41.84 -27.81
C ARG G 28 -8.54 -42.41 -26.91
N LEU G 29 -8.16 -43.25 -25.95
CA LEU G 29 -9.12 -43.81 -25.00
C LEU G 29 -9.70 -42.73 -24.08
N ASP G 30 -8.86 -41.79 -23.65
CA ASP G 30 -9.34 -40.69 -22.84
C ASP G 30 -10.26 -39.76 -23.63
N ALA G 31 -9.95 -39.53 -24.91
CA ALA G 31 -10.86 -38.79 -25.77
C ALA G 31 -12.19 -39.50 -25.94
N THR G 32 -12.15 -40.84 -26.01
CA THR G 32 -13.37 -41.64 -26.09
C THR G 32 -14.19 -41.52 -24.83
N ILE G 33 -13.53 -41.57 -23.67
CA ILE G 33 -14.21 -41.43 -22.38
C ILE G 33 -14.83 -40.05 -22.24
N ALA G 34 -14.09 -39.02 -22.67
CA ALA G 34 -14.62 -37.66 -22.63
C ALA G 34 -15.80 -37.49 -23.58
N THR G 35 -15.75 -38.16 -24.73
CA THR G 35 -16.87 -38.15 -25.67
C THR G 35 -18.10 -38.82 -25.07
N LEU G 36 -17.89 -39.93 -24.38
CA LEU G 36 -18.99 -40.62 -23.71
C LEU G 36 -19.56 -39.78 -22.58
N ARG G 37 -18.72 -39.01 -21.89
CA ARG G 37 -19.21 -38.13 -20.85
C ARG G 37 -19.96 -36.93 -21.43
N GLN G 38 -19.56 -36.47 -22.61
CA GLN G 38 -20.30 -35.39 -23.26
C GLN G 38 -21.66 -35.86 -23.73
N SER G 39 -21.72 -37.08 -24.29
CA SER G 39 -23.01 -37.66 -24.66
C SER G 39 -23.84 -37.97 -23.41
N LEU G 40 -23.18 -38.33 -22.31
CA LEU G 40 -23.84 -38.49 -21.02
C LEU G 40 -24.53 -37.22 -20.56
N ALA G 41 -23.78 -36.11 -20.57
CA ALA G 41 -24.35 -34.82 -20.17
C ALA G 41 -25.43 -34.36 -21.15
N THR G 42 -25.28 -34.71 -22.43
CA THR G 42 -26.31 -34.39 -23.42
C THR G 42 -27.60 -35.15 -23.13
N LEU G 43 -27.50 -36.44 -22.80
CA LEU G 43 -28.69 -37.22 -22.50
C LEU G 43 -29.33 -36.78 -21.19
N LYS G 44 -28.50 -36.40 -20.20
CA LYS G 44 -29.03 -35.84 -18.97
C LYS G 44 -29.76 -34.52 -19.22
N SER G 45 -29.22 -33.71 -20.14
CA SER G 45 -29.84 -32.45 -20.49
C SER G 45 -31.14 -32.67 -21.27
N LEU G 46 -31.20 -33.75 -22.05
CA LEU G 46 -32.46 -34.17 -22.65
C LEU G 46 -33.46 -34.60 -21.59
N LYS G 47 -32.99 -35.27 -20.54
CA LYS G 47 -33.87 -35.64 -19.44
C LYS G 47 -34.37 -34.42 -18.68
N THR G 48 -33.59 -33.34 -18.65
CA THR G 48 -34.10 -32.09 -18.09
C THR G 48 -35.18 -31.49 -18.99
N LEU G 49 -35.07 -31.72 -20.28
CA LEU G 49 -36.12 -31.29 -21.20
C LEU G 49 -37.32 -32.23 -21.13
N GLY G 50 -38.45 -31.73 -21.60
CA GLY G 50 -39.68 -32.49 -21.64
C GLY G 50 -40.09 -32.82 -23.08
N GLU G 51 -41.10 -33.68 -23.17
CA GLU G 51 -41.59 -34.10 -24.47
C GLU G 51 -42.31 -32.98 -25.20
N GLY G 52 -42.22 -33.00 -26.53
CA GLY G 52 -42.86 -32.01 -27.37
C GLY G 52 -42.01 -30.81 -27.73
N LYS G 53 -40.90 -30.58 -27.04
CA LYS G 53 -40.10 -29.39 -27.27
C LYS G 53 -39.28 -29.52 -28.54
N THR G 54 -39.37 -28.50 -29.39
CA THR G 54 -38.73 -28.50 -30.71
C THR G 54 -37.21 -28.43 -30.57
N VAL G 55 -36.50 -29.28 -31.32
CA VAL G 55 -35.08 -29.53 -31.15
C VAL G 55 -34.43 -29.73 -32.52
N LEU G 56 -33.35 -28.98 -32.80
CA LEU G 56 -32.52 -29.21 -33.99
C LEU G 56 -31.42 -30.23 -33.68
N VAL G 57 -31.24 -31.19 -34.57
CA VAL G 57 -30.22 -32.24 -34.42
C VAL G 57 -29.44 -32.39 -35.73
N PRO G 58 -28.14 -32.69 -35.69
CA PRO G 58 -27.33 -32.65 -36.91
C PRO G 58 -27.57 -33.85 -37.80
N VAL G 59 -27.01 -33.76 -39.01
CA VAL G 59 -27.23 -34.75 -40.06
C VAL G 59 -25.87 -35.37 -40.35
N GLY G 60 -25.05 -35.55 -39.32
CA GLY G 60 -23.68 -35.94 -39.60
C GLY G 60 -22.88 -34.67 -39.75
N SER G 61 -22.77 -34.19 -40.98
CA SER G 61 -22.24 -32.87 -41.25
C SER G 61 -23.13 -31.78 -40.63
N ILE G 62 -22.68 -30.54 -40.75
CA ILE G 62 -23.07 -29.51 -39.78
C ILE G 62 -24.38 -28.83 -40.16
N ALA G 63 -25.14 -29.40 -41.09
CA ALA G 63 -26.55 -29.09 -41.20
C ALA G 63 -27.27 -29.70 -40.01
N GLN G 64 -28.35 -29.07 -39.55
CA GLN G 64 -29.17 -29.64 -38.49
C GLN G 64 -30.64 -29.62 -38.90
N VAL G 65 -31.36 -30.70 -38.58
CA VAL G 65 -32.78 -30.78 -38.87
C VAL G 65 -33.56 -30.87 -37.57
N GLU G 66 -34.86 -30.58 -37.65
CA GLU G 66 -35.68 -30.28 -36.49
C GLU G 66 -36.52 -31.49 -36.07
N MET G 67 -36.57 -31.75 -34.76
CA MET G 67 -37.38 -32.80 -34.17
C MET G 67 -37.95 -32.30 -32.84
N LYS G 68 -38.72 -33.17 -32.20
CA LYS G 68 -39.18 -32.94 -30.83
C LYS G 68 -38.89 -34.19 -29.98
N VAL G 69 -39.24 -34.10 -28.71
CA VAL G 69 -38.87 -35.13 -27.74
C VAL G 69 -40.03 -36.10 -27.55
N GLU G 70 -39.75 -37.39 -27.68
CA GLU G 70 -40.72 -38.42 -27.33
C GLU G 70 -40.09 -39.67 -26.73
N LYS G 71 -38.80 -39.67 -26.39
CA LYS G 71 -38.08 -40.92 -26.17
C LYS G 71 -37.28 -40.86 -24.86
N MET G 72 -37.98 -40.58 -23.76
CA MET G 72 -37.36 -40.57 -22.45
C MET G 72 -37.60 -41.85 -21.66
N ASP G 73 -37.65 -43.01 -22.32
CA ASP G 73 -37.98 -44.26 -21.63
C ASP G 73 -37.01 -45.41 -21.88
N LYS G 74 -36.47 -45.56 -23.09
CA LYS G 74 -35.59 -46.67 -23.42
C LYS G 74 -34.81 -46.35 -24.69
N VAL G 75 -33.56 -46.80 -24.75
CA VAL G 75 -32.56 -46.35 -25.73
C VAL G 75 -31.68 -47.55 -26.09
N VAL G 76 -31.31 -47.66 -27.39
CA VAL G 76 -30.50 -48.77 -27.87
C VAL G 76 -29.08 -48.74 -27.30
N VAL G 77 -28.42 -49.90 -27.34
CA VAL G 77 -27.04 -50.08 -26.92
C VAL G 77 -26.55 -51.39 -27.53
N SER G 78 -25.23 -51.52 -27.68
CA SER G 78 -24.61 -52.74 -28.22
C SER G 78 -23.52 -53.24 -27.27
N VAL G 79 -23.43 -54.57 -27.11
CA VAL G 79 -22.41 -55.15 -26.24
C VAL G 79 -21.07 -55.22 -26.95
N GLY G 80 -20.98 -56.02 -28.01
CA GLY G 80 -19.72 -56.06 -28.73
C GLY G 80 -19.80 -55.76 -30.22
N GLN G 81 -19.34 -54.56 -30.57
CA GLN G 81 -18.63 -54.27 -31.82
C GLN G 81 -19.48 -54.29 -33.10
N ASN G 82 -20.71 -54.81 -33.08
CA ASN G 82 -21.45 -54.93 -34.33
C ASN G 82 -22.81 -54.23 -34.36
N ILE G 83 -23.76 -54.64 -33.53
CA ILE G 83 -25.19 -54.38 -33.76
C ILE G 83 -25.85 -54.12 -32.41
N SER G 84 -26.73 -53.11 -32.35
CA SER G 84 -27.37 -52.73 -31.12
C SER G 84 -28.75 -53.38 -30.96
N ALA G 85 -29.32 -53.17 -29.77
CA ALA G 85 -30.70 -53.52 -29.44
C ALA G 85 -31.11 -52.63 -28.27
N GLU G 86 -32.42 -52.50 -28.05
CA GLU G 86 -32.94 -51.44 -27.19
C GLU G 86 -33.35 -52.00 -25.83
N LEU G 87 -32.82 -51.38 -24.77
CA LEU G 87 -33.27 -51.63 -23.40
C LEU G 87 -33.52 -50.32 -22.68
N GLU G 88 -33.83 -50.39 -21.38
CA GLU G 88 -34.11 -49.23 -20.54
C GLU G 88 -32.94 -48.26 -20.53
N TYR G 89 -33.25 -46.95 -20.54
CA TYR G 89 -32.26 -45.93 -20.81
C TYR G 89 -31.23 -45.81 -19.69
N GLU G 90 -31.67 -45.87 -18.43
CA GLU G 90 -30.78 -45.48 -17.35
C GLU G 90 -29.95 -46.65 -16.87
N GLU G 91 -30.50 -47.86 -16.91
CA GLU G 91 -29.71 -49.05 -16.60
C GLU G 91 -28.63 -49.27 -17.66
N ALA G 92 -28.97 -49.03 -18.93
CA ALA G 92 -27.97 -49.07 -19.98
C ALA G 92 -26.99 -47.92 -19.86
N LEU G 93 -27.42 -46.78 -19.30
CA LEU G 93 -26.51 -45.68 -19.05
C LEU G 93 -25.49 -46.05 -17.98
N LYS G 94 -25.96 -46.73 -16.94
CA LYS G 94 -25.07 -47.33 -15.95
C LYS G 94 -24.13 -48.35 -16.58
N TYR G 95 -24.63 -49.14 -17.54
CA TYR G 95 -23.79 -50.11 -18.24
C TYR G 95 -22.70 -49.42 -19.06
N ILE G 96 -23.04 -48.29 -19.67
CA ILE G 96 -22.05 -47.48 -20.39
C ILE G 96 -21.01 -46.94 -19.42
N GLU G 97 -21.45 -46.46 -18.26
CA GLU G 97 -20.53 -45.95 -17.24
C GLU G 97 -19.63 -47.05 -16.70
N ASP G 98 -20.16 -48.26 -16.59
CA ASP G 98 -19.35 -49.39 -16.18
C ASP G 98 -18.34 -49.79 -17.25
N GLU G 99 -18.73 -49.67 -18.52
CA GLU G 99 -17.77 -49.86 -19.61
C GLU G 99 -16.68 -48.81 -19.59
N ILE G 100 -17.03 -47.58 -19.21
CA ILE G 100 -16.05 -46.52 -19.02
C ILE G 100 -15.07 -46.90 -17.91
N LYS G 101 -15.58 -47.43 -16.81
CA LYS G 101 -14.72 -47.86 -15.71
C LYS G 101 -13.83 -49.04 -16.11
N LYS G 102 -14.35 -49.93 -16.95
CA LYS G 102 -13.53 -51.05 -17.43
C LYS G 102 -12.46 -50.56 -18.40
N LEU G 103 -12.76 -49.53 -19.18
CA LEU G 103 -11.73 -48.91 -20.01
C LEU G 103 -10.69 -48.20 -19.17
N LEU G 104 -11.09 -47.63 -18.03
CA LEU G 104 -10.13 -47.07 -17.09
C LEU G 104 -9.24 -48.16 -16.51
N THR G 105 -9.82 -49.31 -16.21
CA THR G 105 -9.05 -50.47 -15.74
C THR G 105 -8.04 -50.92 -16.79
N PHE G 106 -8.49 -51.00 -18.04
CA PHE G 106 -7.63 -51.35 -19.16
C PHE G 106 -6.51 -50.32 -19.35
N ARG G 107 -6.84 -49.04 -19.15
CA ARG G 107 -5.84 -47.98 -19.20
C ARG G 107 -4.80 -48.13 -18.11
N LEU G 108 -5.22 -48.53 -16.92
CA LEU G 108 -4.26 -48.78 -15.84
C LEU G 108 -3.39 -49.99 -16.13
N VAL G 109 -3.95 -51.00 -16.80
CA VAL G 109 -3.16 -52.15 -17.26
C VAL G 109 -2.11 -51.70 -18.28
N LEU G 110 -2.50 -50.78 -19.17
CA LEU G 110 -1.55 -50.24 -20.15
C LEU G 110 -0.47 -49.40 -19.47
N GLU G 111 -0.83 -48.68 -18.41
CA GLU G 111 0.16 -47.91 -17.66
C GLU G 111 1.15 -48.82 -16.96
N GLN G 112 0.66 -49.92 -16.39
CA GLN G 112 1.52 -50.97 -15.85
C GLN G 112 2.44 -51.55 -16.93
N ALA G 113 1.92 -51.72 -18.14
CA ALA G 113 2.73 -52.23 -19.24
C ALA G 113 3.83 -51.25 -19.63
N ILE G 114 3.53 -49.94 -19.59
CA ILE G 114 4.53 -48.93 -19.88
C ILE G 114 5.61 -48.92 -18.80
N ALA G 115 5.20 -49.06 -17.53
CA ALA G 115 6.16 -49.18 -16.44
C ALA G 115 7.03 -50.42 -16.58
N GLU G 116 6.45 -51.51 -17.08
CA GLU G 116 7.21 -52.73 -17.35
C GLU G 116 8.19 -52.53 -18.50
N LEU G 117 7.81 -51.73 -19.50
CA LEU G 117 8.71 -51.45 -20.62
C LEU G 117 9.91 -50.63 -20.14
N TYR G 118 9.67 -49.62 -19.31
CA TYR G 118 10.81 -48.87 -18.77
C TYR G 118 11.62 -49.72 -17.80
N ALA G 119 10.97 -50.67 -17.12
CA ALA G 119 11.70 -51.62 -16.29
C ALA G 119 12.62 -52.50 -17.12
N LYS G 120 12.15 -52.91 -18.30
CA LYS G 120 12.99 -53.71 -19.21
C LYS G 120 14.14 -52.88 -19.76
N ILE G 121 13.88 -51.58 -20.03
CA ILE G 121 14.94 -50.64 -20.38
C ILE G 121 16.01 -50.60 -19.30
N GLU G 122 15.58 -50.45 -18.05
CA GLU G 122 16.49 -50.41 -16.91
C GLU G 122 17.22 -51.73 -16.72
N ASP G 123 16.57 -52.85 -17.06
CA ASP G 123 17.22 -54.15 -16.98
C ASP G 123 18.34 -54.28 -18.01
N LEU G 124 18.06 -53.88 -19.25
CA LEU G 124 19.07 -53.86 -20.29
C LEU G 124 20.22 -52.93 -19.97
N ILE G 125 19.93 -51.80 -19.31
CA ILE G 125 21.00 -50.94 -18.82
C ILE G 125 21.80 -51.60 -17.70
N ALA G 126 21.13 -52.27 -16.77
CA ALA G 126 21.77 -52.96 -15.67
C ALA G 126 22.54 -54.21 -16.10
N GLU G 127 22.36 -54.67 -17.34
CA GLU G 127 23.18 -55.76 -17.86
C GLU G 127 24.64 -55.36 -17.95
N ALA G 128 24.92 -54.09 -18.21
CA ALA G 128 26.28 -53.59 -18.21
C ALA G 128 26.54 -52.79 -16.94
CA ILE H 8 -21.07 -17.42 22.06
C ILE H 8 -20.92 -16.90 20.64
N ASN H 9 -21.98 -16.24 20.15
CA ASN H 9 -21.99 -15.66 18.81
C ASN H 9 -20.89 -14.62 18.61
N GLU H 10 -20.73 -13.73 19.60
CA GLU H 10 -19.79 -12.63 19.50
C GLU H 10 -18.35 -13.14 19.48
N ALA H 11 -18.05 -14.17 20.28
CA ALA H 11 -16.71 -14.74 20.29
C ALA H 11 -16.38 -15.43 18.97
N VAL H 12 -17.37 -16.09 18.35
CA VAL H 12 -17.16 -16.73 17.06
C VAL H 12 -16.93 -15.67 15.98
N ARG H 13 -17.67 -14.57 16.04
CA ARG H 13 -17.48 -13.51 15.04
C ARG H 13 -16.14 -12.80 15.24
N ALA H 14 -15.71 -12.65 16.50
CA ALA H 14 -14.36 -12.15 16.77
C ALA H 14 -13.30 -13.09 16.23
N TYR H 15 -13.52 -14.39 16.37
CA TYR H 15 -12.61 -15.40 15.79
C TYR H 15 -12.53 -15.29 14.29
N ILE H 16 -13.67 -15.10 13.62
CA ILE H 16 -13.70 -14.97 12.16
C ILE H 16 -12.96 -13.71 11.73
N ALA H 17 -13.17 -12.61 12.47
CA ALA H 17 -12.47 -11.36 12.18
C ALA H 17 -10.97 -11.50 12.37
N GLN H 18 -10.54 -12.23 13.41
CA GLN H 18 -9.12 -12.45 13.63
C GLN H 18 -8.52 -13.34 12.54
N ILE H 19 -9.26 -14.36 12.10
CA ILE H 19 -8.79 -15.23 11.04
C ILE H 19 -8.65 -14.47 9.72
N GLU H 20 -9.60 -13.56 9.44
CA GLU H 20 -9.50 -12.76 8.22
C GLU H 20 -8.38 -11.75 8.30
N GLY H 21 -8.13 -11.19 9.50
CA GLY H 21 -7.00 -10.30 9.66
C GLY H 21 -5.67 -11.01 9.48
N LEU H 22 -5.56 -12.23 10.01
CA LEU H 22 -4.37 -13.04 9.78
C LEU H 22 -4.23 -13.42 8.32
N ARG H 23 -5.34 -13.66 7.63
CA ARG H 23 -5.30 -13.98 6.21
C ARG H 23 -4.79 -12.81 5.39
N ALA H 24 -5.27 -11.61 5.71
CA ALA H 24 -4.77 -10.40 5.04
C ALA H 24 -3.32 -10.14 5.37
N GLU H 25 -2.90 -10.47 6.59
CA GLU H 25 -1.49 -10.35 6.95
C GLU H 25 -0.64 -11.33 6.16
N ILE H 26 -1.15 -12.55 5.95
CA ILE H 26 -0.46 -13.55 5.12
C ILE H 26 -0.35 -13.07 3.68
N GLY H 27 -1.41 -12.44 3.17
CA GLY H 27 -1.38 -11.90 1.82
C GLY H 27 -0.38 -10.78 1.66
N ARG H 28 -0.35 -9.84 2.60
CA ARG H 28 0.64 -8.76 2.57
C ARG H 28 2.05 -9.30 2.75
N LEU H 29 2.20 -10.33 3.57
CA LEU H 29 3.50 -10.94 3.81
C LEU H 29 4.04 -11.61 2.55
N ASP H 30 3.19 -12.39 1.88
CA ASP H 30 3.63 -13.06 0.66
C ASP H 30 3.83 -12.07 -0.48
N ALA H 31 3.08 -10.96 -0.47
CA ALA H 31 3.34 -9.89 -1.43
C ALA H 31 4.70 -9.25 -1.18
N THR H 32 5.06 -9.07 0.09
CA THR H 32 6.39 -8.57 0.43
C THR H 32 7.47 -9.56 0.01
N ILE H 33 7.22 -10.84 0.19
CA ILE H 33 8.16 -11.89 -0.23
C ILE H 33 8.35 -11.87 -1.74
N ALA H 34 7.25 -11.73 -2.48
CA ALA H 34 7.32 -11.64 -3.94
C ALA H 34 8.05 -10.38 -4.39
N THR H 35 7.87 -9.28 -3.65
CA THR H 35 8.57 -8.05 -3.96
C THR H 35 10.08 -8.19 -3.73
N LEU H 36 10.44 -8.87 -2.64
CA LEU H 36 11.85 -9.16 -2.38
C LEU H 36 12.44 -10.08 -3.43
N ARG H 37 11.67 -11.03 -3.93
CA ARG H 37 12.18 -11.89 -4.99
C ARG H 37 12.28 -11.16 -6.32
N GLN H 38 11.40 -10.20 -6.56
CA GLN H 38 11.53 -9.34 -7.74
C GLN H 38 12.79 -8.50 -7.66
N SER H 39 13.07 -7.94 -6.48
CA SER H 39 14.31 -7.19 -6.29
C SER H 39 15.53 -8.10 -6.36
N LEU H 40 15.37 -9.36 -5.93
CA LEU H 40 16.40 -10.38 -6.03
C LEU H 40 16.79 -10.62 -7.48
N ALA H 41 15.78 -10.89 -8.31
CA ALA H 41 16.00 -11.07 -9.74
C ALA H 41 16.51 -9.79 -10.41
N THR H 42 16.11 -8.63 -9.88
CA THR H 42 16.59 -7.36 -10.42
C THR H 42 18.08 -7.18 -10.15
N LEU H 43 18.53 -7.53 -8.94
CA LEU H 43 19.96 -7.46 -8.64
C LEU H 43 20.75 -8.47 -9.45
N LYS H 44 20.19 -9.67 -9.65
CA LYS H 44 20.84 -10.65 -10.51
C LYS H 44 20.91 -10.16 -11.95
N SER H 45 19.89 -9.44 -12.40
CA SER H 45 19.88 -8.90 -13.75
C SER H 45 20.85 -7.75 -13.90
N LEU H 46 21.04 -6.98 -12.83
CA LEU H 46 22.14 -6.02 -12.78
C LEU H 46 23.48 -6.71 -12.92
N LYS H 47 23.62 -7.88 -12.27
CA LYS H 47 24.84 -8.65 -12.41
C LYS H 47 25.01 -9.26 -13.80
N THR H 48 23.92 -9.43 -14.55
CA THR H 48 24.06 -9.90 -15.93
C THR H 48 24.67 -8.82 -16.82
N LEU H 49 24.40 -7.56 -16.51
CA LEU H 49 24.90 -6.47 -17.32
C LEU H 49 26.36 -6.19 -17.02
N GLY H 50 26.92 -5.25 -17.76
CA GLY H 50 28.29 -4.79 -17.53
C GLY H 50 28.32 -3.33 -17.14
N GLU H 51 29.49 -2.87 -16.72
CA GLU H 51 29.70 -1.49 -16.33
C GLU H 51 29.65 -0.56 -17.55
N GLY H 52 29.47 0.72 -17.28
CA GLY H 52 29.36 1.71 -18.33
C GLY H 52 28.13 1.60 -19.18
N LYS H 53 27.08 0.95 -18.69
CA LYS H 53 25.92 0.64 -19.51
C LYS H 53 24.79 1.62 -19.26
N THR H 54 24.30 2.24 -20.32
CA THR H 54 23.22 3.23 -20.22
C THR H 54 21.88 2.51 -20.05
N VAL H 55 21.18 2.81 -18.94
CA VAL H 55 19.93 2.15 -18.56
C VAL H 55 18.99 3.21 -17.98
N LEU H 56 17.72 3.16 -18.37
CA LEU H 56 16.69 4.02 -17.80
C LEU H 56 16.20 3.50 -16.44
N VAL H 57 16.20 4.38 -15.44
CA VAL H 57 15.83 4.03 -14.07
C VAL H 57 14.82 5.03 -13.50
N PRO H 58 13.87 4.60 -12.67
CA PRO H 58 12.79 5.49 -12.24
C PRO H 58 13.23 6.54 -11.25
N VAL H 59 12.28 7.44 -10.94
CA VAL H 59 12.49 8.55 -10.03
C VAL H 59 11.54 8.31 -8.87
N GLY H 60 11.33 7.04 -8.51
CA GLY H 60 10.29 6.79 -7.53
C GLY H 60 8.99 6.61 -8.28
N SER H 61 8.26 7.71 -8.45
CA SER H 61 7.05 7.72 -9.27
C SER H 61 7.40 7.56 -10.75
N ILE H 62 6.37 7.70 -11.59
CA ILE H 62 6.33 7.01 -12.88
C ILE H 62 7.23 7.63 -13.93
N ALA H 63 7.97 8.68 -13.61
CA ALA H 63 9.00 9.18 -14.53
C ALA H 63 10.27 8.36 -14.35
N GLN H 64 11.11 8.32 -15.38
CA GLN H 64 12.39 7.64 -15.28
C GLN H 64 13.54 8.52 -15.76
N VAL H 65 14.71 8.31 -15.14
CA VAL H 65 15.94 8.96 -15.57
C VAL H 65 16.91 7.91 -16.06
N GLU H 66 18.06 8.37 -16.53
CA GLU H 66 19.03 7.52 -17.21
C GLU H 66 20.28 7.33 -16.36
N MET H 67 20.69 6.07 -16.19
CA MET H 67 21.84 5.74 -15.38
C MET H 67 23.00 5.27 -16.25
N LYS H 68 24.16 5.15 -15.63
CA LYS H 68 25.24 4.31 -16.13
C LYS H 68 25.73 3.42 -15.00
N VAL H 69 26.39 2.31 -15.37
CA VAL H 69 26.74 1.25 -14.42
C VAL H 69 28.22 1.34 -14.11
N GLU H 70 28.57 1.35 -12.83
CA GLU H 70 29.97 1.32 -12.45
C GLU H 70 30.26 0.50 -11.20
N LYS H 71 29.25 -0.12 -10.57
CA LYS H 71 29.37 -0.54 -9.18
C LYS H 71 28.88 -1.97 -9.00
N MET H 72 29.39 -2.88 -9.83
CA MET H 72 28.99 -4.28 -9.69
C MET H 72 29.75 -5.03 -8.59
N ASP H 73 30.45 -4.32 -7.71
CA ASP H 73 31.24 -5.01 -6.70
C ASP H 73 30.39 -5.49 -5.52
N LYS H 74 29.74 -4.56 -4.82
CA LYS H 74 28.96 -4.86 -3.62
C LYS H 74 28.11 -3.64 -3.29
N VAL H 75 26.92 -3.89 -2.76
CA VAL H 75 25.82 -2.93 -2.78
C VAL H 75 25.43 -2.61 -1.33
N VAL H 76 25.09 -1.35 -1.08
CA VAL H 76 24.59 -0.95 0.23
C VAL H 76 23.20 -1.54 0.46
N VAL H 77 22.85 -1.68 1.73
CA VAL H 77 21.54 -2.20 2.13
C VAL H 77 21.32 -1.78 3.59
N SER H 78 20.07 -1.74 4.01
CA SER H 78 19.76 -1.47 5.40
C SER H 78 19.89 -2.73 6.24
N VAL H 79 20.47 -2.57 7.42
CA VAL H 79 20.27 -3.56 8.48
C VAL H 79 18.79 -3.60 8.87
N GLY H 80 18.27 -2.48 9.36
CA GLY H 80 16.84 -2.36 9.56
C GLY H 80 16.34 -0.93 9.63
N GLN H 81 15.38 -0.60 8.75
CA GLN H 81 14.45 0.53 8.82
C GLN H 81 15.08 1.89 8.60
N ASN H 82 16.39 2.03 8.78
CA ASN H 82 17.02 3.34 8.67
C ASN H 82 18.43 3.32 8.12
N ILE H 83 18.95 2.18 7.71
CA ILE H 83 20.39 1.95 7.69
C ILE H 83 20.87 1.95 6.25
N SER H 84 22.18 2.16 6.07
CA SER H 84 22.86 1.84 4.82
C SER H 84 24.12 1.08 5.23
N ALA H 85 24.43 0.01 4.51
CA ALA H 85 25.55 -0.84 4.84
C ALA H 85 26.01 -1.58 3.59
N GLU H 86 27.20 -1.23 3.10
CA GLU H 86 27.72 -1.84 1.88
C GLU H 86 28.22 -3.23 2.23
N LEU H 87 27.43 -4.23 1.86
CA LEU H 87 27.76 -5.62 2.06
C LEU H 87 27.93 -6.30 0.70
N GLU H 88 28.57 -7.46 0.72
CA GLU H 88 28.67 -8.30 -0.46
C GLU H 88 27.28 -8.73 -0.90
N TYR H 89 27.04 -8.56 -2.21
CA TYR H 89 25.70 -8.76 -2.76
C TYR H 89 25.24 -10.20 -2.62
N GLU H 90 26.17 -11.15 -2.71
CA GLU H 90 25.84 -12.54 -2.46
C GLU H 90 25.47 -12.77 -1.00
N GLU H 91 26.27 -12.26 -0.07
CA GLU H 91 26.04 -12.50 1.35
C GLU H 91 24.79 -11.78 1.85
N ALA H 92 24.65 -10.50 1.48
CA ALA H 92 23.44 -9.77 1.84
C ALA H 92 22.22 -10.31 1.09
N LEU H 93 22.43 -10.89 -0.08
CA LEU H 93 21.34 -11.48 -0.85
C LEU H 93 20.82 -12.72 -0.14
N LYS H 94 21.74 -13.58 0.31
CA LYS H 94 21.38 -14.71 1.15
C LYS H 94 20.77 -14.28 2.47
N TYR H 95 21.19 -13.13 3.00
CA TYR H 95 20.59 -12.59 4.21
C TYR H 95 19.13 -12.19 3.98
N ILE H 96 18.86 -11.59 2.82
CA ILE H 96 17.47 -11.29 2.43
C ILE H 96 16.67 -12.57 2.29
N GLU H 97 17.28 -13.59 1.68
CA GLU H 97 16.64 -14.91 1.58
C GLU H 97 16.33 -15.51 2.94
N ASP H 98 17.24 -15.36 3.91
CA ASP H 98 17.02 -15.88 5.25
C ASP H 98 15.93 -15.10 5.96
N GLU H 99 15.84 -13.79 5.70
CA GLU H 99 14.72 -13.00 6.20
C GLU H 99 13.40 -13.50 5.64
N ILE H 100 13.38 -13.85 4.35
CA ILE H 100 12.20 -14.42 3.71
C ILE H 100 11.85 -15.76 4.36
N LYS H 101 12.86 -16.56 4.71
CA LYS H 101 12.63 -17.81 5.41
C LYS H 101 12.03 -17.60 6.79
N LYS H 102 12.49 -16.57 7.50
CA LYS H 102 11.92 -16.25 8.80
C LYS H 102 10.49 -15.74 8.66
N LEU H 103 10.20 -15.02 7.57
CA LEU H 103 8.82 -14.60 7.31
C LEU H 103 7.93 -15.79 7.01
N LEU H 104 8.45 -16.80 6.31
CA LEU H 104 7.69 -18.02 6.07
C LEU H 104 7.44 -18.78 7.36
N THR H 105 8.43 -18.77 8.27
CA THR H 105 8.26 -19.38 9.58
C THR H 105 7.19 -18.66 10.38
N PHE H 106 7.20 -17.33 10.34
CA PHE H 106 6.17 -16.52 10.97
C PHE H 106 4.81 -16.77 10.35
N ARG H 107 4.77 -17.00 9.04
CA ARG H 107 3.53 -17.37 8.36
C ARG H 107 3.00 -18.71 8.85
N LEU H 108 3.91 -19.66 9.09
CA LEU H 108 3.50 -20.94 9.65
C LEU H 108 2.97 -20.78 11.06
N VAL H 109 3.55 -19.86 11.84
CA VAL H 109 3.06 -19.55 13.17
C VAL H 109 1.65 -18.96 13.09
N LEU H 110 1.42 -18.07 12.12
CA LEU H 110 0.08 -17.51 11.94
C LEU H 110 -0.92 -18.56 11.48
N GLU H 111 -0.47 -19.52 10.69
CA GLU H 111 -1.33 -20.63 10.29
C GLU H 111 -1.70 -21.50 11.47
N GLN H 112 -0.73 -21.73 12.37
CA GLN H 112 -1.01 -22.40 13.63
C GLN H 112 -2.01 -21.62 14.46
N ALA H 113 -1.93 -20.29 14.45
CA ALA H 113 -2.88 -19.47 15.18
C ALA H 113 -4.29 -19.55 14.59
N ILE H 114 -4.39 -19.64 13.26
CA ILE H 114 -5.68 -19.85 12.61
C ILE H 114 -6.24 -21.21 13.00
N ALA H 115 -5.38 -22.23 13.07
CA ALA H 115 -5.81 -23.55 13.56
C ALA H 115 -6.24 -23.49 15.02
N GLU H 116 -5.59 -22.64 15.82
CA GLU H 116 -5.98 -22.44 17.21
C GLU H 116 -7.38 -21.83 17.32
N LEU H 117 -7.65 -20.81 16.51
CA LEU H 117 -8.96 -20.16 16.54
C LEU H 117 -10.05 -21.10 16.04
N TYR H 118 -9.73 -21.90 15.01
CA TYR H 118 -10.65 -22.93 14.54
C TYR H 118 -10.90 -23.98 15.63
N ALA H 119 -9.87 -24.32 16.40
CA ALA H 119 -10.04 -25.26 17.50
C ALA H 119 -10.88 -24.65 18.61
N LYS H 120 -10.78 -23.34 18.81
CA LYS H 120 -11.63 -22.65 19.77
C LYS H 120 -13.09 -22.70 19.35
N ILE H 121 -13.34 -22.50 18.06
CA ILE H 121 -14.68 -22.65 17.51
C ILE H 121 -15.19 -24.06 17.70
N GLU H 122 -14.33 -25.06 17.44
CA GLU H 122 -14.66 -26.46 17.69
C GLU H 122 -14.97 -26.73 19.16
N ASP H 123 -14.26 -26.07 20.07
CA ASP H 123 -14.53 -26.23 21.50
C ASP H 123 -15.87 -25.63 21.89
N LEU H 124 -16.18 -24.46 21.34
CA LEU H 124 -17.47 -23.82 21.61
C LEU H 124 -18.63 -24.66 21.06
N ILE H 125 -18.40 -25.35 19.95
CA ILE H 125 -19.36 -26.35 19.50
C ILE H 125 -19.42 -27.52 20.48
N ALA H 126 -18.26 -27.96 20.97
CA ALA H 126 -18.16 -29.08 21.91
C ALA H 126 -18.65 -28.75 23.31
N GLU H 127 -19.09 -27.53 23.57
CA GLU H 127 -19.66 -27.17 24.88
C GLU H 127 -21.11 -27.59 25.06
N ALA H 128 -21.62 -28.50 24.24
CA ALA H 128 -22.97 -29.01 24.40
C ALA H 128 -23.06 -29.95 25.60
N ILE I 8 -30.53 16.45 17.96
CA ILE I 8 -31.33 15.64 17.04
C ILE I 8 -30.40 15.22 15.90
N ASN I 9 -30.33 16.04 14.85
CA ASN I 9 -29.31 15.84 13.82
C ASN I 9 -27.92 16.15 14.37
N GLU I 10 -27.85 17.14 15.27
CA GLU I 10 -26.59 17.65 15.76
C GLU I 10 -25.86 16.64 16.62
N ALA I 11 -26.58 15.95 17.51
CA ALA I 11 -25.95 14.96 18.37
C ALA I 11 -25.49 13.74 17.58
N VAL I 12 -26.22 13.37 16.54
CA VAL I 12 -25.82 12.26 15.69
C VAL I 12 -24.57 12.64 14.90
N ARG I 13 -24.52 13.88 14.40
CA ARG I 13 -23.31 14.34 13.70
C ARG I 13 -22.12 14.44 14.64
N ALA I 14 -22.35 14.83 15.89
CA ALA I 14 -21.30 14.83 16.90
C ALA I 14 -20.78 13.42 17.15
N TYR I 15 -21.70 12.45 17.25
CA TYR I 15 -21.31 11.06 17.40
C TYR I 15 -20.51 10.55 16.20
N ILE I 16 -20.89 10.98 14.99
CA ILE I 16 -20.16 10.60 13.79
C ILE I 16 -18.74 11.17 13.82
N ALA I 17 -18.60 12.43 14.22
CA ALA I 17 -17.27 13.03 14.35
C ALA I 17 -16.44 12.35 15.43
N GLN I 18 -17.09 11.91 16.52
CA GLN I 18 -16.41 11.14 17.55
C GLN I 18 -15.92 9.80 17.01
N ILE I 19 -16.77 9.10 16.24
CA ILE I 19 -16.38 7.82 15.64
C ILE I 19 -15.23 8.01 14.66
N GLU I 20 -15.24 9.12 13.92
CA GLU I 20 -14.15 9.40 12.98
C GLU I 20 -12.84 9.69 13.71
N GLY I 21 -12.91 10.45 14.81
CA GLY I 21 -11.72 10.69 15.61
C GLY I 21 -11.18 9.43 16.24
N LEU I 22 -12.08 8.55 16.70
CA LEU I 22 -11.68 7.24 17.22
C LEU I 22 -11.01 6.40 16.15
N ARG I 23 -11.58 6.39 14.93
CA ARG I 23 -11.00 5.64 13.83
C ARG I 23 -9.61 6.16 13.46
N ALA I 24 -9.45 7.48 13.43
CA ALA I 24 -8.15 8.07 13.14
C ALA I 24 -7.13 7.75 14.23
N GLU I 25 -7.56 7.74 15.50
CA GLU I 25 -6.65 7.42 16.58
C GLU I 25 -6.28 5.93 16.58
N ILE I 26 -7.22 5.07 16.17
CA ILE I 26 -6.94 3.66 15.98
C ILE I 26 -5.92 3.46 14.87
N GLY I 27 -6.07 4.20 13.78
CA GLY I 27 -5.10 4.10 12.69
C GLY I 27 -3.71 4.59 13.09
N ARG I 28 -3.66 5.69 13.85
CA ARG I 28 -2.39 6.18 14.36
C ARG I 28 -1.76 5.18 15.34
N LEU I 29 -2.59 4.56 16.17
CA LEU I 29 -2.11 3.57 17.13
C LEU I 29 -1.56 2.34 16.43
N ASP I 30 -2.24 1.91 15.36
CA ASP I 30 -1.77 0.76 14.62
C ASP I 30 -0.49 1.08 13.84
N ALA I 31 -0.37 2.32 13.37
CA ALA I 31 0.88 2.75 12.76
C ALA I 31 2.02 2.77 13.78
N THR I 32 1.71 3.15 15.03
CA THR I 32 2.70 3.13 16.10
C THR I 32 3.13 1.70 16.42
N ILE I 33 2.16 0.77 16.45
CA ILE I 33 2.46 -0.64 16.67
C ILE I 33 3.31 -1.20 15.55
N ALA I 34 3.01 -0.80 14.31
CA ALA I 34 3.82 -1.22 13.17
C ALA I 34 5.23 -0.65 13.25
N THR I 35 5.36 0.57 13.76
CA THR I 35 6.68 1.16 13.98
C THR I 35 7.46 0.39 15.03
N LEU I 36 6.76 -0.03 16.10
CA LEU I 36 7.37 -0.87 17.12
C LEU I 36 7.82 -2.21 16.56
N ARG I 37 7.04 -2.78 15.63
CA ARG I 37 7.45 -4.03 15.01
C ARG I 37 8.60 -3.83 14.04
N GLN I 38 8.67 -2.65 13.42
CA GLN I 38 9.85 -2.31 12.62
C GLN I 38 11.09 -2.23 13.49
N SER I 39 10.94 -1.65 14.68
CA SER I 39 12.06 -1.60 15.62
C SER I 39 12.43 -2.98 16.15
N LEU I 40 11.42 -3.83 16.36
CA LEU I 40 11.60 -5.25 16.66
C LEU I 40 12.49 -5.92 15.62
N ALA I 41 12.10 -5.84 14.35
CA ALA I 41 12.88 -6.39 13.25
C ALA I 41 14.25 -5.75 13.14
N THR I 42 14.36 -4.46 13.46
CA THR I 42 15.63 -3.76 13.39
C THR I 42 16.60 -4.29 14.45
N LEU I 43 16.11 -4.51 15.67
CA LEU I 43 16.97 -5.03 16.74
C LEU I 43 17.36 -6.47 16.46
N LYS I 44 16.43 -7.26 15.92
CA LYS I 44 16.77 -8.61 15.47
C LYS I 44 17.84 -8.58 14.39
N SER I 45 17.73 -7.63 13.47
CA SER I 45 18.68 -7.52 12.36
C SER I 45 20.05 -7.06 12.87
N LEU I 46 20.07 -6.20 13.88
CA LEU I 46 21.32 -5.84 14.53
C LEU I 46 21.96 -7.03 15.21
N LYS I 47 21.16 -7.85 15.88
CA LYS I 47 21.70 -9.04 16.52
C LYS I 47 22.16 -10.08 15.52
N THR I 48 21.64 -10.07 14.29
CA THR I 48 22.22 -10.93 13.26
C THR I 48 23.59 -10.41 12.84
N LEU I 49 23.77 -9.09 12.81
CA LEU I 49 25.04 -8.51 12.41
C LEU I 49 26.08 -8.67 13.50
N GLY I 50 27.35 -8.68 13.09
CA GLY I 50 28.46 -8.81 14.00
C GLY I 50 29.14 -7.48 14.28
N GLU I 51 30.10 -7.50 15.20
CA GLU I 51 30.78 -6.30 15.64
C GLU I 51 31.71 -5.76 14.55
N GLY I 52 31.99 -4.47 14.65
CA GLY I 52 32.99 -3.82 13.82
C GLY I 52 32.59 -3.54 12.39
N LYS I 53 31.41 -3.95 11.96
CA LYS I 53 31.02 -3.79 10.57
C LYS I 53 30.55 -2.36 10.33
N THR I 54 31.01 -1.78 9.22
CA THR I 54 30.70 -0.40 8.84
C THR I 54 29.21 -0.23 8.58
N VAL I 55 28.60 0.76 9.23
CA VAL I 55 27.15 0.95 9.26
C VAL I 55 26.85 2.44 9.15
N LEU I 56 25.96 2.82 8.22
CA LEU I 56 25.45 4.18 8.15
C LEU I 56 24.13 4.29 8.91
N VAL I 57 24.03 5.30 9.77
CA VAL I 57 22.83 5.54 10.58
C VAL I 57 22.37 6.99 10.42
N PRO I 58 21.06 7.25 10.37
CA PRO I 58 20.59 8.59 10.05
C PRO I 58 20.80 9.57 11.18
N VAL I 59 20.70 10.85 10.81
CA VAL I 59 20.97 11.95 11.74
C VAL I 59 19.63 12.68 11.88
N GLY I 60 18.54 11.92 11.90
CA GLY I 60 17.25 12.57 11.83
C GLY I 60 16.86 12.69 10.38
N SER I 61 17.22 13.81 9.77
CA SER I 61 17.06 14.00 8.34
C SER I 61 18.00 13.09 7.55
N ILE I 62 18.02 13.26 6.23
CA ILE I 62 18.46 12.22 5.31
C ILE I 62 19.98 12.07 5.27
N ALA I 63 20.71 12.87 6.05
CA ALA I 63 22.13 12.61 6.26
C ALA I 63 22.31 11.31 7.05
N GLN I 64 23.28 10.49 6.67
CA GLN I 64 23.64 9.31 7.44
C GLN I 64 25.13 9.27 7.70
N VAL I 65 25.50 9.13 8.97
CA VAL I 65 26.89 9.08 9.38
C VAL I 65 27.27 7.63 9.68
N GLU I 66 28.57 7.39 9.68
CA GLU I 66 29.12 6.05 9.62
C GLU I 66 29.60 5.55 10.99
N MET I 67 29.25 4.30 11.31
CA MET I 67 29.64 3.68 12.56
C MET I 67 30.03 2.22 12.34
N LYS I 68 30.79 1.70 13.30
CA LYS I 68 30.99 0.26 13.46
C LYS I 68 30.16 -0.23 14.64
N VAL I 69 30.12 -1.55 14.81
CA VAL I 69 29.29 -2.19 15.81
C VAL I 69 30.16 -2.67 16.96
N GLU I 70 29.75 -2.37 18.20
CA GLU I 70 30.50 -2.83 19.36
C GLU I 70 29.63 -3.20 20.56
N LYS I 71 28.30 -3.21 20.44
CA LYS I 71 27.44 -3.21 21.62
C LYS I 71 26.34 -4.25 21.47
N MET I 72 26.72 -5.49 21.18
CA MET I 72 25.73 -6.54 21.06
C MET I 72 25.31 -7.15 22.39
N ASP I 73 25.78 -6.62 23.53
CA ASP I 73 25.50 -7.28 24.80
C ASP I 73 24.05 -7.10 25.25
N LYS I 74 23.63 -5.85 25.52
CA LYS I 74 22.24 -5.49 25.81
C LYS I 74 22.16 -3.96 25.78
N VAL I 75 20.97 -3.46 25.50
CA VAL I 75 20.75 -2.13 24.94
C VAL I 75 19.89 -1.32 25.91
N VAL I 76 20.21 -0.03 26.05
CA VAL I 76 19.38 0.87 26.84
C VAL I 76 18.05 1.10 26.13
N VAL I 77 17.02 1.44 26.90
CA VAL I 77 15.69 1.70 26.35
C VAL I 77 14.94 2.55 27.35
N SER I 78 14.00 3.35 26.87
CA SER I 78 13.18 4.17 27.75
C SER I 78 12.12 3.33 28.43
N VAL I 79 12.01 3.51 29.76
CA VAL I 79 10.81 3.11 30.46
C VAL I 79 9.62 3.94 29.96
N GLY I 80 9.78 5.26 29.96
CA GLY I 80 8.83 6.13 29.31
C GLY I 80 9.31 7.57 29.21
N GLN I 81 9.33 8.09 27.99
CA GLN I 81 9.34 9.52 27.63
C GLN I 81 10.66 10.25 27.94
N ASN I 82 11.48 9.71 28.83
CA ASN I 82 12.67 10.43 29.27
C ASN I 82 13.85 9.53 29.58
N ILE I 83 13.76 8.22 29.38
CA ILE I 83 14.59 7.26 30.09
C ILE I 83 15.53 6.60 29.09
N SER I 84 16.62 6.02 29.60
CA SER I 84 17.39 4.99 28.89
C SER I 84 18.07 4.15 29.98
N ALA I 85 17.55 2.96 30.22
CA ALA I 85 18.12 2.04 31.18
C ALA I 85 18.55 0.78 30.47
N GLU I 86 19.78 0.34 30.72
CA GLU I 86 20.36 -0.79 30.00
C GLU I 86 19.70 -2.06 30.54
N LEU I 87 18.70 -2.54 29.81
CA LEU I 87 18.07 -3.80 30.13
C LEU I 87 18.45 -4.82 29.07
N GLU I 88 18.12 -6.08 29.33
CA GLU I 88 18.30 -7.12 28.34
C GLU I 88 17.38 -6.89 27.16
N TYR I 89 17.97 -6.96 25.97
CA TYR I 89 17.23 -6.71 24.72
C TYR I 89 16.11 -7.71 24.53
N GLU I 90 16.33 -8.96 24.96
CA GLU I 90 15.26 -9.93 25.08
C GLU I 90 14.16 -9.44 26.02
N GLU I 91 14.54 -9.05 27.23
CA GLU I 91 13.58 -8.66 28.25
C GLU I 91 12.87 -7.36 27.88
N ALA I 92 13.64 -6.36 27.44
CA ALA I 92 13.04 -5.10 27.02
C ALA I 92 12.21 -5.26 25.75
N LEU I 93 12.59 -6.21 24.89
CA LEU I 93 11.83 -6.44 23.68
C LEU I 93 10.50 -7.13 23.99
N LYS I 94 10.52 -8.05 24.96
CA LYS I 94 9.30 -8.60 25.53
C LYS I 94 8.44 -7.51 26.14
N TYR I 95 9.06 -6.53 26.79
CA TYR I 95 8.30 -5.41 27.35
C TYR I 95 7.68 -4.56 26.25
N ILE I 96 8.37 -4.41 25.12
CA ILE I 96 7.81 -3.73 23.95
C ILE I 96 6.59 -4.49 23.43
N GLU I 97 6.69 -5.81 23.36
CA GLU I 97 5.55 -6.63 22.95
C GLU I 97 4.40 -6.53 23.94
N ASP I 98 4.71 -6.41 25.23
CA ASP I 98 3.69 -6.19 26.25
C ASP I 98 2.99 -4.85 26.05
N GLU I 99 3.76 -3.82 25.71
CA GLU I 99 3.18 -2.52 25.36
C GLU I 99 2.27 -2.62 24.15
N ILE I 100 2.68 -3.41 23.15
CA ILE I 100 1.86 -3.66 21.97
C ILE I 100 0.54 -4.32 22.35
N LYS I 101 0.60 -5.29 23.27
CA LYS I 101 -0.62 -5.97 23.72
C LYS I 101 -1.52 -5.02 24.51
N LYS I 102 -0.92 -4.13 25.30
CA LYS I 102 -1.69 -3.10 26.00
C LYS I 102 -2.39 -2.18 25.01
N LEU I 103 -1.71 -1.81 23.93
CA LEU I 103 -2.33 -0.95 22.93
C LEU I 103 -3.40 -1.70 22.15
N LEU I 104 -3.25 -3.01 21.99
CA LEU I 104 -4.30 -3.82 21.39
C LEU I 104 -5.55 -3.84 22.26
N THR I 105 -5.35 -3.98 23.58
CA THR I 105 -6.45 -3.91 24.53
C THR I 105 -7.13 -2.55 24.48
N PHE I 106 -6.33 -1.49 24.41
CA PHE I 106 -6.84 -0.13 24.26
C PHE I 106 -7.62 0.04 22.97
N ARG I 107 -7.16 -0.58 21.89
CA ARG I 107 -7.87 -0.56 20.62
C ARG I 107 -9.21 -1.28 20.72
N LEU I 108 -9.25 -2.38 21.46
CA LEU I 108 -10.51 -3.07 21.70
C LEU I 108 -11.48 -2.22 22.51
N VAL I 109 -10.96 -1.47 23.48
CA VAL I 109 -11.79 -0.55 24.26
C VAL I 109 -12.34 0.56 23.36
N LEU I 110 -11.52 1.04 22.43
CA LEU I 110 -12.00 2.06 21.49
C LEU I 110 -13.04 1.50 20.54
N GLU I 111 -12.89 0.25 20.14
CA GLU I 111 -13.89 -0.41 19.29
C GLU I 111 -15.20 -0.57 20.05
N GLN I 112 -15.11 -0.89 21.35
CA GLN I 112 -16.30 -0.92 22.20
C GLN I 112 -16.96 0.45 22.28
N ALA I 113 -16.14 1.51 22.33
CA ALA I 113 -16.69 2.87 22.33
C ALA I 113 -17.39 3.20 21.02
N ILE I 114 -16.85 2.72 19.90
CA ILE I 114 -17.51 2.87 18.60
C ILE I 114 -18.85 2.16 18.59
N ALA I 115 -18.89 0.94 19.14
CA ALA I 115 -20.15 0.20 19.23
C ALA I 115 -21.15 0.90 20.14
N GLU I 116 -20.66 1.52 21.22
CA GLU I 116 -21.54 2.27 22.11
C GLU I 116 -22.12 3.50 21.43
N LEU I 117 -21.31 4.20 20.65
CA LEU I 117 -21.81 5.37 19.92
C LEU I 117 -22.82 4.96 18.86
N TYR I 118 -22.58 3.86 18.15
CA TYR I 118 -23.57 3.35 17.21
C TYR I 118 -24.84 2.91 17.94
N ALA I 119 -24.70 2.38 19.14
CA ALA I 119 -25.86 1.98 19.93
C ALA I 119 -26.66 3.21 20.36
N LYS I 120 -25.99 4.31 20.68
CA LYS I 120 -26.69 5.55 21.04
C LYS I 120 -27.44 6.13 19.85
N ILE I 121 -26.82 6.07 18.66
CA ILE I 121 -27.49 6.51 17.44
C ILE I 121 -28.70 5.62 17.15
N GLU I 122 -28.55 4.31 17.34
CA GLU I 122 -29.65 3.36 17.23
C GLU I 122 -30.78 3.66 18.19
N ASP I 123 -30.43 4.05 19.43
CA ASP I 123 -31.44 4.41 20.42
C ASP I 123 -32.20 5.66 20.01
N LEU I 124 -31.47 6.68 19.52
CA LEU I 124 -32.11 7.90 19.04
C LEU I 124 -33.03 7.63 17.86
N ILE I 125 -32.66 6.68 17.01
CA ILE I 125 -33.57 6.23 15.96
C ILE I 125 -34.77 5.52 16.56
N ALA I 126 -34.55 4.71 17.59
CA ALA I 126 -35.61 3.94 18.23
C ALA I 126 -36.51 4.78 19.14
N GLU I 127 -36.24 6.08 19.30
CA GLU I 127 -37.07 6.92 20.16
C GLU I 127 -38.43 7.31 19.55
N ALA I 128 -38.90 6.72 18.45
CA ALA I 128 -40.20 7.08 17.89
C ALA I 128 -41.35 6.56 18.76
N ILE J 8 2.79 -36.66 12.93
CA ILE J 8 2.70 -37.97 12.29
C ILE J 8 2.14 -37.84 10.89
N ASN J 9 0.92 -37.31 10.79
CA ASN J 9 0.27 -37.17 9.49
C ASN J 9 0.17 -35.71 9.09
N GLU J 10 0.43 -34.82 10.04
CA GLU J 10 0.54 -33.38 9.76
C GLU J 10 1.64 -33.10 8.76
N ALA J 11 2.82 -33.72 8.95
CA ALA J 11 3.92 -33.56 8.02
C ALA J 11 3.61 -34.18 6.67
N VAL J 12 2.78 -35.23 6.66
CA VAL J 12 2.36 -35.85 5.40
C VAL J 12 1.48 -34.90 4.61
N ARG J 13 0.49 -34.30 5.27
CA ARG J 13 -0.37 -33.33 4.60
C ARG J 13 0.40 -32.07 4.23
N ALA J 14 1.43 -31.73 5.03
CA ALA J 14 2.31 -30.63 4.68
C ALA J 14 3.10 -30.92 3.41
N TYR J 15 3.60 -32.16 3.27
CA TYR J 15 4.25 -32.61 2.04
C TYR J 15 3.32 -32.51 0.85
N ILE J 16 2.07 -32.93 1.01
CA ILE J 16 1.09 -32.88 -0.06
C ILE J 16 0.82 -31.44 -0.47
N ALA J 17 0.64 -30.55 0.52
CA ALA J 17 0.39 -29.14 0.25
C ALA J 17 1.58 -28.46 -0.41
N GLN J 18 2.80 -28.85 -0.03
CA GLN J 18 3.99 -28.31 -0.67
C GLN J 18 4.10 -28.78 -2.12
N ILE J 19 3.79 -30.05 -2.39
CA ILE J 19 3.81 -30.55 -3.76
C ILE J 19 2.77 -29.83 -4.61
N GLU J 20 1.59 -29.57 -4.04
CA GLU J 20 0.56 -28.84 -4.76
C GLU J 20 0.97 -27.39 -5.01
N GLY J 21 1.61 -26.74 -4.03
CA GLY J 21 2.07 -25.38 -4.21
C GLY J 21 3.16 -25.27 -5.25
N LEU J 22 4.08 -26.25 -5.26
CA LEU J 22 5.11 -26.27 -6.29
C LEU J 22 4.53 -26.56 -7.66
N ARG J 23 3.48 -27.39 -7.73
CA ARG J 23 2.82 -27.66 -9.00
C ARG J 23 2.15 -26.41 -9.55
N ALA J 24 1.46 -25.67 -8.67
CA ALA J 24 0.86 -24.40 -9.07
C ALA J 24 1.92 -23.38 -9.45
N GLU J 25 3.07 -23.43 -8.79
CA GLU J 25 4.19 -22.56 -9.15
C GLU J 25 4.73 -22.88 -10.54
N ILE J 26 4.85 -24.18 -10.85
CA ILE J 26 5.26 -24.61 -12.19
C ILE J 26 4.26 -24.17 -13.23
N GLY J 27 2.96 -24.24 -12.90
CA GLY J 27 1.93 -23.80 -13.82
C GLY J 27 1.99 -22.30 -14.09
N ARG J 28 2.13 -21.50 -13.02
CA ARG J 28 2.26 -20.06 -13.16
C ARG J 28 3.53 -19.69 -13.92
N LEU J 29 4.62 -20.42 -13.65
CA LEU J 29 5.89 -20.14 -14.29
C LEU J 29 5.85 -20.43 -15.79
N ASP J 30 5.27 -21.58 -16.16
CA ASP J 30 5.17 -21.92 -17.57
C ASP J 30 4.16 -21.02 -18.29
N ALA J 31 3.12 -20.56 -17.58
CA ALA J 31 2.21 -19.59 -18.16
C ALA J 31 2.92 -18.26 -18.41
N THR J 32 3.81 -17.87 -17.50
CA THR J 32 4.60 -16.66 -17.69
C THR J 32 5.55 -16.81 -18.86
N ILE J 33 6.17 -17.98 -19.00
CA ILE J 33 7.09 -18.25 -20.11
C ILE J 33 6.34 -18.22 -21.43
N ALA J 34 5.13 -18.80 -21.45
CA ALA J 34 4.31 -18.79 -22.65
C ALA J 34 3.85 -17.38 -22.99
N THR J 35 3.59 -16.55 -21.98
CA THR J 35 3.24 -15.15 -22.20
C THR J 35 4.41 -14.39 -22.81
N LEU J 36 5.61 -14.65 -22.30
CA LEU J 36 6.83 -14.08 -22.87
C LEU J 36 7.00 -14.49 -24.32
N ARG J 37 6.74 -15.75 -24.63
CA ARG J 37 6.87 -16.23 -26.01
C ARG J 37 5.81 -15.62 -26.91
N GLN J 38 4.59 -15.40 -26.40
CA GLN J 38 3.55 -14.77 -27.19
C GLN J 38 3.90 -13.32 -27.51
N SER J 39 4.35 -12.57 -26.50
CA SER J 39 4.79 -11.20 -26.75
C SER J 39 6.04 -11.15 -27.61
N LEU J 40 6.87 -12.18 -27.53
CA LEU J 40 8.11 -12.23 -28.31
C LEU J 40 7.81 -12.48 -29.79
N ALA J 41 6.92 -13.42 -30.07
CA ALA J 41 6.42 -13.63 -31.42
C ALA J 41 5.64 -12.44 -31.92
N THR J 42 4.96 -11.72 -31.03
CA THR J 42 4.30 -10.47 -31.41
C THR J 42 5.33 -9.43 -31.86
N LEU J 43 6.45 -9.34 -31.15
CA LEU J 43 7.52 -8.43 -31.55
C LEU J 43 8.13 -8.83 -32.88
N LYS J 44 8.34 -10.13 -33.09
CA LYS J 44 8.87 -10.58 -34.37
C LYS J 44 7.87 -10.35 -35.49
N SER J 45 6.57 -10.44 -35.19
CA SER J 45 5.55 -10.14 -36.18
C SER J 45 5.51 -8.65 -36.51
N LEU J 46 5.82 -7.81 -35.52
CA LEU J 46 6.03 -6.39 -35.79
C LEU J 46 7.24 -6.18 -36.67
N LYS J 47 8.31 -6.94 -36.44
CA LYS J 47 9.49 -6.86 -37.28
C LYS J 47 9.24 -7.35 -38.71
N THR J 48 8.26 -8.22 -38.90
CA THR J 48 7.87 -8.57 -40.27
C THR J 48 7.17 -7.41 -40.95
N LEU J 49 6.42 -6.62 -40.19
CA LEU J 49 5.72 -5.48 -40.75
C LEU J 49 6.67 -4.32 -40.98
N GLY J 50 6.28 -3.42 -41.87
CA GLY J 50 7.03 -2.21 -42.13
C GLY J 50 6.52 -1.03 -41.35
N GLU J 51 7.23 0.08 -41.45
CA GLU J 51 6.90 1.30 -40.73
C GLU J 51 5.65 1.97 -41.30
N GLY J 52 5.05 2.82 -40.48
CA GLY J 52 3.94 3.64 -40.92
C GLY J 52 2.62 2.92 -41.06
N LYS J 53 2.54 1.67 -40.63
CA LYS J 53 1.31 0.91 -40.80
C LYS J 53 0.37 1.14 -39.61
N THR J 54 -0.88 1.45 -39.92
CA THR J 54 -1.90 1.74 -38.91
C THR J 54 -2.28 0.45 -38.17
N VAL J 55 -2.30 0.52 -36.84
CA VAL J 55 -2.40 -0.64 -35.95
C VAL J 55 -3.17 -0.25 -34.69
N LEU J 56 -4.18 -1.05 -34.32
CA LEU J 56 -4.87 -0.88 -33.05
C LEU J 56 -4.18 -1.67 -31.93
N VAL J 57 -3.97 -1.01 -30.79
CA VAL J 57 -3.30 -1.60 -29.64
C VAL J 57 -4.05 -1.24 -28.35
N PRO J 58 -4.11 -2.13 -27.36
CA PRO J 58 -5.03 -1.92 -26.24
C PRO J 58 -4.55 -0.90 -25.23
N VAL J 59 -5.45 -0.60 -24.30
CA VAL J 59 -5.22 0.44 -23.29
C VAL J 59 -5.23 -0.27 -21.94
N GLY J 60 -4.69 -1.48 -21.88
CA GLY J 60 -4.90 -2.23 -20.66
C GLY J 60 -6.19 -3.00 -20.83
N SER J 61 -7.29 -2.39 -20.40
CA SER J 61 -8.63 -2.89 -20.70
C SER J 61 -8.87 -2.92 -22.20
N ILE J 62 -9.98 -3.53 -22.60
CA ILE J 62 -10.07 -4.18 -23.90
C ILE J 62 -10.48 -3.18 -24.98
N ALA J 63 -10.49 -1.89 -24.65
CA ALA J 63 -10.53 -0.86 -25.67
C ALA J 63 -9.17 -0.80 -26.34
N GLN J 64 -9.11 -0.48 -27.62
CA GLN J 64 -7.83 -0.39 -28.32
C GLN J 64 -7.70 0.93 -29.07
N VAL J 65 -6.57 1.59 -28.87
CA VAL J 65 -6.26 2.83 -29.56
C VAL J 65 -5.38 2.53 -30.77
N GLU J 66 -5.39 3.46 -31.72
CA GLU J 66 -4.75 3.28 -33.01
C GLU J 66 -3.36 3.88 -33.03
N MET J 67 -2.39 3.08 -33.49
CA MET J 67 -1.00 3.49 -33.54
C MET J 67 -0.45 3.31 -34.96
N LYS J 68 0.77 3.78 -35.16
CA LYS J 68 1.54 3.48 -36.36
C LYS J 68 2.96 3.07 -35.97
N VAL J 69 3.69 2.53 -36.95
CA VAL J 69 4.96 1.86 -36.69
C VAL J 69 6.12 2.75 -37.10
N GLU J 70 7.03 3.01 -36.16
CA GLU J 70 8.30 3.64 -36.49
C GLU J 70 9.47 3.14 -35.64
N LYS J 71 9.36 1.99 -34.96
CA LYS J 71 10.27 1.57 -33.90
C LYS J 71 10.84 0.19 -34.23
N MET J 72 11.49 0.07 -35.38
CA MET J 72 12.12 -1.19 -35.72
C MET J 72 13.64 -1.18 -35.52
N ASP J 73 14.15 -0.34 -34.62
CA ASP J 73 15.61 -0.29 -34.46
C ASP J 73 16.08 -1.00 -33.18
N LYS J 74 15.58 -0.57 -32.01
CA LYS J 74 15.97 -1.11 -30.72
C LYS J 74 14.97 -0.66 -29.66
N VAL J 75 14.58 -1.58 -28.78
CA VAL J 75 13.38 -1.46 -27.97
C VAL J 75 13.79 -1.59 -26.50
N VAL J 76 12.97 -1.02 -25.59
CA VAL J 76 13.30 -1.03 -24.17
C VAL J 76 13.04 -2.40 -23.56
N VAL J 77 13.68 -2.65 -22.42
CA VAL J 77 13.54 -3.90 -21.67
C VAL J 77 14.00 -3.63 -20.24
N SER J 78 13.42 -4.35 -19.29
CA SER J 78 13.74 -4.14 -17.88
C SER J 78 15.01 -4.86 -17.50
N VAL J 79 15.78 -4.24 -16.61
CA VAL J 79 16.55 -5.01 -15.65
C VAL J 79 15.61 -5.78 -14.75
N GLY J 80 14.74 -5.07 -14.03
CA GLY J 80 13.72 -5.70 -13.24
C GLY J 80 12.86 -4.73 -12.46
N GLN J 81 11.54 -4.93 -12.54
CA GLN J 81 10.51 -4.43 -11.63
C GLN J 81 10.25 -2.93 -11.73
N ASN J 82 11.19 -2.18 -12.32
CA ASN J 82 11.06 -0.73 -12.43
C ASN J 82 11.64 -0.15 -13.70
N ILE J 83 12.14 -0.98 -14.61
CA ILE J 83 13.14 -0.57 -15.57
C ILE J 83 12.58 -0.75 -16.97
N SER J 84 13.06 0.07 -17.91
CA SER J 84 12.88 -0.17 -19.35
C SER J 84 14.06 0.50 -20.05
N ALA J 85 15.06 -0.29 -20.42
CA ALA J 85 16.28 0.22 -21.03
C ALA J 85 16.34 -0.17 -22.50
N GLU J 86 16.52 0.83 -23.36
CA GLU J 86 16.45 0.68 -24.82
C GLU J 86 17.66 -0.13 -25.29
N LEU J 87 17.43 -1.39 -25.63
CA LEU J 87 18.48 -2.28 -26.09
C LEU J 87 18.12 -2.90 -27.43
N GLU J 88 19.10 -3.59 -28.02
CA GLU J 88 18.89 -4.33 -29.25
C GLU J 88 17.89 -5.47 -29.05
N TYR J 89 16.90 -5.52 -29.94
CA TYR J 89 15.84 -6.51 -29.88
C TYR J 89 16.37 -7.93 -30.04
N GLU J 90 17.45 -8.09 -30.80
CA GLU J 90 18.14 -9.37 -30.88
C GLU J 90 18.76 -9.76 -29.55
N GLU J 91 19.49 -8.84 -28.92
CA GLU J 91 20.17 -9.16 -27.68
C GLU J 91 19.17 -9.28 -26.53
N ALA J 92 18.11 -8.47 -26.57
CA ALA J 92 17.05 -8.60 -25.58
C ALA J 92 16.26 -9.89 -25.76
N LEU J 93 16.02 -10.27 -27.03
CA LEU J 93 15.48 -11.59 -27.36
C LEU J 93 16.28 -12.72 -26.73
N LYS J 94 17.60 -12.71 -26.94
CA LYS J 94 18.46 -13.75 -26.40
C LYS J 94 18.51 -13.69 -24.87
N TYR J 95 18.41 -12.49 -24.30
CA TYR J 95 18.36 -12.32 -22.86
C TYR J 95 17.09 -12.92 -22.26
N ILE J 96 15.95 -12.68 -22.91
CA ILE J 96 14.68 -13.28 -22.49
C ILE J 96 14.74 -14.80 -22.58
N GLU J 97 15.35 -15.30 -23.66
CA GLU J 97 15.55 -16.75 -23.81
C GLU J 97 16.42 -17.32 -22.70
N ASP J 98 17.47 -16.61 -22.31
CA ASP J 98 18.33 -17.05 -21.22
C ASP J 98 17.58 -17.06 -19.89
N GLU J 99 16.73 -16.06 -19.67
CA GLU J 99 15.92 -16.05 -18.47
C GLU J 99 14.91 -17.20 -18.46
N ILE J 100 14.38 -17.54 -19.63
CA ILE J 100 13.50 -18.71 -19.76
C ILE J 100 14.24 -19.98 -19.41
N LYS J 101 15.51 -20.08 -19.83
CA LYS J 101 16.33 -21.23 -19.47
C LYS J 101 16.61 -21.28 -17.98
N LYS J 102 16.77 -20.11 -17.35
CA LYS J 102 16.91 -20.04 -15.90
C LYS J 102 15.65 -20.53 -15.21
N LEU J 103 14.49 -20.19 -15.75
CA LEU J 103 13.23 -20.64 -15.16
C LEU J 103 13.05 -22.15 -15.36
N LEU J 104 13.55 -22.69 -16.48
CA LEU J 104 13.53 -24.13 -16.68
C LEU J 104 14.43 -24.84 -15.68
N THR J 105 15.60 -24.27 -15.42
CA THR J 105 16.51 -24.81 -14.40
C THR J 105 15.86 -24.79 -13.02
N PHE J 106 15.19 -23.68 -12.70
CA PHE J 106 14.47 -23.57 -11.44
C PHE J 106 13.33 -24.57 -11.35
N ARG J 107 12.65 -24.83 -12.48
CA ARG J 107 11.62 -25.86 -12.54
C ARG J 107 12.19 -27.24 -12.26
N LEU J 108 13.37 -27.53 -12.79
CA LEU J 108 14.06 -28.78 -12.49
C LEU J 108 14.38 -28.90 -11.01
N VAL J 109 14.80 -27.79 -10.40
CA VAL J 109 15.09 -27.77 -8.96
C VAL J 109 13.83 -28.03 -8.16
N LEU J 110 12.70 -27.45 -8.58
CA LEU J 110 11.43 -27.68 -7.90
C LEU J 110 10.97 -29.13 -8.01
N GLU J 111 11.21 -29.74 -9.18
CA GLU J 111 10.85 -31.14 -9.35
C GLU J 111 11.74 -32.04 -8.52
N GLN J 112 13.02 -31.68 -8.38
CA GLN J 112 13.90 -32.35 -7.43
C GLN J 112 13.39 -32.23 -6.01
N ALA J 113 12.86 -31.05 -5.65
CA ALA J 113 12.29 -30.87 -4.31
C ALA J 113 11.06 -31.73 -4.09
N ILE J 114 10.22 -31.91 -5.11
CA ILE J 114 9.08 -32.81 -5.02
C ILE J 114 9.55 -34.25 -4.83
N ALA J 115 10.61 -34.63 -5.55
CA ALA J 115 11.21 -35.96 -5.36
C ALA J 115 11.77 -36.12 -3.95
N GLU J 116 12.32 -35.05 -3.37
CA GLU J 116 12.80 -35.09 -1.99
C GLU J 116 11.66 -35.24 -1.01
N LEU J 117 10.51 -34.61 -1.29
CA LEU J 117 9.35 -34.77 -0.43
C LEU J 117 8.82 -36.20 -0.47
N TYR J 118 8.80 -36.80 -1.65
CA TYR J 118 8.38 -38.20 -1.71
C TYR J 118 9.44 -39.12 -1.10
N ALA J 119 10.70 -38.70 -1.10
CA ALA J 119 11.73 -39.45 -0.39
C ALA J 119 11.52 -39.37 1.12
N LYS J 120 11.05 -38.24 1.61
CA LYS J 120 10.70 -38.13 3.03
C LYS J 120 9.50 -39.00 3.36
N ILE J 121 8.55 -39.11 2.43
CA ILE J 121 7.44 -40.05 2.56
C ILE J 121 7.97 -41.48 2.64
N GLU J 122 8.94 -41.81 1.78
CA GLU J 122 9.61 -43.11 1.83
C GLU J 122 10.33 -43.34 3.15
N ASP J 123 10.88 -42.27 3.73
CA ASP J 123 11.51 -42.37 5.04
C ASP J 123 10.48 -42.73 6.10
N LEU J 124 9.32 -42.07 6.06
CA LEU J 124 8.23 -42.38 6.99
C LEU J 124 7.73 -43.81 6.80
N ILE J 125 7.75 -44.30 5.56
CA ILE J 125 7.47 -45.71 5.29
C ILE J 125 8.51 -46.61 5.95
N ALA J 126 9.79 -46.30 5.77
CA ALA J 126 10.89 -47.11 6.28
C ALA J 126 11.04 -47.04 7.80
N GLU J 127 10.38 -46.10 8.46
CA GLU J 127 10.41 -46.04 9.92
C GLU J 127 9.77 -47.25 10.60
N ALA J 128 8.89 -47.98 9.90
CA ALA J 128 8.27 -49.16 10.46
C ALA J 128 9.27 -50.31 10.57
N ILE K 8 -16.06 47.46 10.42
CA ILE K 8 -17.06 46.69 9.69
C ILE K 8 -16.41 45.44 9.10
N ASN K 9 -15.57 45.64 8.09
CA ASN K 9 -14.88 44.52 7.46
C ASN K 9 -13.62 44.15 8.23
N GLU K 10 -13.00 45.16 8.85
CA GLU K 10 -11.94 44.91 9.81
C GLU K 10 -12.48 44.15 11.02
N ALA K 11 -13.76 44.35 11.36
CA ALA K 11 -14.39 43.53 12.38
C ALA K 11 -14.55 42.08 11.93
N VAL K 12 -14.79 41.86 10.64
CA VAL K 12 -14.85 40.51 10.10
C VAL K 12 -13.48 39.86 10.18
N ARG K 13 -12.43 40.61 9.86
CA ARG K 13 -11.06 40.10 10.00
C ARG K 13 -10.71 39.87 11.48
N ALA K 14 -11.29 40.68 12.37
CA ALA K 14 -11.10 40.45 13.80
C ALA K 14 -11.76 39.16 14.24
N TYR K 15 -12.95 38.87 13.72
CA TYR K 15 -13.59 37.57 13.95
C TYR K 15 -12.74 36.42 13.42
N ILE K 16 -12.11 36.62 12.25
CA ILE K 16 -11.20 35.63 11.69
C ILE K 16 -10.03 35.38 12.64
N ALA K 17 -9.43 36.46 13.13
CA ALA K 17 -8.30 36.34 14.06
C ALA K 17 -8.71 35.71 15.38
N GLN K 18 -9.94 35.97 15.83
CA GLN K 18 -10.47 35.30 17.03
C GLN K 18 -10.59 33.80 16.82
N ILE K 19 -11.14 33.39 15.68
CA ILE K 19 -11.27 31.96 15.37
C ILE K 19 -9.90 31.31 15.23
N GLU K 20 -8.93 32.04 14.67
CA GLU K 20 -7.56 31.53 14.56
C GLU K 20 -6.91 31.36 15.93
N GLY K 21 -7.09 32.35 16.81
CA GLY K 21 -6.53 32.23 18.16
C GLY K 21 -7.19 31.14 18.97
N LEU K 22 -8.49 30.93 18.77
CA LEU K 22 -9.17 29.82 19.41
C LEU K 22 -8.69 28.48 18.87
N ARG K 23 -8.40 28.40 17.57
CA ARG K 23 -7.85 27.17 16.99
C ARG K 23 -6.45 26.90 17.53
N ALA K 24 -5.65 27.96 17.71
CA ALA K 24 -4.33 27.80 18.33
C ALA K 24 -4.45 27.37 19.79
N GLU K 25 -5.46 27.87 20.50
CA GLU K 25 -5.73 27.42 21.85
C GLU K 25 -6.14 25.96 21.88
N ILE K 26 -6.94 25.53 20.89
CA ILE K 26 -7.30 24.12 20.75
C ILE K 26 -6.07 23.27 20.53
N GLY K 27 -5.15 23.72 19.69
CA GLY K 27 -3.93 22.97 19.44
C GLY K 27 -3.03 22.87 20.67
N ARG K 28 -2.86 23.98 21.37
CA ARG K 28 -2.07 23.98 22.60
C ARG K 28 -2.70 23.11 23.67
N LEU K 29 -4.03 23.16 23.79
CA LEU K 29 -4.74 22.39 24.79
C LEU K 29 -4.67 20.90 24.49
N ASP K 30 -4.84 20.53 23.22
CA ASP K 30 -4.73 19.13 22.83
C ASP K 30 -3.32 18.61 23.00
N ALA K 31 -2.32 19.45 22.73
CA ALA K 31 -0.93 19.06 23.00
C ALA K 31 -0.69 18.87 24.48
N THR K 32 -1.32 19.71 25.32
CA THR K 32 -1.20 19.57 26.76
C THR K 32 -1.84 18.28 27.25
N ILE K 33 -3.03 17.96 26.72
CA ILE K 33 -3.74 16.74 27.08
C ILE K 33 -2.93 15.51 26.67
N ALA K 34 -2.37 15.53 25.45
CA ALA K 34 -1.54 14.43 24.98
C ALA K 34 -0.27 14.29 25.81
N THR K 35 0.30 15.42 26.24
CA THR K 35 1.49 15.39 27.08
C THR K 35 1.19 14.78 28.45
N LEU K 36 0.03 15.14 29.02
CA LEU K 36 -0.39 14.57 30.29
C LEU K 36 -0.67 13.08 30.16
N ARG K 37 -1.22 12.65 29.02
CA ARG K 37 -1.43 11.22 28.80
C ARG K 37 -0.12 10.48 28.64
N GLN K 38 0.86 11.09 27.98
CA GLN K 38 2.18 10.48 27.84
C GLN K 38 2.86 10.35 29.20
N SER K 39 2.76 11.39 30.02
CA SER K 39 3.33 11.32 31.36
C SER K 39 2.59 10.34 32.24
N LEU K 40 1.29 10.16 31.99
CA LEU K 40 0.50 9.22 32.78
C LEU K 40 0.86 7.78 32.42
N ALA K 41 1.03 7.50 31.12
CA ALA K 41 1.52 6.21 30.69
C ALA K 41 2.97 5.99 31.14
N THR K 42 3.74 7.07 31.26
CA THR K 42 5.09 6.98 31.82
C THR K 42 5.05 6.56 33.29
N LEU K 43 4.10 7.12 34.05
CA LEU K 43 3.89 6.69 35.43
C LEU K 43 3.48 5.24 35.51
N LYS K 44 2.61 4.81 34.58
CA LYS K 44 2.24 3.40 34.50
C LYS K 44 3.44 2.52 34.20
N SER K 45 4.32 2.98 33.30
CA SER K 45 5.52 2.24 32.95
C SER K 45 6.49 2.19 34.11
N LEU K 46 6.49 3.22 34.96
CA LEU K 46 7.23 3.15 36.21
C LEU K 46 6.64 2.10 37.13
N LYS K 47 5.32 2.03 37.20
CA LYS K 47 4.67 1.03 38.03
C LYS K 47 4.89 -0.39 37.51
N THR K 48 5.18 -0.56 36.21
CA THR K 48 5.58 -1.87 35.71
C THR K 48 6.93 -2.29 36.28
N LEU K 49 7.81 -1.34 36.52
CA LEU K 49 9.13 -1.64 37.05
C LEU K 49 9.04 -1.92 38.54
N GLY K 50 10.17 -2.37 39.10
CA GLY K 50 10.27 -2.59 40.53
C GLY K 50 11.32 -1.70 41.16
N GLU K 51 11.41 -1.79 42.49
CA GLU K 51 12.37 -0.98 43.24
C GLU K 51 13.79 -1.46 43.01
N GLY K 52 14.73 -0.54 43.25
CA GLY K 52 16.15 -0.85 43.18
C GLY K 52 16.77 -0.79 41.81
N LYS K 53 15.98 -0.88 40.76
CA LYS K 53 16.51 -0.95 39.40
C LYS K 53 17.03 0.41 38.95
N THR K 54 18.23 0.41 38.38
CA THR K 54 18.89 1.62 37.91
C THR K 54 18.13 2.22 36.72
N VAL K 55 17.98 3.54 36.72
CA VAL K 55 17.17 4.29 35.74
C VAL K 55 17.84 5.62 35.46
N LEU K 56 18.03 5.96 34.17
CA LEU K 56 18.47 7.30 33.80
C LEU K 56 17.28 8.25 33.68
N VAL K 57 17.42 9.43 34.27
CA VAL K 57 16.40 10.49 34.22
C VAL K 57 17.05 11.84 33.92
N PRO K 58 16.43 12.68 33.10
CA PRO K 58 17.05 13.94 32.71
C PRO K 58 16.98 15.03 33.76
N VAL K 59 17.72 16.10 33.49
CA VAL K 59 17.92 17.19 34.44
C VAL K 59 17.29 18.42 33.78
N GLY K 60 16.19 18.22 33.07
CA GLY K 60 15.71 19.31 32.25
C GLY K 60 16.34 19.15 30.88
N SER K 61 17.49 19.78 30.70
CA SER K 61 18.28 19.61 29.48
C SER K 61 18.81 18.18 29.38
N ILE K 62 19.53 17.90 28.29
CA ILE K 62 19.67 16.55 27.77
C ILE K 62 20.68 15.72 28.56
N ALA K 63 21.29 16.29 29.59
CA ALA K 63 22.02 15.48 30.55
C ALA K 63 21.04 14.60 31.33
N GLN K 64 21.33 13.32 31.45
CA GLN K 64 20.52 12.42 32.26
C GLN K 64 21.33 11.79 33.38
N VAL K 65 20.88 12.02 34.61
CA VAL K 65 21.47 11.42 35.78
C VAL K 65 20.82 10.07 36.03
N GLU K 66 21.52 9.24 36.80
CA GLU K 66 21.09 7.88 37.08
C GLU K 66 20.37 7.81 38.42
N MET K 67 19.20 7.19 38.42
CA MET K 67 18.42 7.00 39.64
C MET K 67 18.09 5.52 39.82
N LYS K 68 17.62 5.19 41.02
CA LYS K 68 16.99 3.91 41.27
C LYS K 68 15.60 4.15 41.85
N VAL K 69 14.78 3.10 41.80
CA VAL K 69 13.37 3.21 42.14
C VAL K 69 13.18 2.87 43.62
N GLU K 70 12.47 3.74 44.35
CA GLU K 70 11.93 3.37 45.65
C GLU K 70 10.57 4.01 45.91
N LYS K 71 9.83 4.39 44.87
CA LYS K 71 8.62 5.21 44.97
C LYS K 71 7.46 4.52 44.26
N MET K 72 7.20 3.27 44.63
CA MET K 72 6.01 2.60 44.13
C MET K 72 4.85 2.64 45.11
N ASP K 73 5.00 3.30 46.26
CA ASP K 73 3.93 3.28 47.25
C ASP K 73 2.80 4.24 46.88
N LYS K 74 3.09 5.55 46.85
CA LYS K 74 2.13 6.60 46.50
C LYS K 74 2.93 7.89 46.31
N VAL K 75 2.45 8.72 45.39
CA VAL K 75 3.29 9.67 44.68
C VAL K 75 2.82 11.10 44.98
N VAL K 76 3.78 12.00 45.20
CA VAL K 76 3.45 13.42 45.34
C VAL K 76 3.03 14.01 44.00
N VAL K 77 2.18 15.03 44.06
CA VAL K 77 1.75 15.77 42.88
C VAL K 77 1.23 17.11 43.35
N SER K 78 1.29 18.11 42.48
CA SER K 78 0.76 19.43 42.81
C SER K 78 -0.76 19.43 42.74
N VAL K 79 -1.35 20.38 43.45
CA VAL K 79 -2.66 20.89 43.04
C VAL K 79 -2.50 21.70 41.76
N GLY K 80 -1.60 22.68 41.77
CA GLY K 80 -1.26 23.42 40.58
C GLY K 80 -0.26 24.53 40.85
N GLN K 81 0.77 24.60 40.01
CA GLN K 81 1.66 25.73 39.80
C GLN K 81 2.62 26.02 40.96
N ASN K 82 2.31 25.55 42.17
CA ASN K 82 3.17 25.79 43.32
C ASN K 82 3.22 24.64 44.31
N ILE K 83 2.41 23.61 44.13
CA ILE K 83 1.92 22.80 45.25
C ILE K 83 2.60 21.44 45.20
N SER K 84 2.44 20.66 46.28
CA SER K 84 2.79 19.24 46.30
C SER K 84 1.90 18.59 47.36
N ALA K 85 1.56 17.32 47.14
CA ALA K 85 0.80 16.50 48.08
C ALA K 85 0.90 15.04 47.68
N GLU K 86 1.27 14.20 48.63
CA GLU K 86 1.46 12.77 48.39
C GLU K 86 0.08 12.12 48.33
N LEU K 87 -0.27 11.62 47.15
CA LEU K 87 -1.53 10.92 46.98
C LEU K 87 -1.29 9.56 46.35
N GLU K 88 -2.34 8.74 46.36
CA GLU K 88 -2.33 7.46 45.67
C GLU K 88 -2.20 7.67 44.16
N TYR K 89 -1.30 6.88 43.57
CA TYR K 89 -1.05 6.94 42.13
C TYR K 89 -2.30 6.59 41.33
N GLU K 90 -3.14 5.70 41.86
CA GLU K 90 -4.44 5.47 41.26
C GLU K 90 -5.36 6.68 41.43
N GLU K 91 -5.32 7.29 42.61
CA GLU K 91 -6.12 8.49 42.86
C GLU K 91 -5.60 9.66 42.03
N ALA K 92 -4.28 9.75 41.88
CA ALA K 92 -3.70 10.78 41.03
C ALA K 92 -4.02 10.52 39.55
N LEU K 93 -4.02 9.25 39.15
CA LEU K 93 -4.50 8.85 37.82
C LEU K 93 -5.91 9.34 37.57
N LYS K 94 -6.81 9.12 38.55
CA LYS K 94 -8.18 9.60 38.47
C LYS K 94 -8.23 11.13 38.37
N TYR K 95 -7.43 11.82 39.17
CA TYR K 95 -7.38 13.28 39.15
C TYR K 95 -6.92 13.83 37.81
N ILE K 96 -5.88 13.21 37.23
CA ILE K 96 -5.38 13.60 35.92
C ILE K 96 -6.44 13.39 34.85
N GLU K 97 -7.09 12.22 34.86
CA GLU K 97 -8.15 11.92 33.91
C GLU K 97 -9.33 12.89 34.04
N ASP K 98 -9.65 13.28 35.28
CA ASP K 98 -10.72 14.25 35.50
C ASP K 98 -10.39 15.61 34.93
N GLU K 99 -9.15 16.08 35.14
CA GLU K 99 -8.78 17.37 34.58
C GLU K 99 -8.66 17.32 33.06
N ILE K 100 -8.27 16.16 32.52
CA ILE K 100 -8.29 15.96 31.07
C ILE K 100 -9.71 16.10 30.52
N LYS K 101 -10.69 15.49 31.21
CA LYS K 101 -12.07 15.60 30.78
C LYS K 101 -12.60 17.03 30.92
N LYS K 102 -12.14 17.74 31.95
CA LYS K 102 -12.49 19.15 32.10
C LYS K 102 -11.95 19.98 30.94
N LEU K 103 -10.72 19.70 30.52
CA LEU K 103 -10.15 20.41 29.38
C LEU K 103 -10.84 20.04 28.08
N LEU K 104 -11.31 18.78 27.97
CA LEU K 104 -12.12 18.38 26.83
C LEU K 104 -13.43 19.16 26.77
N THR K 105 -14.09 19.32 27.91
CA THR K 105 -15.32 20.11 27.98
C THR K 105 -15.05 21.57 27.64
N PHE K 106 -13.93 22.10 28.12
CA PHE K 106 -13.52 23.46 27.78
C PHE K 106 -13.27 23.62 26.29
N ARG K 107 -12.65 22.62 25.67
CA ARG K 107 -12.42 22.62 24.23
C ARG K 107 -13.73 22.59 23.46
N LEU K 108 -14.71 21.84 23.98
CA LEU K 108 -16.05 21.84 23.38
C LEU K 108 -16.70 23.21 23.47
N VAL K 109 -16.53 23.90 24.60
CA VAL K 109 -17.04 25.27 24.76
C VAL K 109 -16.37 26.21 23.78
N LEU K 110 -15.05 26.03 23.56
CA LEU K 110 -14.32 26.82 22.58
C LEU K 110 -14.84 26.59 21.17
N GLU K 111 -15.14 25.34 20.83
CA GLU K 111 -15.67 25.04 19.49
C GLU K 111 -17.07 25.60 19.33
N GLN K 112 -17.87 25.58 20.40
CA GLN K 112 -19.15 26.27 20.40
C GLN K 112 -19.00 27.76 20.12
N ALA K 113 -18.00 28.39 20.75
CA ALA K 113 -17.74 29.80 20.52
C ALA K 113 -17.30 30.08 19.09
N ILE K 114 -16.54 29.16 18.49
CA ILE K 114 -16.13 29.28 17.09
C ILE K 114 -17.36 29.22 16.17
N ALA K 115 -18.26 28.28 16.45
CA ALA K 115 -19.50 28.18 15.67
C ALA K 115 -20.37 29.42 15.86
N GLU K 116 -20.36 30.00 17.07
CA GLU K 116 -21.08 31.23 17.32
C GLU K 116 -20.51 32.40 16.53
N LEU K 117 -19.18 32.49 16.45
CA LEU K 117 -18.56 33.54 15.65
C LEU K 117 -18.84 33.38 14.17
N TYR K 118 -18.84 32.14 13.67
CA TYR K 118 -19.21 31.91 12.28
C TYR K 118 -20.67 32.26 12.04
N ALA K 119 -21.53 31.99 13.01
CA ALA K 119 -22.94 32.36 12.89
C ALA K 119 -23.11 33.87 12.88
N LYS K 120 -22.27 34.58 13.65
CA LYS K 120 -22.30 36.04 13.63
C LYS K 120 -21.86 36.58 12.27
N ILE K 121 -20.82 35.98 11.69
CA ILE K 121 -20.38 36.36 10.35
C ILE K 121 -21.49 36.10 9.32
N GLU K 122 -22.18 34.96 9.46
CA GLU K 122 -23.29 34.64 8.57
C GLU K 122 -24.45 35.61 8.75
N ASP K 123 -24.68 36.08 9.98
CA ASP K 123 -25.71 37.09 10.22
C ASP K 123 -25.34 38.41 9.56
N LEU K 124 -24.06 38.79 9.66
CA LEU K 124 -23.56 39.98 8.97
C LEU K 124 -23.73 39.88 7.47
N ILE K 125 -23.56 38.68 6.90
CA ILE K 125 -23.87 38.46 5.50
C ILE K 125 -25.37 38.60 5.26
N ALA K 126 -26.19 38.08 6.19
CA ALA K 126 -27.64 38.14 6.06
C ALA K 126 -28.22 39.52 6.33
N GLU K 127 -27.40 40.51 6.71
CA GLU K 127 -27.88 41.86 6.96
C GLU K 127 -28.29 42.63 5.71
N ALA K 128 -28.25 42.03 4.52
CA ALA K 128 -28.67 42.71 3.30
C ALA K 128 -30.19 42.87 3.27
N ILE L 8 22.32 -42.26 -15.15
CA ILE L 8 22.41 -43.50 -15.92
C ILE L 8 21.04 -43.80 -16.49
N ASN L 9 20.15 -44.34 -15.66
CA ASN L 9 18.75 -44.49 -16.06
C ASN L 9 18.05 -43.15 -16.13
N GLU L 10 18.51 -42.19 -15.33
CA GLU L 10 17.78 -40.96 -15.09
C GLU L 10 17.80 -40.04 -16.31
N ALA L 11 18.97 -39.87 -16.92
CA ALA L 11 19.07 -39.01 -18.09
C ALA L 11 18.34 -39.61 -19.29
N VAL L 12 18.32 -40.93 -19.38
CA VAL L 12 17.58 -41.61 -20.44
C VAL L 12 16.09 -41.38 -20.27
N ARG L 13 15.60 -41.57 -19.03
CA ARG L 13 14.20 -41.33 -18.72
C ARG L 13 13.81 -39.87 -18.92
N ALA L 14 14.71 -38.94 -18.59
CA ALA L 14 14.46 -37.53 -18.83
C ALA L 14 14.39 -37.22 -20.32
N TYR L 15 15.27 -37.85 -21.12
CA TYR L 15 15.20 -37.69 -22.57
C TYR L 15 13.90 -38.23 -23.14
N ILE L 16 13.41 -39.36 -22.61
CA ILE L 16 12.13 -39.91 -23.05
C ILE L 16 10.99 -38.96 -22.72
N ALA L 17 11.01 -38.39 -21.50
CA ALA L 17 10.01 -37.42 -21.09
C ALA L 17 10.06 -36.16 -21.96
N GLN L 18 11.26 -35.71 -22.32
CA GLN L 18 11.40 -34.55 -23.19
C GLN L 18 10.87 -34.84 -24.60
N ILE L 19 11.15 -36.04 -25.11
CA ILE L 19 10.62 -36.43 -26.42
C ILE L 19 9.11 -36.49 -26.40
N GLU L 20 8.52 -36.99 -25.31
CA GLU L 20 7.07 -37.04 -25.21
C GLU L 20 6.46 -35.65 -25.09
N GLY L 21 7.12 -34.76 -24.35
CA GLY L 21 6.64 -33.38 -24.26
C GLY L 21 6.73 -32.64 -25.58
N LEU L 22 7.81 -32.87 -26.32
CA LEU L 22 7.93 -32.31 -27.66
C LEU L 22 6.90 -32.90 -28.60
N ARG L 23 6.54 -34.17 -28.44
CA ARG L 23 5.53 -34.79 -29.27
C ARG L 23 4.15 -34.19 -28.99
N ALA L 24 3.86 -33.95 -27.71
CA ALA L 24 2.62 -33.26 -27.35
C ALA L 24 2.61 -31.83 -27.89
N GLU L 25 3.78 -31.17 -27.91
CA GLU L 25 3.88 -29.84 -28.49
C GLU L 25 3.64 -29.88 -30.00
N ILE L 26 4.14 -30.92 -30.67
CA ILE L 26 3.88 -31.14 -32.09
C ILE L 26 2.39 -31.31 -32.34
N GLY L 27 1.72 -32.09 -31.48
CA GLY L 27 0.29 -32.30 -31.64
C GLY L 27 -0.52 -31.02 -31.42
N ARG L 28 -0.15 -30.24 -30.39
CA ARG L 28 -0.81 -28.97 -30.15
C ARG L 28 -0.55 -27.98 -31.29
N LEU L 29 0.67 -27.99 -31.83
CA LEU L 29 1.03 -27.11 -32.93
C LEU L 29 0.25 -27.45 -34.19
N ASP L 30 0.13 -28.74 -34.51
CA ASP L 30 -0.61 -29.13 -35.70
C ASP L 30 -2.11 -28.92 -35.51
N ALA L 31 -2.61 -29.05 -34.28
CA ALA L 31 -4.00 -28.71 -34.00
C ALA L 31 -4.24 -27.21 -34.22
N THR L 32 -3.27 -26.39 -33.81
CA THR L 32 -3.37 -24.95 -34.04
C THR L 32 -3.35 -24.62 -35.53
N ILE L 33 -2.49 -25.30 -36.29
CA ILE L 33 -2.40 -25.09 -37.73
C ILE L 33 -3.69 -25.52 -38.42
N ALA L 34 -4.26 -26.64 -37.97
CA ALA L 34 -5.54 -27.10 -38.50
C ALA L 34 -6.65 -26.12 -38.16
N THR L 35 -6.60 -25.51 -36.98
CA THR L 35 -7.55 -24.47 -36.60
C THR L 35 -7.42 -23.25 -37.50
N LEU L 36 -6.18 -22.88 -37.82
CA LEU L 36 -5.93 -21.79 -38.75
C LEU L 36 -6.47 -22.10 -40.13
N ARG L 37 -6.36 -23.35 -40.57
CA ARG L 37 -6.91 -23.72 -41.87
C ARG L 37 -8.43 -23.78 -41.84
N GLN L 38 -9.01 -24.11 -40.67
CA GLN L 38 -10.46 -24.03 -40.52
C GLN L 38 -10.95 -22.60 -40.62
N SER L 39 -10.22 -21.67 -39.98
CA SER L 39 -10.56 -20.26 -40.09
C SER L 39 -10.35 -19.74 -41.51
N LEU L 40 -9.30 -20.24 -42.17
CA LEU L 40 -9.06 -20.00 -43.59
C LEU L 40 -10.26 -20.36 -44.44
N ALA L 41 -10.72 -21.61 -44.36
CA ALA L 41 -11.88 -22.05 -45.12
C ALA L 41 -13.16 -21.34 -44.70
N THR L 42 -13.26 -20.95 -43.42
CA THR L 42 -14.40 -20.19 -42.96
C THR L 42 -14.46 -18.83 -43.63
N LEU L 43 -13.32 -18.13 -43.69
CA LEU L 43 -13.27 -16.83 -44.35
C LEU L 43 -13.48 -16.96 -45.85
N LYS L 44 -13.00 -18.07 -46.44
CA LYS L 44 -13.31 -18.37 -47.83
C LYS L 44 -14.81 -18.50 -48.07
N SER L 45 -15.49 -19.24 -47.19
CA SER L 45 -16.92 -19.44 -47.35
C SER L 45 -17.69 -18.16 -47.05
N LEU L 46 -17.13 -17.30 -46.22
CA LEU L 46 -17.70 -15.96 -46.05
C LEU L 46 -17.58 -15.15 -47.32
N LYS L 47 -16.42 -15.21 -47.99
CA LYS L 47 -16.25 -14.47 -49.23
C LYS L 47 -17.08 -15.05 -50.37
N THR L 48 -17.48 -16.32 -50.29
CA THR L 48 -18.44 -16.83 -51.25
C THR L 48 -19.82 -16.20 -51.03
N LEU L 49 -20.16 -15.89 -49.79
CA LEU L 49 -21.43 -15.27 -49.50
C LEU L 49 -21.42 -13.80 -49.83
N GLY L 50 -22.58 -13.16 -49.68
CA GLY L 50 -22.72 -11.75 -49.94
C GLY L 50 -23.19 -11.00 -48.70
N GLU L 51 -23.24 -9.68 -48.82
CA GLU L 51 -23.65 -8.80 -47.74
C GLU L 51 -25.12 -8.97 -47.39
N GLY L 52 -25.45 -8.60 -46.16
CA GLY L 52 -26.83 -8.62 -45.70
C GLY L 52 -27.38 -9.99 -45.37
N LYS L 53 -26.55 -11.03 -45.46
CA LYS L 53 -27.05 -12.39 -45.32
C LYS L 53 -27.28 -12.75 -43.85
N THR L 54 -28.49 -13.18 -43.53
CA THR L 54 -28.87 -13.61 -42.20
C THR L 54 -28.09 -14.86 -41.77
N VAL L 55 -27.25 -14.72 -40.75
CA VAL L 55 -26.30 -15.74 -40.34
C VAL L 55 -26.28 -15.82 -38.81
N LEU L 56 -26.38 -17.03 -38.26
CA LEU L 56 -26.18 -17.24 -36.83
C LEU L 56 -24.70 -17.51 -36.52
N VAL L 57 -24.16 -16.75 -35.58
CA VAL L 57 -22.75 -16.86 -35.17
C VAL L 57 -22.66 -16.94 -33.65
N PRO L 58 -21.69 -17.69 -33.09
CA PRO L 58 -21.69 -17.95 -31.65
C PRO L 58 -21.29 -16.76 -30.80
N VAL L 59 -21.37 -16.98 -29.49
CA VAL L 59 -21.07 -15.96 -28.49
C VAL L 59 -19.87 -16.51 -27.70
N GLY L 60 -18.97 -17.20 -28.39
CA GLY L 60 -17.97 -17.91 -27.63
C GLY L 60 -18.53 -19.28 -27.32
N SER L 61 -19.19 -19.39 -26.17
CA SER L 61 -19.91 -20.60 -25.79
C SER L 61 -21.06 -20.88 -26.75
N ILE L 62 -21.74 -22.00 -26.49
CA ILE L 62 -22.46 -22.75 -27.53
C ILE L 62 -23.71 -22.04 -28.03
N ALA L 63 -24.15 -20.98 -27.36
CA ALA L 63 -25.25 -20.18 -27.88
C ALA L 63 -24.79 -19.39 -29.10
N GLN L 64 -25.67 -19.21 -30.09
CA GLN L 64 -25.34 -18.41 -31.26
C GLN L 64 -26.32 -17.25 -31.42
N VAL L 65 -25.81 -16.12 -31.90
CA VAL L 65 -26.61 -14.94 -32.18
C VAL L 65 -26.58 -14.66 -33.67
N GLU L 66 -27.55 -13.86 -34.10
CA GLU L 66 -27.85 -13.65 -35.51
C GLU L 66 -27.14 -12.41 -36.05
N MET L 67 -26.57 -12.53 -37.24
CA MET L 67 -25.92 -11.41 -37.90
C MET L 67 -26.37 -11.31 -39.36
N LYS L 68 -26.32 -10.09 -39.88
CA LYS L 68 -26.27 -9.85 -41.31
C LYS L 68 -24.83 -9.55 -41.69
N VAL L 69 -24.55 -9.67 -42.97
CA VAL L 69 -23.18 -9.56 -43.47
C VAL L 69 -22.95 -8.17 -44.01
N GLU L 70 -21.82 -7.55 -43.63
CA GLU L 70 -21.38 -6.33 -44.28
C GLU L 70 -19.86 -6.24 -44.40
N LYS L 71 -19.15 -7.36 -44.38
CA LYS L 71 -17.72 -7.43 -44.15
C LYS L 71 -17.03 -8.15 -45.31
N MET L 72 -17.27 -7.66 -46.52
CA MET L 72 -16.52 -8.20 -47.65
C MET L 72 -15.47 -7.24 -48.17
N ASP L 73 -15.15 -6.17 -47.44
CA ASP L 73 -14.17 -5.22 -47.94
C ASP L 73 -12.74 -5.72 -47.71
N LYS L 74 -12.33 -5.85 -46.44
CA LYS L 74 -11.06 -6.42 -45.99
C LYS L 74 -11.11 -6.50 -44.47
N VAL L 75 -10.35 -7.44 -43.92
CA VAL L 75 -10.63 -8.00 -42.60
C VAL L 75 -9.50 -7.60 -41.63
N VAL L 76 -9.87 -7.25 -40.40
CA VAL L 76 -8.88 -6.91 -39.39
C VAL L 76 -8.13 -8.17 -38.96
N VAL L 77 -6.98 -7.96 -38.32
CA VAL L 77 -6.09 -9.05 -37.95
C VAL L 77 -5.21 -8.56 -36.81
N SER L 78 -4.94 -9.45 -35.85
CA SER L 78 -4.09 -9.10 -34.73
C SER L 78 -2.64 -9.39 -35.06
N VAL L 79 -1.74 -8.58 -34.51
CA VAL L 79 -0.31 -8.93 -34.58
C VAL L 79 0.00 -10.06 -33.62
N GLY L 80 -0.31 -9.86 -32.34
CA GLY L 80 -0.28 -10.97 -31.40
C GLY L 80 -0.73 -10.59 -30.01
N GLN L 81 -1.67 -11.37 -29.48
CA GLN L 81 -2.10 -11.47 -28.08
C GLN L 81 -2.87 -10.26 -27.57
N ASN L 82 -2.74 -9.11 -28.23
CA ASN L 82 -3.36 -7.88 -27.76
C ASN L 82 -3.89 -6.99 -28.88
N ILE L 83 -3.53 -7.25 -30.12
CA ILE L 83 -3.40 -6.22 -31.14
C ILE L 83 -4.57 -6.32 -32.09
N SER L 84 -4.70 -5.35 -33.00
CA SER L 84 -5.60 -5.43 -34.16
C SER L 84 -5.04 -4.47 -35.21
N ALA L 85 -5.36 -4.75 -36.48
CA ALA L 85 -5.11 -3.87 -37.61
C ALA L 85 -5.90 -4.38 -38.80
N GLU L 86 -6.57 -3.46 -39.50
CA GLU L 86 -7.32 -3.84 -40.69
C GLU L 86 -6.32 -4.01 -41.82
N LEU L 87 -6.23 -5.24 -42.34
CA LEU L 87 -5.39 -5.53 -43.48
C LEU L 87 -6.25 -6.05 -44.62
N GLU L 88 -5.67 -6.12 -45.81
CA GLU L 88 -6.27 -6.90 -46.89
C GLU L 88 -6.35 -8.36 -46.49
N TYR L 89 -7.56 -8.91 -46.59
CA TYR L 89 -7.82 -10.29 -46.19
C TYR L 89 -7.00 -11.28 -47.02
N GLU L 90 -6.78 -10.96 -48.29
CA GLU L 90 -5.90 -11.77 -49.13
C GLU L 90 -4.47 -11.70 -48.64
N GLU L 91 -3.96 -10.48 -48.42
CA GLU L 91 -2.57 -10.30 -48.04
C GLU L 91 -2.31 -10.80 -46.63
N ALA L 92 -3.20 -10.46 -45.69
CA ALA L 92 -3.05 -10.98 -44.33
C ALA L 92 -3.32 -12.47 -44.26
N LEU L 93 -4.09 -13.00 -45.20
CA LEU L 93 -4.34 -14.44 -45.23
C LEU L 93 -3.10 -15.18 -45.71
N LYS L 94 -2.42 -14.62 -46.71
CA LYS L 94 -1.10 -15.08 -47.09
C LYS L 94 -0.10 -14.96 -45.94
N TYR L 95 -0.24 -13.91 -45.13
CA TYR L 95 0.61 -13.76 -43.95
C TYR L 95 0.34 -14.85 -42.93
N ILE L 96 -0.92 -15.25 -42.78
CA ILE L 96 -1.28 -16.38 -41.91
C ILE L 96 -0.66 -17.67 -42.44
N GLU L 97 -0.71 -17.87 -43.77
CA GLU L 97 -0.03 -18.98 -44.42
C GLU L 97 1.47 -18.97 -44.14
N ASP L 98 2.09 -17.78 -44.15
CA ASP L 98 3.51 -17.66 -43.86
C ASP L 98 3.80 -18.01 -42.41
N GLU L 99 2.89 -17.62 -41.50
CA GLU L 99 3.02 -18.02 -40.11
C GLU L 99 2.92 -19.53 -39.95
N ILE L 100 2.05 -20.16 -40.72
CA ILE L 100 1.94 -21.62 -40.74
C ILE L 100 3.23 -22.25 -41.21
N LYS L 101 3.86 -21.66 -42.23
CA LYS L 101 5.15 -22.14 -42.71
C LYS L 101 6.24 -21.99 -41.66
N LYS L 102 6.20 -20.89 -40.88
CA LYS L 102 7.11 -20.70 -39.77
C LYS L 102 6.93 -21.77 -38.71
N LEU L 103 5.67 -22.10 -38.40
CA LEU L 103 5.38 -23.13 -37.41
C LEU L 103 5.85 -24.51 -37.89
N LEU L 104 5.70 -24.78 -39.18
CA LEU L 104 6.17 -26.04 -39.73
C LEU L 104 7.70 -26.12 -39.70
N THR L 105 8.37 -24.99 -39.96
CA THR L 105 9.82 -24.92 -39.83
C THR L 105 10.26 -25.20 -38.40
N PHE L 106 9.55 -24.60 -37.44
CA PHE L 106 9.84 -24.85 -36.03
C PHE L 106 9.57 -26.29 -35.64
N ARG L 107 8.55 -26.90 -36.24
CA ARG L 107 8.27 -28.32 -36.02
C ARG L 107 9.41 -29.20 -36.53
N LEU L 108 9.97 -28.85 -37.70
CA LEU L 108 11.11 -29.59 -38.22
C LEU L 108 12.34 -29.43 -37.32
N VAL L 109 12.51 -28.23 -36.75
CA VAL L 109 13.57 -28.01 -35.77
C VAL L 109 13.37 -28.90 -34.54
N LEU L 110 12.12 -29.02 -34.08
CA LEU L 110 11.83 -29.88 -32.95
C LEU L 110 12.08 -31.35 -33.27
N GLU L 111 11.79 -31.76 -34.50
CA GLU L 111 12.05 -33.13 -34.92
C GLU L 111 13.54 -33.42 -34.96
N GLN L 112 14.32 -32.45 -35.45
CA GLN L 112 15.77 -32.54 -35.37
C GLN L 112 16.25 -32.66 -33.92
N ALA L 113 15.63 -31.91 -33.02
CA ALA L 113 15.98 -31.98 -31.60
C ALA L 113 15.66 -33.35 -31.01
N ILE L 114 14.54 -33.96 -31.41
CA ILE L 114 14.20 -35.31 -30.93
C ILE L 114 15.20 -36.33 -31.46
N ALA L 115 15.60 -36.19 -32.72
CA ALA L 115 16.63 -37.08 -33.28
C ALA L 115 17.95 -36.91 -32.57
N GLU L 116 18.28 -35.68 -32.17
CA GLU L 116 19.51 -35.44 -31.41
C GLU L 116 19.41 -36.01 -30.00
N LEU L 117 18.22 -36.00 -29.42
CA LEU L 117 18.03 -36.62 -28.11
C LEU L 117 18.23 -38.13 -28.19
N TYR L 118 17.71 -38.77 -29.25
CA TYR L 118 17.97 -40.20 -29.41
C TYR L 118 19.44 -40.45 -29.74
N ALA L 119 20.10 -39.50 -30.40
CA ALA L 119 21.53 -39.62 -30.62
C ALA L 119 22.30 -39.56 -29.30
N LYS L 120 21.83 -38.74 -28.36
CA LYS L 120 22.43 -38.71 -27.03
C LYS L 120 22.20 -40.01 -26.29
N ILE L 121 21.02 -40.60 -26.44
CA ILE L 121 20.73 -41.91 -25.86
C ILE L 121 21.66 -42.97 -26.46
N GLU L 122 21.88 -42.90 -27.77
CA GLU L 122 22.80 -43.81 -28.45
C GLU L 122 24.23 -43.60 -27.99
N ASP L 123 24.61 -42.37 -27.67
CA ASP L 123 25.93 -42.11 -27.10
C ASP L 123 26.07 -42.75 -25.72
N LEU L 124 25.02 -42.63 -24.90
CA LEU L 124 25.01 -43.27 -23.58
C LEU L 124 25.09 -44.78 -23.71
N ILE L 125 24.50 -45.34 -24.77
CA ILE L 125 24.69 -46.75 -25.08
C ILE L 125 26.13 -47.03 -25.46
N ALA L 126 26.69 -46.24 -26.37
CA ALA L 126 28.02 -46.44 -26.94
C ALA L 126 29.15 -46.19 -25.95
N GLU L 127 28.87 -45.63 -24.75
CA GLU L 127 29.93 -45.46 -23.76
C GLU L 127 30.35 -46.75 -23.06
N ALA L 128 29.87 -47.91 -23.49
CA ALA L 128 30.29 -49.18 -22.91
C ALA L 128 31.73 -49.50 -23.31
N ILE M 8 13.13 63.33 12.20
CA ILE M 8 12.34 62.87 11.05
C ILE M 8 12.42 61.36 10.96
N ASN M 9 13.64 60.84 10.82
CA ASN M 9 13.83 59.40 10.74
C ASN M 9 14.19 58.84 12.10
N GLU M 10 14.83 59.67 12.94
CA GLU M 10 14.84 59.49 14.38
C GLU M 10 13.44 59.24 14.92
N ALA M 11 12.46 60.02 14.45
CA ALA M 11 11.06 59.82 14.84
C ALA M 11 10.53 58.47 14.37
N VAL M 12 11.00 57.99 13.21
CA VAL M 12 10.57 56.69 12.72
C VAL M 12 11.13 55.58 13.60
N ARG M 13 12.41 55.68 13.97
CA ARG M 13 13.01 54.74 14.91
C ARG M 13 12.34 54.80 16.28
N ALA M 14 11.93 56.00 16.70
CA ALA M 14 11.19 56.16 17.94
C ALA M 14 9.84 55.47 17.87
N TYR M 15 9.17 55.58 16.72
CA TYR M 15 7.90 54.89 16.49
C TYR M 15 8.07 53.38 16.56
N ILE M 16 9.14 52.87 15.95
CA ILE M 16 9.44 51.43 16.00
C ILE M 16 9.70 50.98 17.43
N ALA M 17 10.45 51.78 18.19
CA ALA M 17 10.71 51.47 19.59
C ALA M 17 9.44 51.51 20.43
N GLN M 18 8.54 52.44 20.13
CA GLN M 18 7.24 52.49 20.79
C GLN M 18 6.41 51.25 20.50
N ILE M 19 6.39 50.82 19.23
CA ILE M 19 5.64 49.62 18.85
C ILE M 19 6.23 48.38 19.54
N GLU M 20 7.55 48.30 19.64
CA GLU M 20 8.18 47.18 20.32
C GLU M 20 7.92 47.21 21.82
N GLY M 21 7.90 48.40 22.42
CA GLY M 21 7.57 48.50 23.83
C GLY M 21 6.13 48.13 24.12
N LEU M 22 5.22 48.52 23.23
CA LEU M 22 3.83 48.10 23.34
C LEU M 22 3.69 46.60 23.17
N ARG M 23 4.47 46.00 22.27
CA ARG M 23 4.41 44.55 22.08
C ARG M 23 4.95 43.81 23.31
N ALA M 24 6.02 44.34 23.91
CA ALA M 24 6.53 43.76 25.15
C ALA M 24 5.55 43.93 26.28
N GLU M 25 4.82 45.04 26.32
CA GLU M 25 3.81 45.24 27.35
C GLU M 25 2.63 44.30 27.15
N ILE M 26 2.25 44.03 25.90
CA ILE M 26 1.22 43.05 25.61
C ILE M 26 1.67 41.66 26.03
N GLY M 27 2.94 41.34 25.81
CA GLY M 27 3.46 40.05 26.25
C GLY M 27 3.47 39.91 27.77
N ARG M 28 3.89 40.96 28.47
CA ARG M 28 3.88 40.94 29.93
C ARG M 28 2.46 40.86 30.47
N LEU M 29 1.53 41.57 29.83
CA LEU M 29 0.15 41.60 30.30
C LEU M 29 -0.54 40.27 30.05
N ASP M 30 -0.24 39.65 28.91
CA ASP M 30 -0.81 38.34 28.62
C ASP M 30 -0.21 37.26 29.51
N ALA M 31 1.08 37.42 29.87
CA ALA M 31 1.68 36.52 30.86
C ALA M 31 1.02 36.71 32.22
N THR M 32 0.64 37.94 32.56
CA THR M 32 -0.09 38.20 33.79
C THR M 32 -1.46 37.54 33.76
N ILE M 33 -2.13 37.62 32.61
CA ILE M 33 -3.46 37.01 32.45
C ILE M 33 -3.36 35.49 32.56
N ALA M 34 -2.33 34.91 31.94
CA ALA M 34 -2.11 33.47 32.04
C ALA M 34 -1.76 33.06 33.46
N THR M 35 -1.04 33.92 34.19
CA THR M 35 -0.75 33.66 35.59
C THR M 35 -2.03 33.67 36.42
N LEU M 36 -2.91 34.63 36.13
CA LEU M 36 -4.22 34.68 36.78
C LEU M 36 -5.03 33.44 36.48
N ARG M 37 -4.99 32.94 35.24
CA ARG M 37 -5.72 31.72 34.90
C ARG M 37 -5.15 30.49 35.58
N GLN M 38 -3.82 30.41 35.69
CA GLN M 38 -3.19 29.27 36.34
C GLN M 38 -3.50 29.25 37.83
N SER M 39 -3.34 30.39 38.50
CA SER M 39 -3.72 30.49 39.91
C SER M 39 -5.21 30.32 40.10
N LEU M 40 -6.00 30.72 39.09
CA LEU M 40 -7.44 30.59 39.13
C LEU M 40 -7.85 29.12 39.17
N ALA M 41 -7.39 28.33 38.20
CA ALA M 41 -7.67 26.90 38.19
C ALA M 41 -7.00 26.18 39.34
N THR M 42 -5.88 26.72 39.85
CA THR M 42 -5.26 26.18 41.05
C THR M 42 -6.18 26.30 42.25
N LEU M 43 -6.75 27.48 42.46
CA LEU M 43 -7.70 27.67 43.56
C LEU M 43 -8.97 26.87 43.34
N LYS M 44 -9.36 26.68 42.07
CA LYS M 44 -10.48 25.80 41.75
C LYS M 44 -10.21 24.37 42.19
N SER M 45 -9.03 23.84 41.87
CA SER M 45 -8.69 22.48 42.26
C SER M 45 -8.50 22.38 43.77
N LEU M 46 -8.11 23.48 44.42
CA LEU M 46 -8.14 23.53 45.88
C LEU M 46 -9.55 23.43 46.41
N LYS M 47 -10.51 24.09 45.77
CA LYS M 47 -11.91 23.96 46.14
C LYS M 47 -12.44 22.56 45.88
N THR M 48 -11.86 21.82 44.92
CA THR M 48 -12.26 20.44 44.74
C THR M 48 -11.79 19.57 45.91
N LEU M 49 -10.61 19.85 46.44
CA LEU M 49 -10.08 19.05 47.53
C LEU M 49 -10.76 19.37 48.84
N GLY M 50 -10.76 18.39 49.74
CA GLY M 50 -11.40 18.52 51.04
C GLY M 50 -10.44 18.94 52.13
N GLU M 51 -11.01 19.21 53.30
CA GLU M 51 -10.24 19.65 54.46
C GLU M 51 -9.40 18.52 55.02
N GLY M 52 -8.40 18.91 55.81
CA GLY M 52 -7.59 17.97 56.57
C GLY M 52 -6.46 17.31 55.83
N LYS M 53 -6.47 17.34 54.50
CA LYS M 53 -5.43 16.66 53.73
C LYS M 53 -4.12 17.42 53.82
N THR M 54 -3.04 16.70 54.13
CA THR M 54 -1.71 17.27 54.22
C THR M 54 -1.23 17.72 52.84
N VAL M 55 -0.79 18.97 52.74
CA VAL M 55 -0.49 19.63 51.47
C VAL M 55 0.81 20.44 51.62
N LEU M 56 1.77 20.21 50.72
CA LEU M 56 2.95 21.05 50.64
C LEU M 56 2.67 22.29 49.78
N VAL M 57 3.08 23.45 50.29
CA VAL M 57 2.90 24.74 49.62
C VAL M 57 4.19 25.54 49.76
N PRO M 58 4.55 26.41 48.81
CA PRO M 58 5.87 27.05 48.86
C PRO M 58 5.96 28.15 49.89
N VAL M 59 7.15 28.73 49.97
CA VAL M 59 7.41 29.85 50.86
C VAL M 59 7.67 31.03 49.92
N GLY M 60 7.03 31.01 48.76
CA GLY M 60 7.45 31.95 47.76
C GLY M 60 8.59 31.31 47.00
N SER M 61 9.79 31.56 47.49
CA SER M 61 11.01 30.99 46.94
C SER M 61 11.08 29.47 47.17
N ILE M 62 12.26 28.95 46.84
CA ILE M 62 12.54 27.55 46.46
C ILE M 62 11.93 26.48 47.36
N ALA M 63 11.99 26.66 48.68
CA ALA M 63 11.54 25.60 49.58
C ALA M 63 10.02 25.60 49.69
N GLN M 64 9.45 24.49 50.14
CA GLN M 64 8.02 24.41 50.41
C GLN M 64 7.76 24.00 51.85
N VAL M 65 6.60 24.38 52.36
CA VAL M 65 6.17 24.01 53.70
C VAL M 65 4.83 23.28 53.61
N GLU M 66 4.48 22.62 54.71
CA GLU M 66 3.38 21.67 54.74
C GLU M 66 2.17 22.27 55.46
N MET M 67 0.99 22.12 54.83
CA MET M 67 -0.24 22.65 55.40
C MET M 67 -1.37 21.63 55.25
N LYS M 68 -2.52 21.97 55.84
CA LYS M 68 -3.76 21.25 55.59
C LYS M 68 -4.86 22.25 55.27
N VAL M 69 -5.96 21.75 54.71
CA VAL M 69 -7.01 22.59 54.16
C VAL M 69 -8.04 22.89 55.23
N GLU M 70 -8.40 24.17 55.35
CA GLU M 70 -9.61 24.55 56.08
C GLU M 70 -10.32 25.75 55.44
N LYS M 71 -10.14 25.98 54.14
CA LYS M 71 -10.53 27.24 53.53
C LYS M 71 -11.50 26.97 52.38
N MET M 72 -12.57 26.23 52.67
CA MET M 72 -13.59 26.04 51.65
C MET M 72 -14.78 26.98 51.82
N ASP M 73 -14.67 28.02 52.65
CA ASP M 73 -15.79 28.94 52.78
C ASP M 73 -15.78 30.04 51.70
N LYS M 74 -14.78 30.92 51.71
CA LYS M 74 -14.72 32.12 50.87
C LYS M 74 -13.37 32.79 51.05
N VAL M 75 -13.12 33.84 50.26
CA VAL M 75 -11.76 34.22 49.87
C VAL M 75 -11.48 35.69 50.19
N VAL M 76 -10.34 35.93 50.85
CA VAL M 76 -9.87 37.30 51.08
C VAL M 76 -9.23 37.87 49.81
N VAL M 77 -9.42 39.17 49.61
CA VAL M 77 -8.92 39.88 48.43
C VAL M 77 -8.92 41.37 48.74
N SER M 78 -7.98 42.09 48.13
CA SER M 78 -7.95 43.55 48.13
C SER M 78 -7.55 44.04 46.74
N VAL M 79 -7.90 45.30 46.46
CA VAL M 79 -7.30 46.00 45.33
C VAL M 79 -5.80 46.12 45.55
N GLY M 80 -5.40 46.52 46.75
CA GLY M 80 -4.00 46.41 47.09
C GLY M 80 -3.59 46.69 48.52
N GLN M 81 -2.91 45.70 49.11
CA GLN M 81 -1.72 45.92 49.91
C GLN M 81 -1.94 46.48 51.33
N ASN M 82 -3.14 46.94 51.68
CA ASN M 82 -3.31 47.51 53.01
C ASN M 82 -4.32 46.75 53.87
N ILE M 83 -5.58 46.67 53.45
CA ILE M 83 -6.64 46.01 54.22
C ILE M 83 -7.51 45.27 53.23
N SER M 84 -7.52 43.95 53.31
CA SER M 84 -8.34 43.14 52.41
C SER M 84 -9.74 42.97 52.96
N ALA M 85 -10.52 42.14 52.27
CA ALA M 85 -11.85 41.76 52.70
C ALA M 85 -12.18 40.40 52.12
N GLU M 86 -12.89 39.58 52.89
CA GLU M 86 -13.18 38.21 52.51
C GLU M 86 -14.50 38.19 51.75
N LEU M 87 -14.43 37.89 50.46
CA LEU M 87 -15.61 37.78 49.63
C LEU M 87 -15.72 36.36 49.09
N GLU M 88 -16.81 36.09 48.38
CA GLU M 88 -17.10 34.74 47.95
C GLU M 88 -16.19 34.32 46.81
N TYR M 89 -15.79 33.04 46.82
CA TYR M 89 -14.80 32.53 45.89
C TYR M 89 -15.32 32.56 44.45
N GLU M 90 -16.61 32.31 44.25
CA GLU M 90 -17.19 32.47 42.93
C GLU M 90 -17.30 33.94 42.58
N GLU M 91 -17.60 34.79 43.57
CA GLU M 91 -17.76 36.21 43.31
C GLU M 91 -16.41 36.86 43.04
N ALA M 92 -15.40 36.51 43.84
CA ALA M 92 -14.05 36.99 43.57
C ALA M 92 -13.47 36.37 42.31
N LEU M 93 -13.92 35.15 41.97
CA LEU M 93 -13.55 34.49 40.73
C LEU M 93 -14.04 35.30 39.53
N LYS M 94 -15.31 35.71 39.59
CA LYS M 94 -15.88 36.59 38.59
C LYS M 94 -15.19 37.95 38.57
N TYR M 95 -14.76 38.44 39.73
CA TYR M 95 -14.02 39.70 39.78
C TYR M 95 -12.68 39.61 39.07
N ILE M 96 -11.97 38.50 39.27
CA ILE M 96 -10.73 38.24 38.55
C ILE M 96 -10.99 38.16 37.05
N GLU M 97 -12.05 37.46 36.66
CA GLU M 97 -12.42 37.37 35.24
C GLU M 97 -12.76 38.74 34.66
N ASP M 98 -13.42 39.60 35.45
CA ASP M 98 -13.74 40.95 35.00
C ASP M 98 -12.49 41.78 34.78
N GLU M 99 -11.51 41.67 35.69
CA GLU M 99 -10.26 42.39 35.50
C GLU M 99 -9.48 41.83 34.31
N ILE M 100 -9.60 40.53 34.05
CA ILE M 100 -9.02 39.94 32.85
C ILE M 100 -9.66 40.53 31.60
N LYS M 101 -10.98 40.72 31.62
CA LYS M 101 -11.68 41.36 30.51
C LYS M 101 -11.25 42.81 30.34
N LYS M 102 -10.99 43.50 31.46
CA LYS M 102 -10.45 44.86 31.40
C LYS M 102 -9.07 44.88 30.75
N LEU M 103 -8.25 43.88 31.05
CA LEU M 103 -6.95 43.79 30.41
C LEU M 103 -7.05 43.44 28.94
N LEU M 104 -8.08 42.65 28.58
CA LEU M 104 -8.35 42.38 27.16
C LEU M 104 -8.73 43.67 26.43
N THR M 105 -9.57 44.49 27.05
CA THR M 105 -9.95 45.78 26.47
C THR M 105 -8.74 46.69 26.34
N PHE M 106 -7.89 46.72 27.36
CA PHE M 106 -6.67 47.52 27.31
C PHE M 106 -5.70 47.01 26.25
N ARG M 107 -5.65 45.69 26.06
CA ARG M 107 -4.86 45.09 24.98
C ARG M 107 -5.38 45.50 23.61
N LEU M 108 -6.71 45.58 23.46
CA LEU M 108 -7.28 46.07 22.23
C LEU M 108 -6.95 47.54 21.99
N VAL M 109 -6.91 48.34 23.07
CA VAL M 109 -6.49 49.73 22.99
C VAL M 109 -5.04 49.83 22.52
N LEU M 110 -4.17 48.96 23.05
CA LEU M 110 -2.77 48.96 22.65
C LEU M 110 -2.61 48.53 21.19
N GLU M 111 -3.44 47.58 20.74
CA GLU M 111 -3.42 47.17 19.34
C GLU M 111 -3.86 48.30 18.42
N GLN M 112 -4.90 49.04 18.83
CA GLN M 112 -5.31 50.25 18.14
C GLN M 112 -4.17 51.26 18.08
N ALA M 113 -3.41 51.41 19.17
CA ALA M 113 -2.31 52.36 19.20
C ALA M 113 -1.17 51.94 18.27
N ILE M 114 -0.91 50.64 18.17
CA ILE M 114 0.10 50.15 17.22
C ILE M 114 -0.34 50.41 15.79
N ALA M 115 -1.63 50.22 15.51
CA ALA M 115 -2.18 50.56 14.20
C ALA M 115 -2.08 52.05 13.92
N GLU M 116 -2.27 52.88 14.96
CA GLU M 116 -2.12 54.33 14.82
C GLU M 116 -0.68 54.71 14.50
N LEU M 117 0.29 54.07 15.16
CA LEU M 117 1.69 54.38 14.90
C LEU M 117 2.11 53.97 13.49
N TYR M 118 1.66 52.79 13.05
CA TYR M 118 1.96 52.38 11.67
C TYR M 118 1.26 53.29 10.67
N ALA M 119 0.05 53.76 10.99
CA ALA M 119 -0.64 54.69 10.13
C ALA M 119 0.09 56.03 10.03
N LYS M 120 0.66 56.49 11.14
CA LYS M 120 1.43 57.73 11.12
C LYS M 120 2.71 57.58 10.31
N ILE M 121 3.36 56.42 10.41
CA ILE M 121 4.53 56.12 9.59
C ILE M 121 4.16 56.13 8.11
N GLU M 122 3.03 55.50 7.77
CA GLU M 122 2.55 55.47 6.38
C GLU M 122 2.18 56.86 5.89
N ASP M 123 1.65 57.71 6.77
CA ASP M 123 1.34 59.09 6.40
C ASP M 123 2.60 59.88 6.12
N LEU M 124 3.63 59.72 6.97
CA LEU M 124 4.91 60.39 6.74
C LEU M 124 5.56 59.92 5.45
N ILE M 125 5.36 58.65 5.08
CA ILE M 125 5.74 58.18 3.75
C ILE M 125 4.92 58.87 2.68
N ALA M 126 3.62 59.03 2.92
CA ALA M 126 2.70 59.65 1.98
C ALA M 126 2.83 61.16 1.88
N GLU M 127 3.74 61.78 2.65
CA GLU M 127 3.91 63.23 2.59
C GLU M 127 4.71 63.72 1.39
N ALA M 128 4.95 62.88 0.39
CA ALA M 128 5.67 63.31 -0.81
C ALA M 128 4.81 64.23 -1.67
N ILE N 8 22.18 -37.59 -48.59
CA ILE N 8 22.16 -38.27 -49.89
C ILE N 8 20.87 -39.09 -49.97
N ASN N 9 20.88 -40.25 -49.30
CA ASN N 9 19.64 -41.02 -49.17
C ASN N 9 18.75 -40.43 -48.08
N GLU N 10 19.32 -39.54 -47.26
CA GLU N 10 18.57 -38.82 -46.24
C GLU N 10 17.41 -38.01 -46.84
N ALA N 11 17.71 -37.19 -47.86
CA ALA N 11 16.67 -36.41 -48.51
C ALA N 11 15.70 -37.29 -49.28
N VAL N 12 16.15 -38.46 -49.73
CA VAL N 12 15.27 -39.43 -50.38
C VAL N 12 14.24 -39.96 -49.39
N ARG N 13 14.72 -40.36 -48.21
CA ARG N 13 13.83 -40.81 -47.15
C ARG N 13 12.91 -39.71 -46.66
N ALA N 14 13.39 -38.46 -46.66
CA ALA N 14 12.53 -37.32 -46.35
C ALA N 14 11.44 -37.15 -47.39
N TYR N 15 11.78 -37.31 -48.68
CA TYR N 15 10.79 -37.30 -49.76
C TYR N 15 9.76 -38.40 -49.58
N ILE N 16 10.20 -39.60 -49.18
CA ILE N 16 9.28 -40.71 -48.93
C ILE N 16 8.31 -40.38 -47.80
N ALA N 17 8.83 -39.81 -46.70
CA ALA N 17 7.98 -39.41 -45.59
C ALA N 17 6.99 -38.33 -45.99
N GLN N 18 7.42 -37.37 -46.81
CA GLN N 18 6.52 -36.34 -47.33
C GLN N 18 5.42 -36.94 -48.19
N ILE N 19 5.78 -37.86 -49.10
CA ILE N 19 4.81 -38.49 -49.99
C ILE N 19 3.81 -39.33 -49.20
N GLU N 20 4.28 -40.03 -48.16
CA GLU N 20 3.38 -40.84 -47.36
C GLU N 20 2.45 -39.99 -46.49
N GLY N 21 2.96 -38.87 -45.98
CA GLY N 21 2.11 -37.95 -45.24
C GLY N 21 1.05 -37.32 -46.14
N LEU N 22 1.43 -36.93 -47.35
CA LEU N 22 0.46 -36.43 -48.31
C LEU N 22 -0.54 -37.49 -48.72
N ARG N 23 -0.11 -38.75 -48.83
CA ARG N 23 -1.02 -39.84 -49.16
C ARG N 23 -2.04 -40.06 -48.05
N ALA N 24 -1.58 -40.01 -46.79
CA ALA N 24 -2.48 -40.12 -45.66
C ALA N 24 -3.46 -38.96 -45.60
N GLU N 25 -3.00 -37.76 -45.99
CA GLU N 25 -3.88 -36.61 -45.97
C GLU N 25 -4.89 -36.68 -47.11
N ILE N 26 -4.48 -37.22 -48.26
CA ILE N 26 -5.41 -37.47 -49.35
C ILE N 26 -6.45 -38.51 -48.96
N GLY N 27 -6.02 -39.54 -48.20
CA GLY N 27 -6.97 -40.53 -47.72
C GLY N 27 -7.97 -39.97 -46.74
N ARG N 28 -7.50 -39.11 -45.82
CA ARG N 28 -8.41 -38.45 -44.89
C ARG N 28 -9.34 -37.49 -45.62
N LEU N 29 -8.83 -36.84 -46.67
CA LEU N 29 -9.65 -35.95 -47.49
C LEU N 29 -10.75 -36.72 -48.21
N ASP N 30 -10.40 -37.86 -48.80
CA ASP N 30 -11.40 -38.66 -49.50
C ASP N 30 -12.39 -39.29 -48.52
N ALA N 31 -11.93 -39.60 -47.31
CA ALA N 31 -12.84 -40.05 -46.26
C ALA N 31 -13.82 -38.95 -45.88
N THR N 32 -13.34 -37.70 -45.81
CA THR N 32 -14.22 -36.57 -45.55
C THR N 32 -15.22 -36.37 -46.69
N ILE N 33 -14.76 -36.58 -47.93
CA ILE N 33 -15.62 -36.49 -49.10
C ILE N 33 -16.72 -37.54 -49.05
N ALA N 34 -16.36 -38.78 -48.73
CA ALA N 34 -17.34 -39.85 -48.61
C ALA N 34 -18.29 -39.60 -47.44
N THR N 35 -17.79 -38.98 -46.38
CA THR N 35 -18.62 -38.61 -45.25
C THR N 35 -19.67 -37.58 -45.65
N LEU N 36 -19.24 -36.57 -46.41
CA LEU N 36 -20.18 -35.56 -46.89
C LEU N 36 -21.17 -36.15 -47.88
N ARG N 37 -20.73 -37.13 -48.68
CA ARG N 37 -21.67 -37.80 -49.58
C ARG N 37 -22.67 -38.66 -48.84
N GLN N 38 -22.27 -39.25 -47.72
CA GLN N 38 -23.22 -40.05 -46.95
C GLN N 38 -24.20 -39.16 -46.20
N SER N 39 -23.73 -38.00 -45.73
CA SER N 39 -24.66 -37.01 -45.19
C SER N 39 -25.57 -36.45 -46.27
N LEU N 40 -25.06 -36.36 -47.50
CA LEU N 40 -25.85 -35.92 -48.64
C LEU N 40 -26.97 -36.90 -48.94
N ALA N 41 -26.65 -38.19 -48.95
CA ALA N 41 -27.65 -39.23 -49.11
C ALA N 41 -28.60 -39.32 -47.93
N THR N 42 -28.14 -38.98 -46.73
CA THR N 42 -29.03 -38.90 -45.58
C THR N 42 -30.04 -37.77 -45.75
N LEU N 43 -29.60 -36.64 -46.30
CA LEU N 43 -30.53 -35.55 -46.63
C LEU N 43 -31.51 -35.97 -47.72
N LYS N 44 -31.04 -36.75 -48.69
CA LYS N 44 -31.93 -37.33 -49.69
C LYS N 44 -32.99 -38.22 -49.04
N SER N 45 -32.56 -39.05 -48.08
CA SER N 45 -33.49 -39.91 -47.36
C SER N 45 -34.50 -39.10 -46.56
N LEU N 46 -34.05 -37.97 -46.01
CA LEU N 46 -34.97 -37.03 -45.37
C LEU N 46 -35.98 -36.48 -46.36
N LYS N 47 -35.54 -36.19 -47.58
CA LYS N 47 -36.47 -35.71 -48.59
C LYS N 47 -37.43 -36.79 -49.06
N THR N 48 -37.04 -38.06 -48.96
CA THR N 48 -37.96 -39.13 -49.34
C THR N 48 -39.08 -39.29 -48.32
N LEU N 49 -38.81 -39.04 -47.06
CA LEU N 49 -39.78 -39.32 -46.02
C LEU N 49 -40.82 -38.21 -45.90
N GLY N 50 -41.80 -38.46 -45.04
CA GLY N 50 -42.82 -37.48 -44.74
C GLY N 50 -42.77 -37.07 -43.27
N GLU N 51 -43.65 -36.14 -42.91
CA GLU N 51 -43.63 -35.55 -41.58
C GLU N 51 -44.13 -36.53 -40.53
N GLY N 52 -43.66 -36.33 -39.30
CA GLY N 52 -44.11 -37.10 -38.16
C GLY N 52 -43.59 -38.52 -38.08
N LYS N 53 -42.73 -38.91 -39.01
CA LYS N 53 -42.22 -40.28 -39.04
C LYS N 53 -41.16 -40.47 -37.95
N THR N 54 -41.21 -41.61 -37.28
CA THR N 54 -40.32 -41.85 -36.15
C THR N 54 -39.31 -42.98 -36.42
N VAL N 55 -38.08 -42.60 -36.74
CA VAL N 55 -36.94 -43.51 -36.85
C VAL N 55 -35.80 -42.91 -36.03
N LEU N 56 -35.12 -43.76 -35.25
CA LEU N 56 -34.07 -43.32 -34.35
C LEU N 56 -32.90 -42.70 -35.10
N VAL N 57 -32.16 -41.82 -34.43
CA VAL N 57 -31.02 -41.12 -35.02
C VAL N 57 -29.81 -41.25 -34.12
N PRO N 58 -28.59 -41.38 -34.69
CA PRO N 58 -27.40 -41.46 -33.85
C PRO N 58 -27.10 -40.14 -33.15
N VAL N 59 -26.72 -40.24 -31.88
CA VAL N 59 -26.55 -39.08 -31.01
C VAL N 59 -25.06 -39.04 -30.66
N GLY N 60 -24.21 -39.42 -31.62
CA GLY N 60 -22.81 -39.58 -31.30
C GLY N 60 -22.52 -41.03 -30.98
N SER N 61 -22.59 -41.36 -29.70
CA SER N 61 -22.33 -42.72 -29.23
C SER N 61 -23.47 -43.66 -29.64
N ILE N 62 -23.41 -44.89 -29.10
CA ILE N 62 -24.31 -45.97 -29.47
C ILE N 62 -25.75 -45.67 -29.06
N ALA N 63 -25.93 -44.79 -28.07
CA ALA N 63 -27.25 -44.30 -27.67
C ALA N 63 -27.95 -43.53 -28.78
N GLN N 64 -29.19 -43.90 -29.08
CA GLN N 64 -29.98 -43.21 -30.10
C GLN N 64 -31.32 -42.76 -29.52
N VAL N 65 -31.75 -41.58 -29.95
CA VAL N 65 -33.02 -41.00 -29.54
C VAL N 65 -33.94 -40.95 -30.76
N GLU N 66 -35.22 -40.73 -30.50
CA GLU N 66 -36.24 -40.81 -31.53
C GLU N 66 -36.71 -39.42 -31.96
N MET N 67 -36.62 -39.16 -33.26
CA MET N 67 -37.07 -37.92 -33.87
C MET N 67 -38.49 -38.07 -34.42
N LYS N 68 -39.05 -36.94 -34.82
CA LYS N 68 -40.11 -36.89 -35.82
C LYS N 68 -39.74 -35.79 -36.82
N VAL N 69 -40.44 -35.77 -37.95
CA VAL N 69 -40.03 -34.97 -39.10
C VAL N 69 -40.91 -33.73 -39.18
N GLU N 70 -40.29 -32.55 -39.16
CA GLU N 70 -40.99 -31.32 -39.50
C GLU N 70 -40.12 -30.31 -40.24
N LYS N 71 -38.98 -30.73 -40.80
CA LYS N 71 -37.95 -29.84 -41.32
C LYS N 71 -37.64 -30.19 -42.78
N MET N 72 -38.68 -30.18 -43.61
CA MET N 72 -38.47 -30.35 -45.04
C MET N 72 -38.66 -29.06 -45.82
N ASP N 73 -38.66 -27.90 -45.17
CA ASP N 73 -38.80 -26.64 -45.90
C ASP N 73 -37.47 -26.17 -46.49
N LYS N 74 -36.49 -25.86 -45.64
CA LYS N 74 -35.10 -25.62 -45.99
C LYS N 74 -34.30 -25.58 -44.70
N VAL N 75 -33.03 -25.97 -44.80
CA VAL N 75 -32.26 -26.48 -43.66
C VAL N 75 -31.10 -25.54 -43.38
N VAL N 76 -30.75 -25.37 -42.09
CA VAL N 76 -29.56 -24.64 -41.71
C VAL N 76 -28.31 -25.40 -42.17
N VAL N 77 -27.19 -24.68 -42.25
CA VAL N 77 -25.90 -25.28 -42.57
C VAL N 77 -24.82 -24.33 -42.09
N SER N 78 -23.68 -24.88 -41.69
CA SER N 78 -22.55 -24.08 -41.22
C SER N 78 -21.87 -23.34 -42.36
N VAL N 79 -21.37 -22.15 -42.06
CA VAL N 79 -20.39 -21.53 -42.94
C VAL N 79 -19.01 -22.17 -42.71
N GLY N 80 -18.49 -22.05 -41.49
CA GLY N 80 -17.28 -22.74 -41.14
C GLY N 80 -16.94 -22.67 -39.67
N GLN N 81 -16.76 -23.85 -39.05
CA GLN N 81 -16.14 -24.12 -37.76
C GLN N 81 -16.96 -23.66 -36.55
N ASN N 82 -17.91 -22.74 -36.74
CA ASN N 82 -18.69 -22.23 -35.61
C ASN N 82 -20.13 -21.88 -35.95
N ILE N 83 -20.58 -22.07 -37.18
CA ILE N 83 -21.64 -21.26 -37.75
C ILE N 83 -22.84 -22.16 -38.02
N SER N 84 -24.00 -21.52 -38.20
CA SER N 84 -25.13 -22.11 -38.93
C SER N 84 -25.94 -20.95 -39.50
N ALA N 85 -26.71 -21.24 -40.55
CA ALA N 85 -27.61 -20.27 -41.18
C ALA N 85 -28.58 -21.03 -42.07
N GLU N 86 -29.86 -20.67 -41.98
CA GLU N 86 -30.90 -21.36 -42.73
C GLU N 86 -30.80 -20.95 -44.19
N LEU N 87 -30.28 -21.85 -45.00
CA LEU N 87 -30.20 -21.66 -46.44
C LEU N 87 -31.18 -22.60 -47.13
N GLU N 88 -31.36 -22.39 -48.42
CA GLU N 88 -32.02 -23.39 -49.23
C GLU N 88 -31.17 -24.66 -49.27
N TYR N 89 -31.81 -25.77 -48.90
CA TYR N 89 -31.14 -27.06 -48.81
C TYR N 89 -30.58 -27.51 -50.15
N GLU N 90 -31.27 -27.18 -51.24
CA GLU N 90 -30.75 -27.48 -52.56
C GLU N 90 -29.57 -26.58 -52.90
N GLU N 91 -29.66 -25.30 -52.57
CA GLU N 91 -28.60 -24.35 -52.89
C GLU N 91 -27.36 -24.61 -52.04
N ALA N 92 -27.55 -24.78 -50.73
CA ALA N 92 -26.44 -25.13 -49.86
C ALA N 92 -25.94 -26.54 -50.16
N LEU N 93 -26.81 -27.40 -50.67
CA LEU N 93 -26.42 -28.77 -51.06
C LEU N 93 -25.42 -28.72 -52.21
N LYS N 94 -25.78 -27.98 -53.26
CA LYS N 94 -24.86 -27.70 -54.37
C LYS N 94 -23.60 -27.00 -53.91
N TYR N 95 -23.71 -26.12 -52.91
CA TYR N 95 -22.55 -25.39 -52.42
C TYR N 95 -21.56 -26.31 -51.71
N ILE N 96 -22.06 -27.21 -50.87
CA ILE N 96 -21.19 -28.18 -50.21
C ILE N 96 -20.60 -29.14 -51.23
N GLU N 97 -21.37 -29.48 -52.27
CA GLU N 97 -20.84 -30.27 -53.39
C GLU N 97 -19.71 -29.54 -54.12
N ASP N 98 -19.84 -28.23 -54.28
CA ASP N 98 -18.78 -27.46 -54.93
C ASP N 98 -17.55 -27.37 -54.04
N GLU N 99 -17.76 -27.33 -52.72
CA GLU N 99 -16.64 -27.40 -51.78
C GLU N 99 -15.92 -28.73 -51.90
N ILE N 100 -16.68 -29.81 -52.09
CA ILE N 100 -16.10 -31.13 -52.34
C ILE N 100 -15.27 -31.12 -53.63
N LYS N 101 -15.78 -30.43 -54.66
CA LYS N 101 -15.05 -30.31 -55.91
C LYS N 101 -13.75 -29.52 -55.75
N LYS N 102 -13.78 -28.49 -54.88
CA LYS N 102 -12.57 -27.73 -54.61
C LYS N 102 -11.57 -28.56 -53.81
N LEU N 103 -12.07 -29.42 -52.93
CA LEU N 103 -11.19 -30.36 -52.24
C LEU N 103 -10.56 -31.34 -53.21
N LEU N 104 -11.32 -31.76 -54.22
CA LEU N 104 -10.76 -32.62 -55.28
C LEU N 104 -9.68 -31.88 -56.07
N THR N 105 -9.89 -30.60 -56.33
CA THR N 105 -8.89 -29.78 -57.00
C THR N 105 -7.61 -29.68 -56.18
N PHE N 106 -7.76 -29.47 -54.87
CA PHE N 106 -6.60 -29.42 -53.99
C PHE N 106 -5.91 -30.77 -53.89
N ARG N 107 -6.70 -31.85 -53.95
CA ARG N 107 -6.13 -33.20 -54.02
C ARG N 107 -5.29 -33.38 -55.27
N LEU N 108 -5.77 -32.86 -56.40
CA LEU N 108 -4.99 -32.92 -57.64
C LEU N 108 -3.71 -32.10 -57.53
N VAL N 109 -3.77 -30.97 -56.83
CA VAL N 109 -2.58 -30.17 -56.56
C VAL N 109 -1.57 -30.95 -55.72
N LEU N 110 -2.07 -31.68 -54.72
CA LEU N 110 -1.20 -32.51 -53.89
C LEU N 110 -0.59 -33.66 -54.70
N GLU N 111 -1.35 -34.21 -55.65
CA GLU N 111 -0.82 -35.25 -56.51
C GLU N 111 0.25 -34.71 -57.44
N GLN N 112 0.07 -33.48 -57.92
CA GLN N 112 1.12 -32.78 -58.66
C GLN N 112 2.36 -32.60 -57.82
N ALA N 113 2.19 -32.26 -56.54
CA ALA N 113 3.34 -32.09 -55.64
C ALA N 113 4.06 -33.41 -55.39
N ILE N 114 3.33 -34.53 -55.31
CA ILE N 114 3.97 -35.83 -55.16
C ILE N 114 4.72 -36.19 -56.43
N ALA N 115 4.16 -35.86 -57.58
CA ALA N 115 4.87 -36.04 -58.85
C ALA N 115 6.13 -35.19 -58.92
N GLU N 116 6.08 -33.99 -58.33
CA GLU N 116 7.26 -33.14 -58.28
C GLU N 116 8.32 -33.70 -57.33
N LEU N 117 7.88 -34.36 -56.25
CA LEU N 117 8.83 -35.01 -55.36
C LEU N 117 9.50 -36.19 -56.05
N TYR N 118 8.74 -36.95 -56.83
CA TYR N 118 9.36 -38.04 -57.60
C TYR N 118 10.24 -37.49 -58.70
N ALA N 119 9.93 -36.29 -59.21
CA ALA N 119 10.82 -35.62 -60.15
C ALA N 119 12.12 -35.20 -59.47
N LYS N 120 12.04 -34.80 -58.20
CA LYS N 120 13.25 -34.49 -57.43
C LYS N 120 14.08 -35.75 -57.21
N ILE N 121 13.40 -36.88 -56.98
CA ILE N 121 14.08 -38.18 -56.91
C ILE N 121 14.78 -38.49 -58.23
N GLU N 122 14.12 -38.20 -59.36
CA GLU N 122 14.73 -38.40 -60.66
C GLU N 122 15.89 -37.44 -60.89
N ASP N 123 15.83 -36.24 -60.31
CA ASP N 123 16.96 -35.31 -60.36
C ASP N 123 18.14 -35.88 -59.60
N LEU N 124 17.89 -36.45 -58.42
CA LEU N 124 18.93 -37.11 -57.65
C LEU N 124 19.51 -38.31 -58.39
N ILE N 125 18.69 -39.00 -59.18
CA ILE N 125 19.22 -40.00 -60.11
C ILE N 125 20.12 -39.34 -61.15
N ALA N 126 19.68 -38.20 -61.67
CA ALA N 126 20.39 -37.51 -62.76
C ALA N 126 21.62 -36.74 -62.29
N GLU N 127 21.92 -36.72 -60.99
CA GLU N 127 23.10 -36.01 -60.51
C GLU N 127 24.40 -36.79 -60.71
N ALA N 128 24.38 -37.89 -61.47
CA ALA N 128 25.60 -38.62 -61.78
C ALA N 128 26.35 -37.94 -62.92
#